data_2KO0
#
_entry.id   2KO0
#
loop_
_entity.id
_entity.type
_entity.pdbx_description
1 polymer 'THAP domain-containing protein 1'
2 polymer RRM1
3 polymer 'ZINC ION'
4 non-polymer 'ZINC ION'
#
loop_
_entity_poly.entity_id
_entity_poly.type
_entity_poly.pdbx_seq_one_letter_code
_entity_poly.pdbx_strand_id
1 'polypeptide(L)'
;MVQSCSAYGCKNRYDKDKPVSFHKFPLTRPSLCKEWEAAVRRKNFKPTKYSSICSEHFTPDSFKRESNNKLLKENAVPTI
FLELVPR
;
A
2 'polydeoxyribonucleotide' (DG)(DC)(DT)(DT)(DG)(DT)(DG)(DT)(DG)(DG)(DG)(DC)(DA)(DG)(DC)(DG) B
3 'polydeoxyribonucleotide' (DC)(DG)(DC)(DT)(DG)(DC)(DC)(DC)(DA)(DC)(DA)(DC)(DA)(DA)(DG)(DC) C
#
loop_
_chem_comp.id
_chem_comp.type
_chem_comp.name
_chem_comp.formula
DA DNA linking 2'-DEOXYADENOSINE-5'-MONOPHOSPHATE 'C10 H14 N5 O6 P'
DC DNA linking 2'-DEOXYCYTIDINE-5'-MONOPHOSPHATE 'C9 H14 N3 O7 P'
DG DNA linking 2'-DEOXYGUANOSINE-5'-MONOPHOSPHATE 'C10 H14 N5 O7 P'
DT DNA linking THYMIDINE-5'-MONOPHOSPHATE 'C10 H15 N2 O8 P'
ZN non-polymer 'ZINC ION' 'Zn 2'
#
# COMPACT_ATOMS: atom_id res chain seq x y z
N MET A 1 -2.51 -10.55 -0.25
CA MET A 1 -1.75 -11.82 -0.14
C MET A 1 -1.50 -12.14 1.33
N VAL A 2 -1.27 -13.40 1.64
CA VAL A 2 -1.06 -13.81 3.02
C VAL A 2 0.43 -13.95 3.37
N GLN A 3 1.28 -13.17 2.73
CA GLN A 3 2.70 -13.23 3.02
C GLN A 3 3.15 -11.95 3.72
N SER A 4 2.99 -10.81 3.05
CA SER A 4 3.37 -9.53 3.63
C SER A 4 3.03 -8.39 2.67
N CYS A 5 2.81 -7.19 3.20
CA CYS A 5 2.49 -6.05 2.36
C CYS A 5 3.77 -5.53 1.69
N SER A 6 3.61 -4.62 0.72
CA SER A 6 4.75 -4.05 0.00
C SER A 6 5.53 -3.05 0.85
N ALA A 7 5.14 -2.90 2.11
CA ALA A 7 5.82 -1.99 3.03
C ALA A 7 7.11 -2.60 3.57
N TYR A 8 7.74 -1.89 4.49
CA TYR A 8 8.99 -2.35 5.07
C TYR A 8 8.76 -2.90 6.48
N GLY A 9 8.59 -4.22 6.57
CA GLY A 9 8.41 -4.85 7.86
C GLY A 9 6.95 -5.09 8.25
N CYS A 10 6.02 -4.70 7.39
CA CYS A 10 4.60 -4.87 7.68
C CYS A 10 4.15 -6.30 7.39
N LYS A 11 4.54 -7.23 8.23
CA LYS A 11 4.13 -8.62 8.08
C LYS A 11 2.79 -8.82 8.77
N ASN A 12 1.86 -7.90 8.50
CA ASN A 12 0.52 -7.92 9.09
C ASN A 12 -0.41 -8.78 8.29
N ARG A 13 0.08 -9.97 8.00
CA ARG A 13 -0.65 -11.01 7.27
C ARG A 13 -2.15 -10.92 7.56
N TYR A 14 -2.97 -10.90 6.49
CA TYR A 14 -4.43 -10.82 6.57
C TYR A 14 -4.98 -11.42 7.86
N ASP A 15 -5.41 -10.54 8.74
CA ASP A 15 -5.97 -10.94 10.02
C ASP A 15 -7.27 -10.18 10.22
N LYS A 16 -8.37 -10.90 10.06
CA LYS A 16 -9.71 -10.34 10.17
C LYS A 16 -9.94 -9.67 11.52
N ASP A 17 -9.20 -10.10 12.53
CA ASP A 17 -9.33 -9.53 13.86
C ASP A 17 -8.86 -8.08 13.86
N LYS A 18 -7.86 -7.82 13.04
CA LYS A 18 -7.29 -6.49 12.91
C LYS A 18 -8.05 -5.71 11.83
N PRO A 19 -8.24 -4.39 12.02
CA PRO A 19 -8.97 -3.58 11.06
C PRO A 19 -8.17 -3.15 9.84
N VAL A 20 -7.97 -4.08 8.92
CA VAL A 20 -7.26 -3.80 7.67
C VAL A 20 -7.82 -4.64 6.53
N SER A 21 -7.83 -4.08 5.35
CA SER A 21 -8.30 -4.77 4.16
C SER A 21 -7.16 -4.81 3.15
N PHE A 22 -7.23 -5.69 2.17
CA PHE A 22 -6.17 -5.78 1.18
C PHE A 22 -6.66 -5.24 -0.17
N HIS A 23 -5.70 -4.89 -1.02
CA HIS A 23 -5.95 -4.31 -2.36
C HIS A 23 -4.76 -4.56 -3.23
N LYS A 24 -4.82 -4.17 -4.48
CA LYS A 24 -3.69 -4.35 -5.38
C LYS A 24 -3.10 -2.97 -5.71
N PHE A 25 -1.91 -2.93 -6.30
CA PHE A 25 -1.29 -1.65 -6.68
C PHE A 25 -2.16 -0.91 -7.68
N PRO A 26 -2.02 0.42 -7.76
CA PRO A 26 -2.76 1.24 -8.72
C PRO A 26 -2.24 0.99 -10.13
N LEU A 27 -2.61 -0.15 -10.69
CA LEU A 27 -2.16 -0.54 -12.02
C LEU A 27 -2.74 0.39 -13.07
N THR A 28 -3.87 0.97 -12.72
CA THR A 28 -4.55 1.89 -13.60
C THR A 28 -4.09 3.33 -13.33
N ARG A 29 -3.07 3.45 -12.48
CA ARG A 29 -2.50 4.73 -12.10
C ARG A 29 -0.99 4.57 -11.99
N PRO A 30 -0.32 4.19 -13.08
CA PRO A 30 1.12 3.93 -13.12
C PRO A 30 2.02 4.99 -12.49
N SER A 31 1.97 6.23 -12.97
CA SER A 31 2.81 7.29 -12.40
C SER A 31 2.64 7.31 -10.89
N LEU A 32 1.40 7.26 -10.46
CA LEU A 32 1.07 7.25 -9.05
C LEU A 32 1.58 5.94 -8.43
N CYS A 33 1.49 4.87 -9.21
CA CYS A 33 1.94 3.56 -8.76
C CYS A 33 3.41 3.62 -8.45
N LYS A 34 4.09 4.40 -9.25
CA LYS A 34 5.50 4.58 -9.19
C LYS A 34 5.95 5.31 -7.94
N GLU A 35 5.15 6.22 -7.39
CA GLU A 35 5.62 6.90 -6.19
C GLU A 35 5.54 5.96 -5.02
N TRP A 36 4.76 4.89 -5.15
CA TRP A 36 4.68 3.93 -4.07
C TRP A 36 6.05 3.32 -3.90
N GLU A 37 6.80 3.24 -5.00
CA GLU A 37 8.16 2.70 -4.97
C GLU A 37 9.00 3.62 -4.09
N ALA A 38 8.70 4.91 -4.15
CA ALA A 38 9.42 5.94 -3.40
C ALA A 38 9.22 5.73 -1.91
N ALA A 39 8.12 5.08 -1.55
CA ALA A 39 7.81 4.80 -0.16
C ALA A 39 8.52 3.53 0.26
N VAL A 40 8.79 2.67 -0.71
CA VAL A 40 9.47 1.41 -0.48
C VAL A 40 10.98 1.64 -0.62
N ARG A 41 11.42 2.68 0.07
CA ARG A 41 12.82 3.14 0.08
C ARG A 41 13.80 2.13 0.69
N ARG A 42 13.40 0.89 0.86
CA ARG A 42 14.26 -0.11 1.44
C ARG A 42 14.79 -1.07 0.38
N LYS A 43 15.99 -1.59 0.62
CA LYS A 43 16.61 -2.55 -0.29
C LYS A 43 15.70 -3.75 -0.47
N ASN A 44 15.12 -4.19 0.64
CA ASN A 44 14.22 -5.32 0.65
C ASN A 44 12.85 -4.91 0.11
N PHE A 45 12.84 -4.51 -1.15
CA PHE A 45 11.63 -4.12 -1.83
C PHE A 45 10.77 -5.36 -2.04
N LYS A 46 9.60 -5.35 -1.43
CA LYS A 46 8.66 -6.46 -1.51
C LYS A 46 8.08 -6.59 -2.91
N PRO A 47 7.18 -7.56 -3.17
CA PRO A 47 6.62 -7.76 -4.51
C PRO A 47 6.08 -6.48 -5.15
N THR A 48 5.96 -6.55 -6.46
CA THR A 48 5.57 -5.43 -7.29
C THR A 48 4.09 -5.14 -7.28
N LYS A 49 3.70 -4.27 -8.20
CA LYS A 49 2.33 -3.84 -8.36
C LYS A 49 1.34 -4.97 -8.62
N TYR A 50 1.82 -6.19 -8.77
CA TYR A 50 0.91 -7.29 -8.98
C TYR A 50 0.47 -7.84 -7.65
N SER A 51 1.30 -7.70 -6.62
CA SER A 51 0.94 -8.20 -5.30
C SER A 51 -0.09 -7.27 -4.67
N SER A 52 -0.63 -7.67 -3.53
CA SER A 52 -1.65 -6.88 -2.89
C SER A 52 -1.15 -6.18 -1.61
N ILE A 53 -1.67 -4.97 -1.37
CA ILE A 53 -1.28 -4.14 -0.25
C ILE A 53 -2.46 -4.00 0.72
N CYS A 54 -2.23 -3.53 1.95
CA CYS A 54 -3.30 -3.43 2.92
C CYS A 54 -3.60 -1.95 3.30
N SER A 55 -4.83 -1.75 3.79
CA SER A 55 -5.41 -0.42 4.13
C SER A 55 -4.51 0.52 4.93
N GLU A 56 -4.11 0.08 6.11
CA GLU A 56 -3.27 0.84 7.05
C GLU A 56 -2.17 1.71 6.41
N HIS A 57 -1.75 1.37 5.21
CA HIS A 57 -0.68 2.11 4.55
C HIS A 57 -1.14 3.40 3.88
N PHE A 58 -2.43 3.56 3.64
CA PHE A 58 -2.92 4.78 3.01
C PHE A 58 -4.10 5.33 3.78
N THR A 59 -4.45 6.55 3.46
CA THR A 59 -5.57 7.20 4.08
C THR A 59 -6.85 6.66 3.50
N PRO A 60 -7.88 6.55 4.33
CA PRO A 60 -9.21 6.06 3.92
C PRO A 60 -9.68 6.75 2.64
N ASP A 61 -9.33 8.01 2.52
CA ASP A 61 -9.68 8.80 1.35
C ASP A 61 -9.13 8.16 0.08
N SER A 62 -7.89 7.70 0.17
CA SER A 62 -7.21 7.09 -0.97
C SER A 62 -7.37 5.57 -0.98
N PHE A 63 -8.08 5.04 0.00
CA PHE A 63 -8.26 3.59 0.14
C PHE A 63 -8.42 2.82 -1.19
N LYS A 64 -9.36 3.22 -2.05
CA LYS A 64 -9.58 2.50 -3.30
C LYS A 64 -10.60 3.21 -4.22
N ARG A 65 -11.45 2.41 -4.87
CA ARG A 65 -12.49 2.91 -5.77
C ARG A 65 -13.49 3.81 -5.06
N GLU A 66 -13.46 3.80 -3.74
CA GLU A 66 -14.36 4.64 -2.94
C GLU A 66 -13.77 6.04 -2.80
N SER A 67 -12.68 6.28 -3.52
CA SER A 67 -11.99 7.57 -3.49
C SER A 67 -12.80 8.65 -4.23
N ASN A 68 -12.34 9.04 -5.41
CA ASN A 68 -13.00 10.06 -6.20
C ASN A 68 -13.89 9.48 -7.29
N ASN A 69 -13.28 8.97 -8.34
CA ASN A 69 -14.01 8.41 -9.46
C ASN A 69 -14.14 6.90 -9.33
N LYS A 70 -13.03 6.20 -9.51
CA LYS A 70 -13.04 4.75 -9.41
C LYS A 70 -11.74 4.22 -8.82
N LEU A 71 -10.83 5.12 -8.47
CA LEU A 71 -9.56 4.71 -7.89
C LEU A 71 -9.03 5.75 -6.91
N LEU A 72 -7.89 5.44 -6.28
CA LEU A 72 -7.27 6.32 -5.29
C LEU A 72 -6.92 7.68 -5.88
N LYS A 73 -6.56 8.61 -5.02
CA LYS A 73 -6.19 9.93 -5.47
C LYS A 73 -4.80 9.85 -6.05
N GLU A 74 -4.70 10.23 -7.31
CA GLU A 74 -3.42 10.21 -8.05
C GLU A 74 -2.30 10.95 -7.32
N ASN A 75 -2.66 11.78 -6.36
CA ASN A 75 -1.70 12.55 -5.58
C ASN A 75 -1.49 11.96 -4.19
N ALA A 76 -1.95 10.75 -3.99
CA ALA A 76 -1.82 10.09 -2.70
C ALA A 76 -1.01 8.80 -2.80
N VAL A 77 0.01 8.69 -1.96
CA VAL A 77 0.86 7.52 -1.92
C VAL A 77 1.08 7.07 -0.47
N PRO A 78 0.98 5.75 -0.22
CA PRO A 78 1.14 5.14 1.12
C PRO A 78 2.39 5.61 1.87
N THR A 79 2.17 6.48 2.84
CA THR A 79 3.25 7.03 3.65
C THR A 79 3.21 6.41 5.04
N ILE A 80 2.08 5.79 5.36
CA ILE A 80 1.85 5.17 6.66
C ILE A 80 2.63 3.86 6.82
N PHE A 81 3.49 3.55 5.84
CA PHE A 81 4.30 2.32 5.86
C PHE A 81 4.94 2.08 7.22
N LEU A 82 5.63 3.09 7.76
CA LEU A 82 6.30 2.96 9.05
C LEU A 82 6.80 4.32 9.54
N GLU A 83 7.23 4.38 10.79
CA GLU A 83 7.76 5.60 11.37
C GLU A 83 9.15 5.85 10.78
N LEU A 84 9.98 4.82 10.81
CA LEU A 84 11.34 4.92 10.29
C LEU A 84 11.93 3.52 10.13
N VAL A 85 12.34 2.93 11.25
CA VAL A 85 12.94 1.60 11.23
C VAL A 85 12.61 0.85 12.52
N PRO A 86 12.10 -0.39 12.40
CA PRO A 86 11.75 -1.22 13.54
C PRO A 86 12.97 -1.77 14.27
N ARG A 87 12.75 -2.33 15.45
CA ARG A 87 13.83 -2.89 16.26
C ARG A 87 13.25 -3.84 17.30
ZN ZN D . 0.31 -3.58 6.04
N MET A 1 -0.32 -10.04 -1.54
CA MET A 1 -0.71 -11.44 -1.28
C MET A 1 -0.87 -11.65 0.21
N VAL A 2 -1.36 -12.82 0.60
CA VAL A 2 -1.55 -13.12 2.01
C VAL A 2 -0.20 -13.41 2.71
N GLN A 3 0.88 -13.08 2.03
CA GLN A 3 2.21 -13.28 2.60
C GLN A 3 2.69 -12.02 3.31
N SER A 4 2.61 -10.88 2.63
CA SER A 4 3.05 -9.61 3.20
C SER A 4 2.74 -8.46 2.22
N CYS A 5 2.50 -7.26 2.75
CA CYS A 5 2.24 -6.09 1.91
C CYS A 5 3.52 -5.58 1.26
N SER A 6 3.42 -4.49 0.50
CA SER A 6 4.57 -3.91 -0.19
C SER A 6 5.45 -3.08 0.73
N ALA A 7 5.02 -2.89 1.98
CA ALA A 7 5.81 -2.11 2.92
C ALA A 7 6.95 -2.93 3.49
N TYR A 8 7.86 -2.28 4.19
CA TYR A 8 9.02 -2.95 4.75
C TYR A 8 8.85 -3.13 6.26
N GLY A 9 8.59 -4.36 6.65
CA GLY A 9 8.45 -4.66 8.06
C GLY A 9 7.01 -4.98 8.45
N CYS A 10 6.07 -4.48 7.67
CA CYS A 10 4.65 -4.69 7.92
C CYS A 10 4.21 -6.14 7.68
N LYS A 11 4.58 -7.04 8.58
CA LYS A 11 4.15 -8.43 8.47
C LYS A 11 2.77 -8.56 9.10
N ASN A 12 1.94 -7.54 8.84
CA ASN A 12 0.57 -7.45 9.34
C ASN A 12 -0.35 -8.33 8.52
N ARG A 13 0.10 -9.54 8.33
CA ARG A 13 -0.62 -10.58 7.59
C ARG A 13 -2.11 -10.54 7.90
N TYR A 14 -2.94 -10.67 6.85
CA TYR A 14 -4.40 -10.66 6.95
C TYR A 14 -4.90 -11.25 8.26
N ASP A 15 -5.38 -10.37 9.12
CA ASP A 15 -5.93 -10.76 10.40
C ASP A 15 -7.29 -10.12 10.53
N LYS A 16 -8.29 -10.92 10.26
CA LYS A 16 -9.68 -10.49 10.28
C LYS A 16 -10.07 -9.79 11.59
N ASP A 17 -9.37 -10.14 12.66
CA ASP A 17 -9.62 -9.55 13.98
C ASP A 17 -9.15 -8.10 14.01
N LYS A 18 -8.18 -7.79 13.15
CA LYS A 18 -7.62 -6.46 13.05
C LYS A 18 -8.26 -5.72 11.87
N PRO A 19 -8.46 -4.39 11.99
CA PRO A 19 -9.12 -3.60 10.94
C PRO A 19 -8.24 -3.21 9.75
N VAL A 20 -8.03 -4.16 8.83
CA VAL A 20 -7.29 -3.88 7.60
C VAL A 20 -7.81 -4.74 6.46
N SER A 21 -7.82 -4.18 5.27
CA SER A 21 -8.27 -4.87 4.08
C SER A 21 -7.14 -4.89 3.07
N PHE A 22 -7.22 -5.78 2.09
CA PHE A 22 -6.17 -5.85 1.08
C PHE A 22 -6.67 -5.31 -0.26
N HIS A 23 -5.72 -4.85 -1.06
CA HIS A 23 -5.96 -4.26 -2.38
C HIS A 23 -4.77 -4.50 -3.26
N LYS A 24 -4.83 -4.08 -4.51
CA LYS A 24 -3.70 -4.25 -5.40
C LYS A 24 -3.14 -2.87 -5.77
N PHE A 25 -1.96 -2.82 -6.37
CA PHE A 25 -1.35 -1.54 -6.78
C PHE A 25 -2.24 -0.80 -7.78
N PRO A 26 -2.08 0.53 -7.87
CA PRO A 26 -2.82 1.36 -8.83
C PRO A 26 -2.31 1.08 -10.25
N LEU A 27 -2.68 -0.08 -10.77
CA LEU A 27 -2.23 -0.50 -12.08
C LEU A 27 -2.82 0.38 -13.17
N THR A 28 -3.92 1.01 -12.84
CA THR A 28 -4.60 1.88 -13.75
C THR A 28 -4.12 3.32 -13.61
N ARG A 29 -3.10 3.51 -12.77
CA ARG A 29 -2.53 4.82 -12.55
C ARG A 29 -1.04 4.64 -12.30
N PRO A 30 -0.31 4.15 -13.33
CA PRO A 30 1.14 3.88 -13.24
C PRO A 30 1.96 4.99 -12.59
N SER A 31 1.81 6.23 -13.06
CA SER A 31 2.57 7.35 -12.48
C SER A 31 2.42 7.34 -10.97
N LEU A 32 1.18 7.21 -10.52
CA LEU A 32 0.89 7.17 -9.10
C LEU A 32 1.48 5.89 -8.52
N CYS A 33 1.43 4.82 -9.30
CA CYS A 33 1.96 3.54 -8.88
C CYS A 33 3.41 3.68 -8.56
N LYS A 34 4.03 4.50 -9.38
CA LYS A 34 5.44 4.74 -9.32
C LYS A 34 5.87 5.45 -8.06
N GLU A 35 5.04 6.34 -7.50
CA GLU A 35 5.50 7.02 -6.29
C GLU A 35 5.46 6.05 -5.14
N TRP A 36 4.65 4.99 -5.26
CA TRP A 36 4.59 4.00 -4.21
C TRP A 36 5.97 3.39 -4.08
N GLU A 37 6.66 3.29 -5.21
CA GLU A 37 8.00 2.74 -5.23
C GLU A 37 8.90 3.65 -4.41
N ALA A 38 8.64 4.96 -4.51
CA ALA A 38 9.39 5.98 -3.80
C ALA A 38 9.23 5.82 -2.30
N ALA A 39 8.11 5.25 -1.89
CA ALA A 39 7.83 5.04 -0.48
C ALA A 39 8.51 3.76 -0.02
N VAL A 40 8.69 2.82 -0.95
CA VAL A 40 9.33 1.56 -0.63
C VAL A 40 10.84 1.70 -0.83
N ARG A 41 11.38 2.76 -0.24
CA ARG A 41 12.80 3.09 -0.32
C ARG A 41 13.69 2.11 0.43
N ARG A 42 13.14 0.97 0.79
CA ARG A 42 13.87 -0.05 1.52
C ARG A 42 14.55 -1.01 0.58
N LYS A 43 15.64 -1.61 1.05
CA LYS A 43 16.29 -2.64 0.27
C LYS A 43 15.40 -3.85 0.33
N ASN A 44 15.62 -4.80 -0.55
CA ASN A 44 14.86 -6.02 -0.60
C ASN A 44 13.39 -5.73 -0.88
N PHE A 45 13.13 -4.61 -1.58
CA PHE A 45 11.78 -4.19 -1.98
C PHE A 45 10.87 -5.40 -2.20
N LYS A 46 9.78 -5.44 -1.44
CA LYS A 46 8.79 -6.52 -1.48
C LYS A 46 8.20 -6.71 -2.89
N PRO A 47 7.25 -7.64 -3.09
CA PRO A 47 6.67 -7.88 -4.41
C PRO A 47 6.16 -6.61 -5.07
N THR A 48 6.05 -6.68 -6.38
CA THR A 48 5.66 -5.55 -7.20
C THR A 48 4.17 -5.29 -7.22
N LYS A 49 3.79 -4.32 -8.03
CA LYS A 49 2.41 -3.89 -8.22
C LYS A 49 1.42 -5.04 -8.44
N TYR A 50 1.89 -6.23 -8.74
CA TYR A 50 0.98 -7.33 -8.93
C TYR A 50 0.54 -7.87 -7.59
N SER A 51 1.36 -7.72 -6.57
CA SER A 51 0.96 -8.21 -5.26
C SER A 51 -0.09 -7.27 -4.67
N SER A 52 -0.68 -7.66 -3.56
CA SER A 52 -1.71 -6.88 -2.95
C SER A 52 -1.21 -6.20 -1.66
N ILE A 53 -1.70 -4.98 -1.43
CA ILE A 53 -1.30 -4.15 -0.29
C ILE A 53 -2.47 -4.02 0.68
N CYS A 54 -2.23 -3.56 1.90
CA CYS A 54 -3.30 -3.44 2.89
C CYS A 54 -3.60 -1.98 3.29
N SER A 55 -4.82 -1.77 3.79
CA SER A 55 -5.38 -0.44 4.18
C SER A 55 -4.41 0.48 4.91
N GLU A 56 -4.03 0.07 6.12
CA GLU A 56 -3.11 0.77 7.03
C GLU A 56 -2.03 1.64 6.35
N HIS A 57 -1.64 1.31 5.13
CA HIS A 57 -0.61 2.05 4.44
C HIS A 57 -1.11 3.34 3.78
N PHE A 58 -2.42 3.46 3.60
CA PHE A 58 -2.97 4.66 2.98
C PHE A 58 -4.09 5.23 3.82
N THR A 59 -4.43 6.47 3.54
CA THR A 59 -5.50 7.14 4.22
C THR A 59 -6.81 6.68 3.63
N PRO A 60 -7.86 6.63 4.46
CA PRO A 60 -9.20 6.25 4.04
C PRO A 60 -9.60 6.96 2.76
N ASP A 61 -9.14 8.19 2.63
CA ASP A 61 -9.41 9.02 1.47
C ASP A 61 -8.91 8.34 0.20
N SER A 62 -7.69 7.81 0.26
CA SER A 62 -7.07 7.16 -0.90
C SER A 62 -7.32 5.67 -0.92
N PHE A 63 -8.06 5.20 0.07
CA PHE A 63 -8.38 3.79 0.25
C PHE A 63 -8.51 2.96 -1.05
N LYS A 64 -9.48 3.27 -1.93
CA LYS A 64 -9.68 2.50 -3.17
C LYS A 64 -10.77 3.12 -4.04
N ARG A 65 -11.70 2.29 -4.54
CA ARG A 65 -12.79 2.79 -5.40
C ARG A 65 -13.76 3.68 -4.62
N GLU A 66 -13.62 3.67 -3.29
CA GLU A 66 -14.45 4.49 -2.42
C GLU A 66 -13.77 5.84 -2.19
N SER A 67 -12.67 6.07 -2.91
CA SER A 67 -11.88 7.30 -2.79
C SER A 67 -12.59 8.50 -3.44
N ASN A 68 -12.05 9.00 -4.54
CA ASN A 68 -12.60 10.15 -5.23
C ASN A 68 -13.72 9.75 -6.17
N ASN A 69 -13.34 9.15 -7.28
CA ASN A 69 -14.30 8.72 -8.30
C ASN A 69 -14.48 7.20 -8.27
N LYS A 70 -13.43 6.48 -8.61
CA LYS A 70 -13.47 5.03 -8.64
C LYS A 70 -12.11 4.45 -8.25
N LEU A 71 -11.15 5.31 -7.95
CA LEU A 71 -9.81 4.87 -7.56
C LEU A 71 -9.17 5.87 -6.60
N LEU A 72 -7.98 5.52 -6.11
CA LEU A 72 -7.25 6.36 -5.16
C LEU A 72 -6.90 7.72 -5.74
N LYS A 73 -6.49 8.64 -4.87
CA LYS A 73 -6.12 9.96 -5.33
C LYS A 73 -4.73 9.90 -5.94
N GLU A 74 -4.65 10.31 -7.19
CA GLU A 74 -3.42 10.35 -7.96
C GLU A 74 -2.27 11.04 -7.23
N ASN A 75 -2.62 11.97 -6.36
CA ASN A 75 -1.63 12.69 -5.57
C ASN A 75 -1.45 12.10 -4.17
N ALA A 76 -1.87 10.87 -3.99
CA ALA A 76 -1.75 10.20 -2.70
C ALA A 76 -1.00 8.88 -2.82
N VAL A 77 0.01 8.73 -1.98
CA VAL A 77 0.84 7.53 -1.97
C VAL A 77 1.07 7.07 -0.52
N PRO A 78 1.00 5.75 -0.28
CA PRO A 78 1.20 5.13 1.04
C PRO A 78 2.43 5.62 1.77
N THR A 79 2.23 6.52 2.72
CA THR A 79 3.32 7.08 3.50
C THR A 79 3.31 6.47 4.91
N ILE A 80 2.20 5.83 5.25
CA ILE A 80 2.00 5.21 6.57
C ILE A 80 2.84 3.93 6.74
N PHE A 81 3.67 3.62 5.75
CA PHE A 81 4.52 2.42 5.80
C PHE A 81 5.19 2.23 7.15
N LEU A 82 6.06 3.16 7.52
CA LEU A 82 6.77 3.10 8.79
C LEU A 82 7.36 4.46 9.11
N GLU A 83 7.81 4.63 10.34
CA GLU A 83 8.42 5.88 10.78
C GLU A 83 9.75 6.08 10.05
N LEU A 84 10.55 5.03 10.03
CA LEU A 84 11.85 5.07 9.37
C LEU A 84 12.28 3.66 8.97
N VAL A 85 12.67 2.86 9.96
CA VAL A 85 13.13 1.51 9.72
C VAL A 85 12.58 0.56 10.79
N PRO A 86 12.40 -0.73 10.44
CA PRO A 86 11.90 -1.76 11.37
C PRO A 86 12.76 -1.88 12.62
N ARG A 87 12.08 -2.09 13.76
CA ARG A 87 12.75 -2.27 15.05
C ARG A 87 13.58 -1.03 15.42
ZN ZN D . 0.43 -3.65 5.89
N MET A 1 1.90 -8.15 -0.92
CA MET A 1 1.31 -9.48 -1.18
C MET A 1 0.64 -10.01 0.08
N VAL A 2 0.24 -11.27 0.07
CA VAL A 2 -0.41 -11.85 1.22
C VAL A 2 0.55 -12.11 2.36
N GLN A 3 1.69 -12.73 2.07
CA GLN A 3 2.69 -13.03 3.09
C GLN A 3 3.05 -11.78 3.87
N SER A 4 3.01 -10.64 3.18
CA SER A 4 3.30 -9.35 3.76
C SER A 4 3.05 -8.27 2.71
N CYS A 5 2.77 -7.06 3.15
CA CYS A 5 2.52 -5.97 2.23
C CYS A 5 3.82 -5.46 1.65
N SER A 6 3.73 -4.58 0.66
CA SER A 6 4.89 -4.01 -0.01
C SER A 6 5.63 -3.00 0.88
N ALA A 7 5.17 -2.88 2.13
CA ALA A 7 5.78 -1.96 3.08
C ALA A 7 7.09 -2.53 3.63
N TYR A 8 7.58 -1.91 4.68
CA TYR A 8 8.84 -2.33 5.27
C TYR A 8 8.62 -3.10 6.59
N GLY A 9 8.36 -4.39 6.47
CA GLY A 9 8.18 -5.22 7.65
C GLY A 9 6.73 -5.43 8.04
N CYS A 10 5.81 -5.06 7.16
CA CYS A 10 4.39 -5.23 7.45
C CYS A 10 3.92 -6.65 7.17
N LYS A 11 4.29 -7.58 8.04
CA LYS A 11 3.89 -8.98 7.91
C LYS A 11 2.48 -9.17 8.48
N ASN A 12 1.62 -8.21 8.22
CA ASN A 12 0.26 -8.21 8.71
C ASN A 12 -0.66 -9.00 7.80
N ARG A 13 -0.22 -10.20 7.45
CA ARG A 13 -0.98 -11.14 6.62
C ARG A 13 -2.47 -11.05 6.99
N TYR A 14 -3.34 -10.96 5.97
CA TYR A 14 -4.80 -10.84 6.16
C TYR A 14 -5.27 -11.50 7.46
N ASP A 15 -5.62 -10.67 8.41
CA ASP A 15 -6.11 -11.12 9.69
C ASP A 15 -7.41 -10.42 9.96
N LYS A 16 -8.46 -11.19 9.86
CA LYS A 16 -9.81 -10.71 10.07
C LYS A 16 -10.00 -10.07 11.44
N ASP A 17 -9.17 -10.46 12.40
CA ASP A 17 -9.26 -9.91 13.75
C ASP A 17 -8.81 -8.47 13.75
N LYS A 18 -7.88 -8.16 12.87
CA LYS A 18 -7.36 -6.81 12.74
C LYS A 18 -8.18 -6.06 11.68
N PRO A 19 -8.36 -4.73 11.85
CA PRO A 19 -9.16 -3.94 10.92
C PRO A 19 -8.40 -3.47 9.68
N VAL A 20 -8.19 -4.37 8.73
CA VAL A 20 -7.51 -4.02 7.48
C VAL A 20 -8.06 -4.84 6.33
N SER A 21 -8.02 -4.25 5.14
CA SER A 21 -8.46 -4.91 3.94
C SER A 21 -7.32 -4.93 2.94
N PHE A 22 -7.39 -5.79 1.93
CA PHE A 22 -6.33 -5.86 0.95
C PHE A 22 -6.79 -5.28 -0.38
N HIS A 23 -5.83 -4.94 -1.22
CA HIS A 23 -6.06 -4.34 -2.55
C HIS A 23 -4.87 -4.60 -3.41
N LYS A 24 -4.93 -4.24 -4.67
CA LYS A 24 -3.78 -4.42 -5.54
C LYS A 24 -3.18 -3.04 -5.85
N PHE A 25 -1.98 -2.98 -6.41
CA PHE A 25 -1.36 -1.69 -6.75
C PHE A 25 -2.25 -0.90 -7.70
N PRO A 26 -2.10 0.44 -7.71
CA PRO A 26 -2.86 1.31 -8.61
C PRO A 26 -2.40 1.10 -10.05
N LEU A 27 -2.80 -0.01 -10.63
CA LEU A 27 -2.41 -0.34 -11.98
C LEU A 27 -3.04 0.60 -12.98
N THR A 28 -4.13 1.21 -12.55
CA THR A 28 -4.84 2.15 -13.38
C THR A 28 -4.40 3.58 -13.05
N ARG A 29 -3.35 3.69 -12.24
CA ARG A 29 -2.76 4.96 -11.82
C ARG A 29 -1.25 4.79 -11.77
N PRO A 30 -0.63 4.44 -12.92
CA PRO A 30 0.82 4.17 -13.02
C PRO A 30 1.76 5.19 -12.39
N SER A 31 1.72 6.45 -12.84
CA SER A 31 2.61 7.46 -12.28
C SER A 31 2.50 7.46 -10.76
N LEU A 32 1.26 7.41 -10.29
CA LEU A 32 0.98 7.37 -8.88
C LEU A 32 1.48 6.04 -8.31
N CYS A 33 1.36 4.99 -9.11
CA CYS A 33 1.80 3.66 -8.72
C CYS A 33 3.27 3.69 -8.44
N LYS A 34 3.94 4.49 -9.25
CA LYS A 34 5.36 4.62 -9.21
C LYS A 34 5.86 5.30 -7.93
N GLU A 35 5.08 6.23 -7.34
CA GLU A 35 5.59 6.86 -6.13
C GLU A 35 5.52 5.89 -4.98
N TRP A 36 4.72 4.84 -5.13
CA TRP A 36 4.62 3.85 -4.09
C TRP A 36 5.99 3.21 -3.95
N GLU A 37 6.72 3.14 -5.07
CA GLU A 37 8.06 2.59 -5.07
C GLU A 37 8.95 3.46 -4.19
N ALA A 38 8.66 4.77 -4.23
CA ALA A 38 9.41 5.76 -3.47
C ALA A 38 9.22 5.53 -1.98
N ALA A 39 8.07 4.96 -1.63
CA ALA A 39 7.77 4.68 -0.23
C ALA A 39 8.48 3.41 0.19
N VAL A 40 8.77 2.55 -0.79
CA VAL A 40 9.48 1.31 -0.55
C VAL A 40 10.98 1.57 -0.66
N ARG A 41 11.40 2.61 0.04
CA ARG A 41 12.79 3.09 0.09
C ARG A 41 13.78 2.08 0.70
N ARG A 42 13.38 0.83 0.83
CA ARG A 42 14.27 -0.16 1.42
C ARG A 42 14.84 -1.09 0.37
N LYS A 43 16.05 -1.58 0.63
CA LYS A 43 16.75 -2.49 -0.27
C LYS A 43 15.88 -3.72 -0.57
N ASN A 44 15.22 -4.21 0.48
CA ASN A 44 14.36 -5.37 0.34
C ASN A 44 12.99 -4.96 -0.20
N PHE A 45 13.00 -4.47 -1.43
CA PHE A 45 11.76 -4.06 -2.10
C PHE A 45 10.88 -5.30 -2.28
N LYS A 46 9.73 -5.27 -1.62
CA LYS A 46 8.78 -6.36 -1.67
C LYS A 46 8.17 -6.54 -3.06
N PRO A 47 7.28 -7.53 -3.27
CA PRO A 47 6.69 -7.77 -4.59
C PRO A 47 6.11 -6.53 -5.26
N THR A 48 5.95 -6.65 -6.56
CA THR A 48 5.52 -5.56 -7.40
C THR A 48 4.04 -5.30 -7.36
N LYS A 49 3.61 -4.44 -8.26
CA LYS A 49 2.25 -4.02 -8.40
C LYS A 49 1.28 -5.16 -8.66
N TYR A 50 1.77 -6.36 -8.90
CA TYR A 50 0.88 -7.47 -9.12
C TYR A 50 0.38 -7.98 -7.77
N SER A 51 1.22 -7.87 -6.75
CA SER A 51 0.83 -8.32 -5.42
C SER A 51 -0.19 -7.36 -4.82
N SER A 52 -0.75 -7.74 -3.68
CA SER A 52 -1.76 -6.95 -3.04
C SER A 52 -1.24 -6.23 -1.77
N ILE A 53 -1.82 -5.07 -1.49
CA ILE A 53 -1.42 -4.22 -0.36
C ILE A 53 -2.60 -4.09 0.60
N CYS A 54 -2.38 -3.63 1.84
CA CYS A 54 -3.46 -3.52 2.80
C CYS A 54 -3.75 -2.05 3.20
N SER A 55 -4.98 -1.84 3.70
CA SER A 55 -5.54 -0.52 4.04
C SER A 55 -4.66 0.39 4.90
N GLU A 56 -4.23 -0.09 6.06
CA GLU A 56 -3.41 0.67 7.03
C GLU A 56 -2.28 1.51 6.42
N HIS A 57 -1.90 1.22 5.18
CA HIS A 57 -0.81 1.93 4.53
C HIS A 57 -1.23 3.25 3.89
N PHE A 58 -2.52 3.46 3.65
CA PHE A 58 -2.97 4.69 3.03
C PHE A 58 -4.10 5.31 3.81
N THR A 59 -4.43 6.52 3.45
CA THR A 59 -5.51 7.23 4.07
C THR A 59 -6.82 6.78 3.50
N PRO A 60 -7.87 6.73 4.32
CA PRO A 60 -9.21 6.33 3.91
C PRO A 60 -9.63 7.02 2.62
N ASP A 61 -9.19 8.26 2.48
CA ASP A 61 -9.49 9.05 1.30
C ASP A 61 -8.98 8.34 0.04
N SER A 62 -7.77 7.82 0.15
CA SER A 62 -7.12 7.15 -0.96
C SER A 62 -7.36 5.64 -0.94
N PHE A 63 -8.12 5.16 0.02
CA PHE A 63 -8.38 3.72 0.19
C PHE A 63 -8.56 2.94 -1.14
N LYS A 64 -9.47 3.38 -2.02
CA LYS A 64 -9.70 2.64 -3.27
C LYS A 64 -10.67 3.37 -4.22
N ARG A 65 -11.52 2.59 -4.91
CA ARG A 65 -12.49 3.13 -5.86
C ARG A 65 -13.51 4.05 -5.20
N GLU A 66 -13.55 4.04 -3.88
CA GLU A 66 -14.47 4.88 -3.11
C GLU A 66 -13.85 6.27 -2.89
N SER A 67 -12.69 6.49 -3.52
CA SER A 67 -11.96 7.74 -3.41
C SER A 67 -12.71 8.91 -4.08
N ASN A 68 -12.12 9.47 -5.14
CA ASN A 68 -12.73 10.59 -5.83
C ASN A 68 -13.50 10.13 -7.07
N ASN A 69 -12.78 9.77 -8.12
CA ASN A 69 -13.43 9.33 -9.35
C ASN A 69 -13.73 7.84 -9.34
N LYS A 70 -12.69 7.03 -9.49
CA LYS A 70 -12.87 5.58 -9.49
C LYS A 70 -11.67 4.88 -8.86
N LEU A 71 -10.68 5.65 -8.42
CA LEU A 71 -9.50 5.08 -7.80
C LEU A 71 -8.89 6.07 -6.82
N LEU A 72 -7.77 5.69 -6.20
CA LEU A 72 -7.10 6.52 -5.21
C LEU A 72 -6.69 7.87 -5.78
N LYS A 73 -6.40 8.80 -4.89
CA LYS A 73 -5.99 10.13 -5.30
C LYS A 73 -4.56 10.05 -5.82
N GLU A 74 -4.38 10.47 -7.07
CA GLU A 74 -3.08 10.48 -7.73
C GLU A 74 -2.02 11.21 -6.92
N ASN A 75 -2.46 12.05 -6.00
CA ASN A 75 -1.54 12.81 -5.14
C ASN A 75 -1.32 12.13 -3.80
N ALA A 76 -1.86 10.93 -3.64
CA ALA A 76 -1.73 10.21 -2.38
C ALA A 76 -0.99 8.90 -2.56
N VAL A 77 0.05 8.72 -1.77
CA VAL A 77 0.86 7.52 -1.79
C VAL A 77 1.09 7.04 -0.35
N PRO A 78 0.92 5.72 -0.12
CA PRO A 78 1.06 5.08 1.20
C PRO A 78 2.35 5.44 1.93
N THR A 79 2.23 6.33 2.91
CA THR A 79 3.36 6.75 3.71
C THR A 79 3.31 6.08 5.08
N ILE A 80 2.14 5.52 5.40
CA ILE A 80 1.91 4.85 6.67
C ILE A 80 2.61 3.47 6.72
N PHE A 81 3.40 3.18 5.68
CA PHE A 81 4.14 1.92 5.56
C PHE A 81 4.81 1.51 6.87
N LEU A 82 5.60 2.42 7.44
CA LEU A 82 6.31 2.13 8.68
C LEU A 82 6.91 3.43 9.24
N GLU A 83 7.31 3.39 10.49
CA GLU A 83 7.92 4.54 11.15
C GLU A 83 9.30 4.82 10.56
N LEU A 84 10.26 3.97 10.89
CA LEU A 84 11.61 4.12 10.39
C LEU A 84 12.19 2.75 10.02
N VAL A 85 12.33 1.90 11.03
CA VAL A 85 12.86 0.56 10.84
C VAL A 85 12.39 -0.35 11.99
N PRO A 86 11.94 -1.57 11.65
CA PRO A 86 11.48 -2.54 12.66
C PRO A 86 12.60 -2.95 13.61
N ARG A 87 12.25 -3.44 14.77
CA ARG A 87 13.24 -3.85 15.75
C ARG A 87 12.89 -5.23 16.30
ZN ZN D . 0.11 -3.75 5.88
N MET A 1 -0.11 -9.52 -1.08
CA MET A 1 -0.10 -10.97 -0.79
C MET A 1 -0.34 -11.17 0.69
N VAL A 2 -0.64 -12.40 1.08
CA VAL A 2 -0.89 -12.71 2.48
C VAL A 2 0.38 -12.66 3.30
N GLN A 3 1.49 -13.08 2.71
CA GLN A 3 2.78 -13.10 3.38
C GLN A 3 3.09 -11.75 4.04
N SER A 4 2.93 -10.66 3.27
CA SER A 4 3.20 -9.33 3.78
C SER A 4 2.85 -8.29 2.72
N CYS A 5 2.65 -7.04 3.13
CA CYS A 5 2.35 -5.96 2.21
C CYS A 5 3.63 -5.46 1.55
N SER A 6 3.51 -4.41 0.74
CA SER A 6 4.67 -3.84 0.04
C SER A 6 5.49 -2.93 0.95
N ALA A 7 5.11 -2.84 2.22
CA ALA A 7 5.80 -1.99 3.17
C ALA A 7 7.07 -2.64 3.70
N TYR A 8 7.77 -1.95 4.60
CA TYR A 8 9.00 -2.46 5.17
C TYR A 8 8.77 -2.96 6.60
N GLY A 9 8.40 -4.24 6.71
CA GLY A 9 8.20 -4.82 8.02
C GLY A 9 6.75 -5.06 8.37
N CYS A 10 5.85 -4.80 7.41
CA CYS A 10 4.43 -5.00 7.65
C CYS A 10 3.98 -6.42 7.32
N LYS A 11 4.35 -7.37 8.17
CA LYS A 11 3.93 -8.75 7.97
C LYS A 11 2.54 -8.93 8.59
N ASN A 12 1.65 -8.00 8.26
CA ASN A 12 0.28 -7.98 8.76
C ASN A 12 -0.61 -8.94 8.00
N ARG A 13 -0.12 -10.14 7.85
CA ARG A 13 -0.83 -11.24 7.19
C ARG A 13 -2.33 -11.12 7.46
N TYR A 14 -3.14 -11.19 6.38
CA TYR A 14 -4.60 -11.08 6.47
C TYR A 14 -5.15 -11.66 7.77
N ASP A 15 -5.58 -10.77 8.63
CA ASP A 15 -6.16 -11.13 9.91
C ASP A 15 -7.46 -10.38 10.07
N LYS A 16 -8.54 -11.12 10.05
CA LYS A 16 -9.88 -10.57 10.15
C LYS A 16 -10.10 -9.81 11.46
N ASP A 17 -9.38 -10.20 12.50
CA ASP A 17 -9.53 -9.57 13.80
C ASP A 17 -8.95 -8.15 13.77
N LYS A 18 -7.95 -7.96 12.92
CA LYS A 18 -7.31 -6.67 12.77
C LYS A 18 -8.06 -5.85 11.72
N PRO A 19 -8.23 -4.53 11.96
CA PRO A 19 -8.96 -3.66 11.03
C PRO A 19 -8.16 -3.25 9.79
N VAL A 20 -8.04 -4.17 8.83
CA VAL A 20 -7.34 -3.89 7.58
C VAL A 20 -7.94 -4.73 6.45
N SER A 21 -7.90 -4.18 5.25
CA SER A 21 -8.38 -4.86 4.06
C SER A 21 -7.26 -4.92 3.05
N PHE A 22 -7.35 -5.79 2.05
CA PHE A 22 -6.30 -5.90 1.05
C PHE A 22 -6.77 -5.33 -0.29
N HIS A 23 -5.79 -5.02 -1.15
CA HIS A 23 -6.03 -4.44 -2.48
C HIS A 23 -4.82 -4.71 -3.35
N LYS A 24 -4.88 -4.33 -4.60
CA LYS A 24 -3.74 -4.49 -5.49
C LYS A 24 -3.15 -3.11 -5.78
N PHE A 25 -1.95 -3.04 -6.35
CA PHE A 25 -1.34 -1.74 -6.68
C PHE A 25 -2.23 -0.96 -7.64
N PRO A 26 -2.06 0.38 -7.67
CA PRO A 26 -2.80 1.24 -8.60
C PRO A 26 -2.30 1.03 -10.03
N LEU A 27 -2.67 -0.10 -10.61
CA LEU A 27 -2.24 -0.45 -11.95
C LEU A 27 -2.85 0.50 -12.96
N THR A 28 -3.97 1.05 -12.60
CA THR A 28 -4.66 1.99 -13.46
C THR A 28 -4.22 3.42 -13.15
N ARG A 29 -3.20 3.53 -12.30
CA ARG A 29 -2.63 4.80 -11.89
C ARG A 29 -1.12 4.65 -11.81
N PRO A 30 -0.47 4.29 -12.94
CA PRO A 30 0.98 4.03 -13.00
C PRO A 30 1.88 5.09 -12.37
N SER A 31 1.82 6.34 -12.83
CA SER A 31 2.66 7.39 -12.26
C SER A 31 2.52 7.39 -10.75
N LEU A 32 1.29 7.33 -10.29
CA LEU A 32 0.99 7.28 -8.88
C LEU A 32 1.52 5.97 -8.30
N CYS A 33 1.42 4.91 -9.10
CA CYS A 33 1.88 3.59 -8.69
C CYS A 33 3.36 3.66 -8.39
N LYS A 34 4.00 4.47 -9.20
CA LYS A 34 5.42 4.65 -9.14
C LYS A 34 5.88 5.33 -7.87
N GLU A 35 5.10 6.22 -7.29
CA GLU A 35 5.58 6.88 -6.07
C GLU A 35 5.52 5.91 -4.93
N TRP A 36 4.71 4.85 -5.08
CA TRP A 36 4.63 3.86 -4.02
C TRP A 36 6.01 3.24 -3.88
N GLU A 37 6.73 3.17 -5.00
CA GLU A 37 8.08 2.61 -5.00
C GLU A 37 8.97 3.51 -4.15
N ALA A 38 8.68 4.82 -4.19
CA ALA A 38 9.43 5.81 -3.44
C ALA A 38 9.28 5.60 -1.95
N ALA A 39 8.21 4.93 -1.56
CA ALA A 39 7.95 4.64 -0.17
C ALA A 39 8.66 3.34 0.21
N VAL A 40 8.83 2.47 -0.78
CA VAL A 40 9.49 1.17 -0.58
C VAL A 40 10.99 1.34 -0.81
N ARG A 41 11.55 2.35 -0.18
CA ARG A 41 12.96 2.72 -0.30
C ARG A 41 13.94 1.65 0.22
N ARG A 42 13.44 0.55 0.74
CA ARG A 42 14.31 -0.49 1.27
C ARG A 42 14.94 -1.29 0.14
N LYS A 43 16.19 -1.71 0.35
CA LYS A 43 16.93 -2.51 -0.62
C LYS A 43 16.14 -3.74 -1.01
N ASN A 44 15.50 -4.34 -0.02
CA ASN A 44 14.70 -5.52 -0.24
C ASN A 44 13.27 -5.14 -0.57
N PHE A 45 13.13 -4.47 -1.71
CA PHE A 45 11.83 -4.05 -2.22
C PHE A 45 10.92 -5.27 -2.31
N LYS A 46 9.75 -5.17 -1.71
CA LYS A 46 8.78 -6.27 -1.67
C LYS A 46 8.19 -6.51 -3.06
N PRO A 47 7.27 -7.49 -3.23
CA PRO A 47 6.69 -7.77 -4.55
C PRO A 47 6.16 -6.53 -5.26
N THR A 48 6.01 -6.65 -6.55
CA THR A 48 5.61 -5.55 -7.40
C THR A 48 4.13 -5.25 -7.35
N LYS A 49 3.72 -4.38 -8.25
CA LYS A 49 2.35 -3.95 -8.35
C LYS A 49 1.37 -5.08 -8.62
N TYR A 50 1.86 -6.29 -8.84
CA TYR A 50 0.95 -7.38 -9.07
C TYR A 50 0.46 -7.93 -7.73
N SER A 51 1.30 -7.81 -6.70
CA SER A 51 0.92 -8.28 -5.39
C SER A 51 -0.11 -7.36 -4.77
N SER A 52 -0.66 -7.75 -3.63
CA SER A 52 -1.70 -6.99 -2.98
C SER A 52 -1.18 -6.28 -1.71
N ILE A 53 -1.74 -5.08 -1.45
CA ILE A 53 -1.35 -4.24 -0.33
C ILE A 53 -2.54 -4.10 0.64
N CYS A 54 -2.32 -3.63 1.87
CA CYS A 54 -3.40 -3.50 2.84
C CYS A 54 -3.70 -2.03 3.18
N SER A 55 -4.93 -1.82 3.68
CA SER A 55 -5.52 -0.50 4.00
C SER A 55 -4.65 0.45 4.83
N GLU A 56 -4.25 0.02 6.02
CA GLU A 56 -3.45 0.80 6.97
C GLU A 56 -2.31 1.63 6.36
N HIS A 57 -1.90 1.30 5.15
CA HIS A 57 -0.80 2.01 4.51
C HIS A 57 -1.22 3.33 3.86
N PHE A 58 -2.50 3.48 3.57
CA PHE A 58 -2.99 4.72 2.97
C PHE A 58 -4.19 5.24 3.73
N THR A 59 -4.47 6.50 3.53
CA THR A 59 -5.59 7.13 4.16
C THR A 59 -6.88 6.65 3.54
N PRO A 60 -7.93 6.53 4.35
CA PRO A 60 -9.26 6.10 3.89
C PRO A 60 -9.69 6.83 2.64
N ASP A 61 -9.28 8.09 2.57
CA ASP A 61 -9.58 8.95 1.43
C ASP A 61 -9.04 8.33 0.14
N SER A 62 -7.81 7.84 0.22
CA SER A 62 -7.15 7.24 -0.93
C SER A 62 -7.34 5.73 -0.99
N PHE A 63 -8.08 5.20 -0.02
CA PHE A 63 -8.30 3.75 0.07
C PHE A 63 -8.46 3.02 -1.26
N LYS A 64 -9.38 3.45 -2.13
CA LYS A 64 -9.60 2.75 -3.41
C LYS A 64 -10.62 3.48 -4.29
N ARG A 65 -11.48 2.70 -4.96
CA ARG A 65 -12.52 3.22 -5.85
C ARG A 65 -13.54 4.06 -5.07
N GLU A 66 -13.46 4.02 -3.75
CA GLU A 66 -14.34 4.80 -2.89
C GLU A 66 -13.78 6.20 -2.70
N SER A 67 -12.71 6.50 -3.44
CA SER A 67 -12.03 7.80 -3.38
C SER A 67 -12.90 8.90 -4.02
N ASN A 68 -12.41 9.49 -5.10
CA ASN A 68 -13.13 10.57 -5.77
C ASN A 68 -13.96 10.04 -6.93
N ASN A 69 -13.32 9.70 -8.05
CA ASN A 69 -14.04 9.20 -9.22
C ASN A 69 -14.18 7.68 -9.20
N LYS A 70 -13.07 6.98 -9.41
CA LYS A 70 -13.13 5.53 -9.44
C LYS A 70 -11.87 4.89 -8.88
N LEU A 71 -10.90 5.70 -8.47
CA LEU A 71 -9.67 5.18 -7.91
C LEU A 71 -9.05 6.15 -6.92
N LEU A 72 -7.93 5.74 -6.31
CA LEU A 72 -7.24 6.56 -5.31
C LEU A 72 -6.82 7.89 -5.88
N LYS A 73 -6.53 8.83 -4.99
CA LYS A 73 -6.08 10.14 -5.41
C LYS A 73 -4.66 10.00 -5.95
N GLU A 74 -4.50 10.37 -7.20
CA GLU A 74 -3.22 10.30 -7.91
C GLU A 74 -2.09 11.00 -7.16
N ASN A 75 -2.46 11.87 -6.24
CA ASN A 75 -1.47 12.60 -5.46
C ASN A 75 -1.30 12.04 -4.06
N ALA A 76 -1.83 10.84 -3.83
CA ALA A 76 -1.72 10.20 -2.53
C ALA A 76 -0.99 8.87 -2.63
N VAL A 77 0.05 8.72 -1.81
CA VAL A 77 0.85 7.52 -1.78
C VAL A 77 1.04 7.03 -0.34
N PRO A 78 0.94 5.71 -0.11
CA PRO A 78 1.09 5.08 1.22
C PRO A 78 2.38 5.46 1.94
N THR A 79 2.25 6.30 2.95
CA THR A 79 3.38 6.75 3.74
C THR A 79 3.34 6.10 5.12
N ILE A 80 2.17 5.54 5.45
CA ILE A 80 1.93 4.90 6.74
C ILE A 80 2.66 3.55 6.85
N PHE A 81 3.48 3.24 5.84
CA PHE A 81 4.24 1.98 5.79
C PHE A 81 4.86 1.61 7.14
N LEU A 82 5.76 2.45 7.63
CA LEU A 82 6.43 2.18 8.90
C LEU A 82 7.08 3.44 9.41
N GLU A 83 7.35 3.46 10.71
CA GLU A 83 7.99 4.60 11.37
C GLU A 83 9.34 4.90 10.73
N LEU A 84 10.21 3.89 10.72
CA LEU A 84 11.54 4.03 10.13
C LEU A 84 12.13 2.65 9.89
N VAL A 85 12.44 1.95 10.98
CA VAL A 85 13.03 0.64 10.91
C VAL A 85 12.55 -0.21 12.08
N PRO A 86 12.10 -1.44 11.81
CA PRO A 86 11.62 -2.36 12.85
C PRO A 86 12.74 -2.77 13.80
N ARG A 87 12.40 -3.57 14.80
CA ARG A 87 13.38 -4.03 15.77
C ARG A 87 12.89 -5.32 16.41
ZN ZN D . 0.17 -3.61 5.97
N MET A 1 1.94 -7.94 -0.73
CA MET A 1 1.78 -9.37 -1.00
C MET A 1 0.95 -10.01 0.11
N VAL A 2 0.62 -11.28 -0.05
CA VAL A 2 -0.16 -12.00 0.94
C VAL A 2 0.67 -12.24 2.18
N GLN A 3 1.90 -12.72 1.97
CA GLN A 3 2.83 -13.00 3.06
C GLN A 3 3.17 -11.74 3.85
N SER A 4 3.15 -10.60 3.16
CA SER A 4 3.46 -9.31 3.77
C SER A 4 3.21 -8.21 2.77
N CYS A 5 2.91 -7.01 3.26
CA CYS A 5 2.64 -5.89 2.37
C CYS A 5 3.94 -5.35 1.80
N SER A 6 3.84 -4.45 0.83
CA SER A 6 4.99 -3.88 0.16
C SER A 6 5.74 -2.87 1.04
N ALA A 7 5.33 -2.77 2.30
CA ALA A 7 5.97 -1.85 3.23
C ALA A 7 7.30 -2.40 3.75
N TYR A 8 7.81 -1.79 4.81
CA TYR A 8 9.09 -2.19 5.38
C TYR A 8 8.88 -2.97 6.68
N GLY A 9 8.52 -4.24 6.56
CA GLY A 9 8.33 -5.08 7.73
C GLY A 9 6.88 -5.31 8.12
N CYS A 10 5.96 -4.86 7.29
CA CYS A 10 4.54 -5.03 7.58
C CYS A 10 4.06 -6.45 7.28
N LYS A 11 4.45 -7.39 8.13
CA LYS A 11 4.04 -8.78 7.97
C LYS A 11 2.65 -8.99 8.58
N ASN A 12 1.75 -8.05 8.27
CA ASN A 12 0.39 -8.08 8.79
C ASN A 12 -0.53 -8.90 7.90
N ARG A 13 -0.05 -10.09 7.58
CA ARG A 13 -0.78 -11.07 6.76
C ARG A 13 -2.27 -11.04 7.11
N TYR A 14 -3.14 -11.03 6.08
CA TYR A 14 -4.59 -10.99 6.25
C TYR A 14 -5.06 -11.69 7.52
N ASP A 15 -5.47 -10.90 8.48
CA ASP A 15 -5.97 -11.39 9.76
C ASP A 15 -7.28 -10.69 10.02
N LYS A 16 -8.36 -11.46 9.98
CA LYS A 16 -9.70 -10.94 10.17
C LYS A 16 -9.86 -10.20 11.50
N ASP A 17 -9.09 -10.61 12.50
CA ASP A 17 -9.14 -9.98 13.81
C ASP A 17 -8.70 -8.53 13.73
N LYS A 18 -7.77 -8.26 12.84
CA LYS A 18 -7.25 -6.91 12.66
C LYS A 18 -8.09 -6.18 11.60
N PRO A 19 -8.31 -4.88 11.79
CA PRO A 19 -9.12 -4.08 10.86
C PRO A 19 -8.36 -3.56 9.65
N VAL A 20 -8.12 -4.45 8.68
CA VAL A 20 -7.43 -4.08 7.45
C VAL A 20 -7.97 -4.91 6.30
N SER A 21 -7.94 -4.31 5.12
CA SER A 21 -8.38 -4.98 3.91
C SER A 21 -7.22 -5.00 2.93
N PHE A 22 -7.29 -5.85 1.93
CA PHE A 22 -6.22 -5.92 0.95
C PHE A 22 -6.68 -5.35 -0.38
N HIS A 23 -5.71 -4.98 -1.21
CA HIS A 23 -5.96 -4.39 -2.52
C HIS A 23 -4.76 -4.63 -3.39
N LYS A 24 -4.82 -4.28 -4.65
CA LYS A 24 -3.66 -4.44 -5.50
C LYS A 24 -3.10 -3.04 -5.82
N PHE A 25 -1.89 -2.96 -6.36
CA PHE A 25 -1.29 -1.65 -6.70
C PHE A 25 -2.19 -0.87 -7.64
N PRO A 26 -2.02 0.47 -7.67
CA PRO A 26 -2.78 1.35 -8.57
C PRO A 26 -2.31 1.14 -10.00
N LEU A 27 -2.69 0.03 -10.59
CA LEU A 27 -2.29 -0.30 -11.94
C LEU A 27 -2.92 0.64 -12.93
N THR A 28 -4.04 1.22 -12.54
CA THR A 28 -4.75 2.15 -13.37
C THR A 28 -4.34 3.59 -13.02
N ARG A 29 -3.26 3.71 -12.26
CA ARG A 29 -2.71 4.99 -11.83
C ARG A 29 -1.18 4.85 -11.79
N PRO A 30 -0.55 4.55 -12.93
CA PRO A 30 0.91 4.31 -13.03
C PRO A 30 1.80 5.35 -12.36
N SER A 31 1.73 6.62 -12.78
CA SER A 31 2.57 7.65 -12.17
C SER A 31 2.46 7.58 -10.66
N LEU A 32 1.24 7.52 -10.19
CA LEU A 32 0.96 7.42 -8.78
C LEU A 32 1.50 6.08 -8.25
N CYS A 33 1.40 5.06 -9.09
CA CYS A 33 1.87 3.72 -8.74
C CYS A 33 3.36 3.79 -8.45
N LYS A 34 3.99 4.62 -9.23
CA LYS A 34 5.40 4.80 -9.18
C LYS A 34 5.88 5.46 -7.89
N GLU A 35 5.08 6.36 -7.29
CA GLU A 35 5.56 6.98 -6.07
C GLU A 35 5.52 5.98 -4.94
N TRP A 36 4.74 4.92 -5.10
CA TRP A 36 4.68 3.90 -4.08
C TRP A 36 6.06 3.30 -3.96
N GLU A 37 6.78 3.29 -5.08
CA GLU A 37 8.14 2.77 -5.09
C GLU A 37 9.00 3.65 -4.21
N ALA A 38 8.71 4.94 -4.24
CA ALA A 38 9.44 5.94 -3.48
C ALA A 38 9.23 5.72 -1.98
N ALA A 39 8.12 5.08 -1.64
CA ALA A 39 7.83 4.78 -0.25
C ALA A 39 8.56 3.52 0.17
N VAL A 40 8.84 2.67 -0.81
CA VAL A 40 9.56 1.42 -0.58
C VAL A 40 11.06 1.68 -0.71
N ARG A 41 11.49 2.71 0.00
CA ARG A 41 12.90 3.18 0.02
C ARG A 41 13.89 2.17 0.60
N ARG A 42 13.49 0.92 0.75
CA ARG A 42 14.38 -0.09 1.31
C ARG A 42 14.96 -0.97 0.22
N LYS A 43 16.12 -1.57 0.51
CA LYS A 43 16.78 -2.47 -0.43
C LYS A 43 15.88 -3.64 -0.73
N ASN A 44 15.27 -4.17 0.32
CA ASN A 44 14.38 -5.31 0.21
C ASN A 44 13.03 -4.87 -0.33
N PHE A 45 13.01 -4.41 -1.57
CA PHE A 45 11.79 -3.98 -2.21
C PHE A 45 10.88 -5.18 -2.38
N LYS A 46 9.73 -5.12 -1.73
CA LYS A 46 8.75 -6.19 -1.75
C LYS A 46 8.17 -6.41 -3.15
N PRO A 47 7.28 -7.40 -3.33
CA PRO A 47 6.71 -7.69 -4.65
C PRO A 47 6.13 -6.47 -5.33
N THR A 48 5.95 -6.62 -6.63
CA THR A 48 5.51 -5.54 -7.49
C THR A 48 4.02 -5.29 -7.41
N LYS A 49 3.59 -4.40 -8.29
CA LYS A 49 2.20 -3.99 -8.37
C LYS A 49 1.22 -5.13 -8.58
N TYR A 50 1.72 -6.34 -8.83
CA TYR A 50 0.82 -7.45 -9.02
C TYR A 50 0.39 -7.97 -7.66
N SER A 51 1.25 -7.85 -6.65
CA SER A 51 0.90 -8.33 -5.32
C SER A 51 -0.13 -7.39 -4.71
N SER A 52 -0.69 -7.78 -3.58
CA SER A 52 -1.71 -6.99 -2.96
C SER A 52 -1.21 -6.28 -1.68
N ILE A 53 -1.71 -5.08 -1.45
CA ILE A 53 -1.33 -4.24 -0.33
C ILE A 53 -2.51 -4.11 0.65
N CYS A 54 -2.28 -3.67 1.88
CA CYS A 54 -3.35 -3.56 2.85
C CYS A 54 -3.67 -2.10 3.21
N SER A 55 -4.90 -1.90 3.72
CA SER A 55 -5.48 -0.59 4.04
C SER A 55 -4.61 0.37 4.87
N GLU A 56 -4.20 -0.08 6.05
CA GLU A 56 -3.38 0.69 7.00
C GLU A 56 -2.29 1.55 6.37
N HIS A 57 -1.87 1.26 5.16
CA HIS A 57 -0.80 2.00 4.51
C HIS A 57 -1.27 3.30 3.86
N PHE A 58 -2.57 3.45 3.62
CA PHE A 58 -3.06 4.68 3.01
C PHE A 58 -4.26 5.19 3.78
N THR A 59 -4.59 6.44 3.55
CA THR A 59 -5.71 7.07 4.19
C THR A 59 -7.00 6.60 3.55
N PRO A 60 -8.05 6.46 4.36
CA PRO A 60 -9.38 6.05 3.88
C PRO A 60 -9.78 6.79 2.63
N ASP A 61 -9.38 8.04 2.56
CA ASP A 61 -9.67 8.89 1.42
C ASP A 61 -9.13 8.27 0.14
N SER A 62 -7.91 7.78 0.22
CA SER A 62 -7.22 7.18 -0.90
C SER A 62 -7.42 5.68 -0.97
N PHE A 63 -8.16 5.14 -0.01
CA PHE A 63 -8.39 3.69 0.08
C PHE A 63 -8.52 2.94 -1.26
N LYS A 64 -9.46 3.34 -2.13
CA LYS A 64 -9.64 2.62 -3.40
C LYS A 64 -10.66 3.30 -4.33
N ARG A 65 -11.50 2.48 -4.99
CA ARG A 65 -12.52 2.97 -5.92
C ARG A 65 -13.52 3.90 -5.26
N GLU A 66 -13.52 3.93 -3.94
CA GLU A 66 -14.42 4.78 -3.19
C GLU A 66 -13.83 6.18 -3.01
N SER A 67 -12.69 6.41 -3.65
CA SER A 67 -11.98 7.68 -3.58
C SER A 67 -12.69 8.78 -4.39
N ASN A 68 -12.03 9.30 -5.41
CA ASN A 68 -12.59 10.37 -6.23
C ASN A 68 -13.56 9.83 -7.27
N ASN A 69 -13.03 9.27 -8.34
CA ASN A 69 -13.86 8.73 -9.42
C ASN A 69 -14.00 7.23 -9.29
N LYS A 70 -12.91 6.52 -9.46
CA LYS A 70 -12.93 5.07 -9.37
C LYS A 70 -11.63 4.52 -8.78
N LEU A 71 -10.70 5.39 -8.42
CA LEU A 71 -9.43 4.95 -7.85
C LEU A 71 -8.87 5.98 -6.88
N LEU A 72 -7.75 5.64 -6.24
CA LEU A 72 -7.10 6.50 -5.24
C LEU A 72 -6.70 7.85 -5.81
N LYS A 73 -6.42 8.78 -4.92
CA LYS A 73 -6.00 10.11 -5.32
C LYS A 73 -4.55 10.06 -5.74
N GLU A 74 -4.32 10.46 -6.98
CA GLU A 74 -2.99 10.49 -7.59
C GLU A 74 -1.94 11.19 -6.72
N ASN A 75 -2.39 12.08 -5.86
CA ASN A 75 -1.48 12.82 -4.98
C ASN A 75 -1.29 12.12 -3.64
N ALA A 76 -1.87 10.94 -3.50
CA ALA A 76 -1.77 10.18 -2.27
C ALA A 76 -1.05 8.86 -2.47
N VAL A 77 -0.02 8.65 -1.66
CA VAL A 77 0.78 7.44 -1.71
C VAL A 77 1.01 6.94 -0.28
N PRO A 78 0.93 5.61 -0.09
CA PRO A 78 1.10 4.95 1.22
C PRO A 78 2.36 5.39 1.96
N THR A 79 2.19 6.30 2.90
CA THR A 79 3.30 6.79 3.70
C THR A 79 3.28 6.13 5.08
N ILE A 80 2.14 5.53 5.41
CA ILE A 80 1.95 4.86 6.69
C ILE A 80 2.71 3.52 6.74
N PHE A 81 3.51 3.26 5.69
CA PHE A 81 4.30 2.02 5.58
C PHE A 81 5.04 1.66 6.87
N LEU A 82 5.78 2.61 7.43
CA LEU A 82 6.54 2.36 8.65
C LEU A 82 7.00 3.67 9.27
N GLU A 83 7.43 3.61 10.52
CA GLU A 83 7.92 4.78 11.22
C GLU A 83 9.32 5.13 10.73
N LEU A 84 10.22 4.16 10.82
CA LEU A 84 11.60 4.36 10.39
C LEU A 84 12.28 3.01 10.16
N VAL A 85 12.44 2.24 11.24
CA VAL A 85 13.08 0.94 11.16
C VAL A 85 12.62 0.05 12.33
N PRO A 86 12.24 -1.20 12.03
CA PRO A 86 11.79 -2.16 13.03
C PRO A 86 12.93 -2.64 13.93
N ARG A 87 12.60 -3.51 14.88
CA ARG A 87 13.57 -4.06 15.80
C ARG A 87 13.31 -5.55 16.02
ZN ZN D . 0.21 -3.65 6.01
N MET A 1 1.46 -8.60 -0.78
CA MET A 1 0.69 -9.85 -1.01
C MET A 1 0.25 -10.42 0.33
N VAL A 2 -0.02 -11.72 0.39
CA VAL A 2 -0.47 -12.35 1.62
C VAL A 2 0.64 -12.43 2.67
N GLN A 3 1.82 -12.91 2.27
CA GLN A 3 2.94 -13.04 3.18
C GLN A 3 3.26 -11.71 3.88
N SER A 4 3.14 -10.61 3.14
CA SER A 4 3.42 -9.30 3.69
C SER A 4 3.08 -8.23 2.66
N CYS A 5 2.86 -7.00 3.12
CA CYS A 5 2.54 -5.88 2.24
C CYS A 5 3.81 -5.36 1.56
N SER A 6 3.67 -4.28 0.80
CA SER A 6 4.79 -3.68 0.09
C SER A 6 5.64 -2.79 1.01
N ALA A 7 5.28 -2.76 2.29
CA ALA A 7 6.00 -1.95 3.26
C ALA A 7 7.26 -2.64 3.76
N TYR A 8 7.95 -2.00 4.69
CA TYR A 8 9.18 -2.53 5.23
C TYR A 8 8.94 -3.07 6.65
N GLY A 9 8.59 -4.35 6.72
CA GLY A 9 8.39 -4.98 8.02
C GLY A 9 6.93 -5.25 8.34
N CYS A 10 6.03 -4.86 7.44
CA CYS A 10 4.61 -5.08 7.67
C CYS A 10 4.18 -6.49 7.29
N LYS A 11 4.54 -7.46 8.12
CA LYS A 11 4.15 -8.84 7.89
C LYS A 11 2.76 -9.08 8.49
N ASN A 12 1.86 -8.13 8.25
CA ASN A 12 0.50 -8.17 8.78
C ASN A 12 -0.43 -8.96 7.89
N ARG A 13 0.02 -10.15 7.56
CA ARG A 13 -0.74 -11.14 6.76
C ARG A 13 -2.24 -11.01 7.08
N TYR A 14 -3.09 -10.99 6.04
CA TYR A 14 -4.56 -10.87 6.21
C TYR A 14 -5.02 -11.55 7.48
N ASP A 15 -5.41 -10.74 8.44
CA ASP A 15 -5.87 -11.20 9.73
C ASP A 15 -7.22 -10.59 10.00
N LYS A 16 -8.23 -11.43 10.02
CA LYS A 16 -9.60 -11.02 10.23
C LYS A 16 -9.80 -10.30 11.56
N ASP A 17 -8.96 -10.61 12.54
CA ASP A 17 -9.06 -9.99 13.86
C ASP A 17 -8.58 -8.55 13.80
N LYS A 18 -7.64 -8.30 12.90
CA LYS A 18 -7.08 -6.96 12.76
C LYS A 18 -7.89 -6.18 11.72
N PRO A 19 -8.16 -4.90 11.99
CA PRO A 19 -8.95 -4.07 11.09
C PRO A 19 -8.18 -3.53 9.89
N VAL A 20 -7.94 -4.40 8.91
CA VAL A 20 -7.26 -4.01 7.68
C VAL A 20 -7.83 -4.80 6.52
N SER A 21 -7.84 -4.20 5.35
CA SER A 21 -8.33 -4.83 4.15
C SER A 21 -7.20 -4.84 3.13
N PHE A 22 -7.29 -5.69 2.12
CA PHE A 22 -6.24 -5.74 1.13
C PHE A 22 -6.71 -5.16 -0.20
N HIS A 23 -5.76 -4.85 -1.06
CA HIS A 23 -6.01 -4.26 -2.38
C HIS A 23 -4.82 -4.55 -3.26
N LYS A 24 -4.90 -4.19 -4.52
CA LYS A 24 -3.77 -4.39 -5.41
C LYS A 24 -3.17 -3.01 -5.74
N PHE A 25 -1.98 -2.96 -6.33
CA PHE A 25 -1.37 -1.68 -6.70
C PHE A 25 -2.26 -0.93 -7.67
N PRO A 26 -2.11 0.41 -7.75
CA PRO A 26 -2.85 1.24 -8.69
C PRO A 26 -2.38 0.97 -10.12
N LEU A 27 -2.78 -0.15 -10.66
CA LEU A 27 -2.38 -0.54 -12.00
C LEU A 27 -2.99 0.39 -13.04
N THR A 28 -4.09 1.00 -12.65
CA THR A 28 -4.78 1.92 -13.51
C THR A 28 -4.34 3.35 -13.22
N ARG A 29 -3.27 3.47 -12.45
CA ARG A 29 -2.69 4.75 -12.07
C ARG A 29 -1.17 4.59 -11.98
N PRO A 30 -0.53 4.22 -13.09
CA PRO A 30 0.93 3.96 -13.16
C PRO A 30 1.83 5.03 -12.52
N SER A 31 1.75 6.26 -12.98
CA SER A 31 2.61 7.31 -12.41
C SER A 31 2.45 7.33 -10.89
N LEU A 32 1.21 7.28 -10.45
CA LEU A 32 0.90 7.24 -9.04
C LEU A 32 1.43 5.93 -8.46
N CYS A 33 1.37 4.88 -9.25
CA CYS A 33 1.84 3.56 -8.84
C CYS A 33 3.31 3.65 -8.54
N LYS A 34 3.95 4.44 -9.35
CA LYS A 34 5.37 4.65 -9.31
C LYS A 34 5.82 5.36 -8.04
N GLU A 35 5.00 6.25 -7.47
CA GLU A 35 5.46 6.94 -6.28
C GLU A 35 5.42 6.01 -5.11
N TRP A 36 4.66 4.92 -5.23
CA TRP A 36 4.60 3.96 -4.17
C TRP A 36 6.00 3.37 -4.01
N GLU A 37 6.73 3.30 -5.12
CA GLU A 37 8.09 2.80 -5.11
C GLU A 37 8.94 3.72 -4.25
N ALA A 38 8.62 5.01 -4.32
CA ALA A 38 9.32 6.04 -3.59
C ALA A 38 9.18 5.84 -2.09
N ALA A 39 8.11 5.17 -1.69
CA ALA A 39 7.87 4.90 -0.29
C ALA A 39 8.58 3.62 0.13
N VAL A 40 8.81 2.74 -0.85
CA VAL A 40 9.48 1.46 -0.59
C VAL A 40 10.99 1.65 -0.72
N ARG A 41 11.49 2.65 -0.01
CA ARG A 41 12.90 3.03 -0.02
C ARG A 41 13.84 1.97 0.57
N ARG A 42 13.37 0.77 0.85
CA ARG A 42 14.23 -0.25 1.42
C ARG A 42 14.88 -1.10 0.35
N LYS A 43 16.05 -1.63 0.68
CA LYS A 43 16.79 -2.50 -0.23
C LYS A 43 15.94 -3.69 -0.62
N ASN A 44 15.31 -4.31 0.37
CA ASN A 44 14.46 -5.46 0.15
C ASN A 44 13.08 -5.02 -0.31
N PHE A 45 13.04 -4.39 -1.48
CA PHE A 45 11.78 -3.96 -2.07
C PHE A 45 10.90 -5.20 -2.28
N LYS A 46 9.73 -5.17 -1.67
CA LYS A 46 8.77 -6.27 -1.73
C LYS A 46 8.20 -6.45 -3.14
N PRO A 47 7.28 -7.43 -3.35
CA PRO A 47 6.71 -7.68 -4.68
C PRO A 47 6.15 -6.44 -5.37
N THR A 48 5.94 -6.60 -6.65
CA THR A 48 5.51 -5.51 -7.51
C THR A 48 4.04 -5.24 -7.42
N LYS A 49 3.60 -4.37 -8.32
CA LYS A 49 2.22 -3.93 -8.40
C LYS A 49 1.23 -5.06 -8.63
N TYR A 50 1.71 -6.27 -8.84
CA TYR A 50 0.81 -7.36 -9.04
C TYR A 50 0.35 -7.90 -7.70
N SER A 51 1.20 -7.79 -6.69
CA SER A 51 0.85 -8.27 -5.37
C SER A 51 -0.18 -7.32 -4.74
N SER A 52 -0.71 -7.70 -3.60
CA SER A 52 -1.73 -6.91 -2.93
C SER A 52 -1.19 -6.20 -1.68
N ILE A 53 -1.74 -5.01 -1.41
CA ILE A 53 -1.32 -4.17 -0.29
C ILE A 53 -2.48 -4.04 0.71
N CYS A 54 -2.22 -3.60 1.94
CA CYS A 54 -3.30 -3.49 2.93
C CYS A 54 -3.59 -2.02 3.31
N SER A 55 -4.80 -1.82 3.86
CA SER A 55 -5.37 -0.51 4.22
C SER A 55 -4.47 0.44 5.03
N GLU A 56 -4.01 -0.02 6.19
CA GLU A 56 -3.17 0.76 7.12
C GLU A 56 -2.06 1.59 6.46
N HIS A 57 -1.72 1.30 5.23
CA HIS A 57 -0.65 2.01 4.56
C HIS A 57 -1.11 3.32 3.90
N PHE A 58 -2.40 3.49 3.69
CA PHE A 58 -2.90 4.73 3.08
C PHE A 58 -4.06 5.28 3.88
N THR A 59 -4.45 6.47 3.52
CA THR A 59 -5.57 7.12 4.15
C THR A 59 -6.86 6.62 3.57
N PRO A 60 -7.90 6.51 4.40
CA PRO A 60 -9.22 6.06 3.98
C PRO A 60 -9.68 6.75 2.70
N ASP A 61 -9.28 8.00 2.59
CA ASP A 61 -9.62 8.82 1.42
C ASP A 61 -9.10 8.16 0.15
N SER A 62 -7.86 7.67 0.22
CA SER A 62 -7.20 7.04 -0.90
C SER A 62 -7.38 5.53 -0.91
N PHE A 63 -8.10 5.01 0.07
CA PHE A 63 -8.31 3.56 0.22
C PHE A 63 -8.48 2.78 -1.11
N LYS A 64 -9.39 3.21 -1.99
CA LYS A 64 -9.62 2.46 -3.25
C LYS A 64 -10.62 3.15 -4.16
N ARG A 65 -11.42 2.33 -4.88
CA ARG A 65 -12.45 2.82 -5.80
C ARG A 65 -13.52 3.65 -5.10
N GLU A 66 -13.55 3.55 -3.78
CA GLU A 66 -14.50 4.30 -2.97
C GLU A 66 -13.97 5.71 -2.71
N SER A 67 -12.87 6.04 -3.38
CA SER A 67 -12.22 7.34 -3.26
C SER A 67 -13.09 8.46 -3.89
N ASN A 68 -12.64 8.99 -5.02
CA ASN A 68 -13.37 10.06 -5.69
C ASN A 68 -14.19 9.55 -6.87
N ASN A 69 -13.50 9.19 -7.96
CA ASN A 69 -14.18 8.69 -9.15
C ASN A 69 -14.28 7.17 -9.14
N LYS A 70 -13.15 6.49 -9.34
CA LYS A 70 -13.16 5.04 -9.37
C LYS A 70 -11.87 4.46 -8.81
N LEU A 71 -10.96 5.32 -8.36
CA LEU A 71 -9.70 4.86 -7.80
C LEU A 71 -9.12 5.87 -6.82
N LEU A 72 -7.97 5.53 -6.25
CA LEU A 72 -7.29 6.38 -5.27
C LEU A 72 -6.92 7.73 -5.86
N LYS A 73 -6.54 8.63 -4.99
CA LYS A 73 -6.13 9.96 -5.41
C LYS A 73 -4.70 9.92 -5.88
N GLU A 74 -4.49 10.33 -7.11
CA GLU A 74 -3.15 10.36 -7.72
C GLU A 74 -2.18 11.17 -6.86
N ASN A 75 -2.73 12.04 -6.02
CA ASN A 75 -1.95 12.86 -5.11
C ASN A 75 -1.72 12.17 -3.78
N ALA A 76 -2.04 10.89 -3.70
CA ALA A 76 -1.87 10.15 -2.46
C ALA A 76 -1.10 8.85 -2.65
N VAL A 77 -0.07 8.69 -1.84
CA VAL A 77 0.78 7.50 -1.87
C VAL A 77 1.03 7.03 -0.44
N PRO A 78 0.96 5.70 -0.20
CA PRO A 78 1.15 5.08 1.11
C PRO A 78 2.41 5.55 1.85
N THR A 79 2.23 6.47 2.78
CA THR A 79 3.31 7.01 3.57
C THR A 79 3.33 6.36 4.95
N ILE A 80 2.21 5.72 5.28
CA ILE A 80 2.03 5.05 6.56
C ILE A 80 2.78 3.70 6.61
N PHE A 81 3.55 3.41 5.55
CA PHE A 81 4.32 2.16 5.46
C PHE A 81 5.06 1.83 6.76
N LEU A 82 5.91 2.74 7.20
CA LEU A 82 6.70 2.55 8.41
C LEU A 82 7.27 3.89 8.86
N GLU A 83 7.73 3.94 10.10
CA GLU A 83 8.33 5.15 10.64
C GLU A 83 9.70 5.36 10.01
N LEU A 84 10.68 4.59 10.45
CA LEU A 84 12.03 4.70 9.92
C LEU A 84 12.62 3.31 9.69
N VAL A 85 12.88 2.61 10.79
CA VAL A 85 13.45 1.26 10.73
C VAL A 85 13.08 0.47 11.98
N PRO A 86 12.60 -0.76 11.81
CA PRO A 86 12.21 -1.63 12.92
C PRO A 86 13.41 -2.01 13.80
N ARG A 87 13.11 -2.64 14.92
CA ARG A 87 14.14 -3.07 15.85
C ARG A 87 13.86 -4.50 16.30
ZN ZN D . 0.33 -3.62 6.02
N MET A 1 1.87 -8.22 -0.80
CA MET A 1 1.23 -9.53 -1.05
C MET A 1 0.59 -10.03 0.25
N VAL A 2 0.17 -11.30 0.26
CA VAL A 2 -0.46 -11.87 1.43
C VAL A 2 0.54 -12.12 2.56
N GLN A 3 1.68 -12.75 2.24
CA GLN A 3 2.71 -13.03 3.24
C GLN A 3 3.09 -11.77 4.00
N SER A 4 3.04 -10.65 3.30
CA SER A 4 3.35 -9.35 3.87
C SER A 4 3.09 -8.28 2.82
N CYS A 5 2.81 -7.07 3.26
CA CYS A 5 2.54 -5.97 2.35
C CYS A 5 3.83 -5.45 1.74
N SER A 6 3.70 -4.55 0.77
CA SER A 6 4.86 -3.98 0.08
C SER A 6 5.62 -2.98 0.96
N ALA A 7 5.20 -2.86 2.21
CA ALA A 7 5.85 -1.94 3.15
C ALA A 7 7.13 -2.56 3.71
N TYR A 8 7.69 -1.91 4.71
CA TYR A 8 8.94 -2.37 5.32
C TYR A 8 8.69 -3.03 6.67
N GLY A 9 8.36 -4.32 6.64
CA GLY A 9 8.15 -5.07 7.87
C GLY A 9 6.70 -5.29 8.22
N CYS A 10 5.79 -4.99 7.30
CA CYS A 10 4.37 -5.17 7.57
C CYS A 10 3.92 -6.59 7.31
N LYS A 11 4.28 -7.51 8.20
CA LYS A 11 3.89 -8.90 8.09
C LYS A 11 2.49 -9.09 8.68
N ASN A 12 1.59 -8.18 8.31
CA ASN A 12 0.22 -8.19 8.81
C ASN A 12 -0.70 -8.97 7.90
N ARG A 13 -0.25 -10.18 7.58
CA ARG A 13 -1.00 -11.13 6.74
C ARG A 13 -2.50 -11.02 7.05
N TYR A 14 -3.34 -11.09 6.00
CA TYR A 14 -4.80 -10.99 6.15
C TYR A 14 -5.30 -11.73 7.38
N ASP A 15 -5.70 -10.96 8.37
CA ASP A 15 -6.23 -11.46 9.62
C ASP A 15 -7.51 -10.71 9.90
N LYS A 16 -8.60 -11.44 9.81
CA LYS A 16 -9.93 -10.88 10.01
C LYS A 16 -10.10 -10.20 11.37
N ASP A 17 -9.29 -10.60 12.34
CA ASP A 17 -9.37 -10.00 13.67
C ASP A 17 -8.91 -8.56 13.64
N LYS A 18 -7.95 -8.30 12.76
CA LYS A 18 -7.41 -6.96 12.60
C LYS A 18 -8.22 -6.20 11.56
N PRO A 19 -8.46 -4.90 11.78
CA PRO A 19 -9.25 -4.09 10.86
C PRO A 19 -8.47 -3.59 9.65
N VAL A 20 -8.23 -4.48 8.69
CA VAL A 20 -7.53 -4.10 7.47
C VAL A 20 -8.06 -4.93 6.30
N SER A 21 -8.04 -4.33 5.13
CA SER A 21 -8.47 -5.00 3.92
C SER A 21 -7.32 -4.99 2.93
N PHE A 22 -7.35 -5.86 1.94
CA PHE A 22 -6.27 -5.91 0.97
C PHE A 22 -6.74 -5.36 -0.36
N HIS A 23 -5.77 -4.98 -1.18
CA HIS A 23 -6.00 -4.40 -2.51
C HIS A 23 -4.80 -4.67 -3.36
N LYS A 24 -4.87 -4.31 -4.62
CA LYS A 24 -3.72 -4.49 -5.48
C LYS A 24 -3.14 -3.11 -5.78
N PHE A 25 -1.93 -3.03 -6.35
CA PHE A 25 -1.33 -1.74 -6.69
C PHE A 25 -2.23 -0.96 -7.65
N PRO A 26 -2.10 0.37 -7.69
CA PRO A 26 -2.86 1.21 -8.61
C PRO A 26 -2.40 0.98 -10.04
N LEU A 27 -2.78 -0.14 -10.61
CA LEU A 27 -2.39 -0.50 -11.95
C LEU A 27 -3.00 0.41 -12.97
N THR A 28 -4.10 1.03 -12.57
CA THR A 28 -4.80 1.94 -13.43
C THR A 28 -4.37 3.39 -13.13
N ARG A 29 -3.29 3.52 -12.36
CA ARG A 29 -2.71 4.80 -11.99
C ARG A 29 -1.21 4.63 -11.89
N PRO A 30 -0.54 4.27 -13.00
CA PRO A 30 0.90 4.00 -13.06
C PRO A 30 1.82 5.06 -12.42
N SER A 31 1.77 6.31 -12.88
CA SER A 31 2.64 7.34 -12.32
C SER A 31 2.49 7.34 -10.80
N LEU A 32 1.26 7.30 -10.35
CA LEU A 32 0.96 7.27 -8.93
C LEU A 32 1.48 5.94 -8.36
N CYS A 33 1.37 4.89 -9.16
CA CYS A 33 1.81 3.57 -8.75
C CYS A 33 3.30 3.62 -8.44
N LYS A 34 3.95 4.40 -9.26
CA LYS A 34 5.37 4.57 -9.21
C LYS A 34 5.85 5.26 -7.94
N GLU A 35 5.06 6.18 -7.36
CA GLU A 35 5.56 6.84 -6.16
C GLU A 35 5.51 5.88 -4.99
N TRP A 36 4.71 4.83 -5.12
CA TRP A 36 4.64 3.83 -4.06
C TRP A 36 6.01 3.22 -3.92
N GLU A 37 6.73 3.15 -5.05
CA GLU A 37 8.07 2.60 -5.04
C GLU A 37 8.97 3.50 -4.21
N ALA A 38 8.68 4.81 -4.28
CA ALA A 38 9.44 5.83 -3.57
C ALA A 38 9.29 5.66 -2.05
N ALA A 39 8.21 4.99 -1.65
CA ALA A 39 7.97 4.75 -0.24
C ALA A 39 8.68 3.48 0.18
N VAL A 40 8.88 2.58 -0.79
CA VAL A 40 9.57 1.32 -0.55
C VAL A 40 11.07 1.54 -0.74
N ARG A 41 11.57 2.57 -0.08
CA ARG A 41 12.98 3.00 -0.14
C ARG A 41 13.98 1.96 0.39
N ARG A 42 13.56 0.72 0.57
CA ARG A 42 14.45 -0.30 1.07
C ARG A 42 15.01 -1.15 -0.07
N LYS A 43 16.22 -1.68 0.13
CA LYS A 43 16.87 -2.52 -0.87
C LYS A 43 16.05 -3.78 -1.10
N ASN A 44 15.43 -4.25 -0.04
CA ASN A 44 14.61 -5.44 -0.10
C ASN A 44 13.19 -5.05 -0.46
N PHE A 45 13.07 -4.55 -1.69
CA PHE A 45 11.79 -4.13 -2.24
C PHE A 45 10.88 -5.35 -2.35
N LYS A 46 9.73 -5.27 -1.70
CA LYS A 46 8.75 -6.35 -1.70
C LYS A 46 8.15 -6.56 -3.09
N PRO A 47 7.25 -7.55 -3.29
CA PRO A 47 6.66 -7.82 -4.61
C PRO A 47 6.09 -6.58 -5.29
N THR A 48 5.92 -6.70 -6.59
CA THR A 48 5.48 -5.61 -7.42
C THR A 48 4.00 -5.36 -7.35
N LYS A 49 3.55 -4.48 -8.25
CA LYS A 49 2.17 -4.06 -8.35
C LYS A 49 1.20 -5.22 -8.55
N TYR A 50 1.70 -6.41 -8.83
CA TYR A 50 0.81 -7.52 -9.01
C TYR A 50 0.37 -8.04 -7.65
N SER A 51 1.23 -7.90 -6.64
CA SER A 51 0.88 -8.36 -5.31
C SER A 51 -0.14 -7.41 -4.69
N SER A 52 -0.68 -7.78 -3.55
CA SER A 52 -1.71 -6.98 -2.93
C SER A 52 -1.19 -6.25 -1.67
N ILE A 53 -1.76 -5.06 -1.42
CA ILE A 53 -1.37 -4.22 -0.30
C ILE A 53 -2.57 -4.08 0.66
N CYS A 54 -2.35 -3.61 1.89
CA CYS A 54 -3.45 -3.51 2.84
C CYS A 54 -3.75 -2.04 3.24
N SER A 55 -4.98 -1.84 3.75
CA SER A 55 -5.55 -0.52 4.11
C SER A 55 -4.67 0.41 4.95
N GLU A 56 -4.21 -0.08 6.10
CA GLU A 56 -3.37 0.68 7.05
C GLU A 56 -2.26 1.52 6.42
N HIS A 57 -1.89 1.23 5.18
CA HIS A 57 -0.80 1.94 4.54
C HIS A 57 -1.24 3.26 3.89
N PHE A 58 -2.53 3.44 3.65
CA PHE A 58 -3.00 4.69 3.04
C PHE A 58 -4.14 5.26 3.83
N THR A 59 -4.51 6.47 3.47
CA THR A 59 -5.60 7.15 4.11
C THR A 59 -6.90 6.67 3.52
N PRO A 60 -7.94 6.59 4.35
CA PRO A 60 -9.29 6.17 3.92
C PRO A 60 -9.71 6.89 2.66
N ASP A 61 -9.31 8.14 2.56
CA ASP A 61 -9.62 8.98 1.41
C ASP A 61 -9.08 8.33 0.14
N SER A 62 -7.86 7.83 0.23
CA SER A 62 -7.18 7.21 -0.90
C SER A 62 -7.40 5.70 -0.95
N PHE A 63 -8.15 5.18 0.01
CA PHE A 63 -8.39 3.72 0.12
C PHE A 63 -8.54 2.99 -1.22
N LYS A 64 -9.48 3.42 -2.08
CA LYS A 64 -9.72 2.71 -3.34
C LYS A 64 -10.73 3.43 -4.23
N ARG A 65 -11.62 2.65 -4.87
CA ARG A 65 -12.65 3.17 -5.75
C ARG A 65 -13.62 4.10 -5.02
N GLU A 66 -13.53 4.12 -3.70
CA GLU A 66 -14.37 4.99 -2.88
C GLU A 66 -13.74 6.38 -2.76
N SER A 67 -12.67 6.59 -3.51
CA SER A 67 -11.95 7.86 -3.50
C SER A 67 -12.75 8.98 -4.18
N ASN A 68 -12.22 9.52 -5.29
CA ASN A 68 -12.88 10.60 -6.00
C ASN A 68 -13.66 10.10 -7.21
N ASN A 69 -12.94 9.77 -8.28
CA ASN A 69 -13.60 9.29 -9.50
C ASN A 69 -13.87 7.80 -9.43
N LYS A 70 -12.81 7.00 -9.53
CA LYS A 70 -12.98 5.56 -9.49
C LYS A 70 -11.77 4.88 -8.83
N LEU A 71 -10.72 5.65 -8.55
CA LEU A 71 -9.52 5.10 -7.93
C LEU A 71 -8.94 6.11 -6.93
N LEU A 72 -7.82 5.73 -6.31
CA LEU A 72 -7.15 6.57 -5.32
C LEU A 72 -6.73 7.91 -5.88
N LYS A 73 -6.41 8.83 -4.97
CA LYS A 73 -5.96 10.15 -5.35
C LYS A 73 -4.50 10.07 -5.77
N GLU A 74 -4.24 10.48 -7.00
CA GLU A 74 -2.90 10.48 -7.57
C GLU A 74 -1.91 11.24 -6.72
N ASN A 75 -2.43 12.11 -5.87
CA ASN A 75 -1.60 12.91 -4.98
C ASN A 75 -1.40 12.20 -3.64
N ALA A 76 -1.85 10.97 -3.56
CA ALA A 76 -1.73 10.20 -2.34
C ALA A 76 -1.00 8.88 -2.55
N VAL A 77 0.03 8.68 -1.75
CA VAL A 77 0.84 7.47 -1.78
C VAL A 77 1.07 6.97 -0.35
N PRO A 78 0.92 5.66 -0.13
CA PRO A 78 1.08 5.02 1.18
C PRO A 78 2.35 5.42 1.92
N THR A 79 2.20 6.32 2.88
CA THR A 79 3.31 6.81 3.68
C THR A 79 3.25 6.18 5.07
N ILE A 80 2.11 5.58 5.38
CA ILE A 80 1.88 4.94 6.69
C ILE A 80 2.62 3.61 6.79
N PHE A 81 3.45 3.30 5.78
CA PHE A 81 4.24 2.07 5.73
C PHE A 81 4.91 1.75 7.05
N LEU A 82 5.80 2.64 7.50
CA LEU A 82 6.53 2.44 8.75
C LEU A 82 7.23 3.74 9.13
N GLU A 83 7.67 3.81 10.37
CA GLU A 83 8.37 4.99 10.87
C GLU A 83 9.79 5.05 10.31
N LEU A 84 10.62 4.10 10.72
CA LEU A 84 11.99 4.06 10.25
C LEU A 84 12.41 2.61 9.96
N VAL A 85 12.57 1.81 11.01
CA VAL A 85 12.96 0.43 10.87
C VAL A 85 12.51 -0.39 12.07
N PRO A 86 11.93 -1.58 11.82
CA PRO A 86 11.47 -2.47 12.88
C PRO A 86 12.61 -2.91 13.79
N ARG A 87 12.28 -3.35 14.99
CA ARG A 87 13.29 -3.78 15.94
C ARG A 87 13.03 -5.24 16.34
ZN ZN D . 0.09 -3.70 5.95
N MET A 1 1.59 -8.37 -0.65
CA MET A 1 0.76 -9.57 -0.87
C MET A 1 0.29 -10.13 0.47
N VAL A 2 -0.06 -11.40 0.50
CA VAL A 2 -0.57 -12.02 1.72
C VAL A 2 0.51 -12.20 2.77
N GLN A 3 1.67 -12.76 2.39
CA GLN A 3 2.76 -12.98 3.34
C GLN A 3 3.12 -11.69 4.05
N SER A 4 3.05 -10.58 3.32
CA SER A 4 3.33 -9.27 3.85
C SER A 4 3.06 -8.22 2.78
N CYS A 5 2.79 -7.00 3.19
CA CYS A 5 2.53 -5.91 2.27
C CYS A 5 3.84 -5.39 1.69
N SER A 6 3.73 -4.47 0.74
CA SER A 6 4.90 -3.90 0.08
C SER A 6 5.67 -2.93 0.98
N ALA A 7 5.25 -2.82 2.24
CA ALA A 7 5.90 -1.94 3.20
C ALA A 7 7.18 -2.57 3.74
N TYR A 8 7.81 -1.90 4.70
CA TYR A 8 9.05 -2.39 5.27
C TYR A 8 8.80 -2.96 6.66
N GLY A 9 8.43 -4.25 6.71
CA GLY A 9 8.21 -4.91 7.97
C GLY A 9 6.75 -5.09 8.31
N CYS A 10 5.85 -4.88 7.35
CA CYS A 10 4.44 -5.04 7.61
C CYS A 10 3.96 -6.47 7.38
N LYS A 11 4.33 -7.37 8.29
CA LYS A 11 3.89 -8.75 8.20
C LYS A 11 2.52 -8.90 8.85
N ASN A 12 1.60 -8.04 8.40
CA ASN A 12 0.24 -8.01 8.90
C ASN A 12 -0.70 -8.79 8.02
N ARG A 13 -0.26 -10.01 7.74
CA ARG A 13 -1.00 -10.99 6.93
C ARG A 13 -2.52 -10.88 7.19
N TYR A 14 -3.34 -11.02 6.14
CA TYR A 14 -4.80 -10.96 6.27
C TYR A 14 -5.30 -11.72 7.49
N ASP A 15 -5.77 -10.97 8.46
CA ASP A 15 -6.32 -11.50 9.69
C ASP A 15 -7.63 -10.80 9.93
N LYS A 16 -8.71 -11.55 9.85
CA LYS A 16 -10.05 -11.02 10.02
C LYS A 16 -10.23 -10.34 11.37
N ASP A 17 -9.43 -10.73 12.35
CA ASP A 17 -9.50 -10.15 13.67
C ASP A 17 -8.95 -8.73 13.66
N LYS A 18 -7.99 -8.50 12.78
CA LYS A 18 -7.37 -7.19 12.64
C LYS A 18 -8.15 -6.37 11.60
N PRO A 19 -8.34 -5.07 11.85
CA PRO A 19 -9.10 -4.21 10.94
C PRO A 19 -8.32 -3.66 9.75
N VAL A 20 -8.09 -4.51 8.75
CA VAL A 20 -7.39 -4.08 7.54
C VAL A 20 -7.93 -4.85 6.33
N SER A 21 -7.96 -4.19 5.19
CA SER A 21 -8.42 -4.80 3.95
C SER A 21 -7.26 -4.78 2.96
N PHE A 22 -7.31 -5.64 1.96
CA PHE A 22 -6.23 -5.69 0.99
C PHE A 22 -6.69 -5.12 -0.36
N HIS A 23 -5.72 -4.78 -1.19
CA HIS A 23 -5.94 -4.20 -2.51
C HIS A 23 -4.75 -4.49 -3.38
N LYS A 24 -4.82 -4.17 -4.64
CA LYS A 24 -3.68 -4.36 -5.51
C LYS A 24 -3.11 -2.97 -5.83
N PHE A 25 -1.90 -2.90 -6.40
CA PHE A 25 -1.30 -1.61 -6.75
C PHE A 25 -2.19 -0.82 -7.73
N PRO A 26 -2.04 0.51 -7.78
CA PRO A 26 -2.79 1.36 -8.71
C PRO A 26 -2.32 1.12 -10.14
N LEU A 27 -2.72 0.00 -10.70
CA LEU A 27 -2.30 -0.37 -12.04
C LEU A 27 -2.91 0.56 -13.07
N THR A 28 -4.00 1.19 -12.68
CA THR A 28 -4.68 2.11 -13.55
C THR A 28 -4.21 3.54 -13.29
N ARG A 29 -3.15 3.66 -12.49
CA ARG A 29 -2.55 4.95 -12.15
C ARG A 29 -1.04 4.75 -12.02
N PRO A 30 -0.37 4.31 -13.11
CA PRO A 30 1.07 4.01 -13.12
C PRO A 30 1.98 5.07 -12.50
N SER A 31 1.92 6.31 -12.98
CA SER A 31 2.77 7.37 -12.43
C SER A 31 2.66 7.39 -10.92
N LEU A 32 1.43 7.40 -10.46
CA LEU A 32 1.13 7.40 -9.04
C LEU A 32 1.58 6.06 -8.44
N CYS A 33 1.49 5.00 -9.23
CA CYS A 33 1.89 3.67 -8.80
C CYS A 33 3.37 3.70 -8.49
N LYS A 34 4.06 4.47 -9.29
CA LYS A 34 5.48 4.60 -9.22
C LYS A 34 5.95 5.31 -7.95
N GLU A 35 5.16 6.22 -7.39
CA GLU A 35 5.66 6.89 -6.18
C GLU A 35 5.59 5.92 -5.03
N TRP A 36 4.78 4.88 -5.16
CA TRP A 36 4.70 3.90 -4.11
C TRP A 36 6.07 3.28 -3.94
N GLU A 37 6.79 3.18 -5.07
CA GLU A 37 8.14 2.63 -5.05
C GLU A 37 9.03 3.54 -4.20
N ALA A 38 8.76 4.84 -4.29
CA ALA A 38 9.50 5.85 -3.57
C ALA A 38 9.31 5.69 -2.08
N ALA A 39 8.17 5.12 -1.70
CA ALA A 39 7.87 4.90 -0.30
C ALA A 39 8.55 3.61 0.16
N VAL A 40 8.77 2.71 -0.79
CA VAL A 40 9.43 1.44 -0.52
C VAL A 40 10.94 1.62 -0.70
N ARG A 41 11.45 2.65 -0.06
CA ARG A 41 12.86 3.04 -0.11
C ARG A 41 13.81 1.99 0.50
N ARG A 42 13.31 0.80 0.74
CA ARG A 42 14.14 -0.25 1.32
C ARG A 42 14.88 -1.03 0.24
N LYS A 43 16.08 -1.50 0.58
CA LYS A 43 16.90 -2.28 -0.34
C LYS A 43 16.16 -3.52 -0.81
N ASN A 44 15.62 -4.27 0.14
CA ASN A 44 14.89 -5.48 -0.18
C ASN A 44 13.44 -5.16 -0.53
N PHE A 45 13.28 -4.43 -1.64
CA PHE A 45 11.96 -4.05 -2.15
C PHE A 45 11.08 -5.30 -2.26
N LYS A 46 9.90 -5.21 -1.64
CA LYS A 46 8.93 -6.30 -1.62
C LYS A 46 8.31 -6.53 -3.00
N PRO A 47 7.37 -7.50 -3.16
CA PRO A 47 6.76 -7.79 -4.45
C PRO A 47 6.21 -6.55 -5.17
N THR A 48 6.03 -6.71 -6.48
CA THR A 48 5.61 -5.63 -7.35
C THR A 48 4.13 -5.35 -7.29
N LYS A 49 3.70 -4.48 -8.19
CA LYS A 49 2.32 -4.04 -8.29
C LYS A 49 1.34 -5.18 -8.52
N TYR A 50 1.82 -6.40 -8.75
CA TYR A 50 0.91 -7.49 -8.92
C TYR A 50 0.44 -7.98 -7.57
N SER A 51 1.29 -7.87 -6.56
CA SER A 51 0.92 -8.30 -5.23
C SER A 51 -0.09 -7.32 -4.64
N SER A 52 -0.66 -7.67 -3.50
CA SER A 52 -1.68 -6.85 -2.90
C SER A 52 -1.17 -6.13 -1.63
N ILE A 53 -1.70 -4.93 -1.40
CA ILE A 53 -1.33 -4.07 -0.28
C ILE A 53 -2.52 -3.93 0.66
N CYS A 54 -2.32 -3.47 1.90
CA CYS A 54 -3.41 -3.37 2.84
C CYS A 54 -3.71 -1.92 3.27
N SER A 55 -4.94 -1.73 3.75
CA SER A 55 -5.52 -0.42 4.14
C SER A 55 -4.61 0.50 4.96
N GLU A 56 -4.18 0.03 6.12
CA GLU A 56 -3.33 0.77 7.07
C GLU A 56 -2.21 1.59 6.44
N HIS A 57 -1.85 1.31 5.21
CA HIS A 57 -0.77 2.02 4.54
C HIS A 57 -1.19 3.34 3.90
N PHE A 58 -2.49 3.54 3.68
CA PHE A 58 -2.96 4.79 3.08
C PHE A 58 -4.12 5.35 3.86
N THR A 59 -4.47 6.57 3.55
CA THR A 59 -5.58 7.23 4.18
C THR A 59 -6.87 6.71 3.60
N PRO A 60 -7.90 6.60 4.43
CA PRO A 60 -9.24 6.14 4.00
C PRO A 60 -9.69 6.84 2.73
N ASP A 61 -9.31 8.10 2.62
CA ASP A 61 -9.63 8.92 1.46
C ASP A 61 -9.08 8.29 0.19
N SER A 62 -7.86 7.79 0.27
CA SER A 62 -7.18 7.19 -0.87
C SER A 62 -7.36 5.68 -0.91
N PHE A 63 -8.08 5.14 0.06
CA PHE A 63 -8.29 3.69 0.19
C PHE A 63 -8.39 2.92 -1.14
N LYS A 64 -9.32 3.31 -2.03
CA LYS A 64 -9.50 2.57 -3.30
C LYS A 64 -10.53 3.25 -4.21
N ARG A 65 -11.36 2.43 -4.88
CA ARG A 65 -12.39 2.93 -5.79
C ARG A 65 -13.42 3.78 -5.07
N GLU A 66 -13.42 3.73 -3.75
CA GLU A 66 -14.33 4.52 -2.93
C GLU A 66 -13.76 5.92 -2.72
N SER A 67 -12.65 6.20 -3.40
CA SER A 67 -11.98 7.49 -3.29
C SER A 67 -12.83 8.60 -3.94
N ASN A 68 -12.46 9.03 -5.14
CA ASN A 68 -13.20 10.08 -5.83
C ASN A 68 -14.13 9.50 -6.89
N ASN A 69 -13.55 8.99 -7.97
CA ASN A 69 -14.37 8.43 -9.05
C ASN A 69 -14.37 6.91 -9.01
N LYS A 70 -13.21 6.31 -9.28
CA LYS A 70 -13.12 4.85 -9.28
C LYS A 70 -11.77 4.34 -8.77
N LEU A 71 -10.89 5.25 -8.36
CA LEU A 71 -9.60 4.84 -7.83
C LEU A 71 -9.05 5.88 -6.87
N LEU A 72 -7.89 5.57 -6.27
CA LEU A 72 -7.24 6.44 -5.29
C LEU A 72 -6.89 7.80 -5.89
N LYS A 73 -6.47 8.71 -5.03
CA LYS A 73 -6.08 10.03 -5.46
C LYS A 73 -4.66 10.02 -5.96
N GLU A 74 -4.51 10.42 -7.21
CA GLU A 74 -3.22 10.48 -7.88
C GLU A 74 -2.14 11.20 -7.05
N ASN A 75 -2.57 12.04 -6.13
CA ASN A 75 -1.65 12.79 -5.28
C ASN A 75 -1.43 12.12 -3.93
N ALA A 76 -1.94 10.91 -3.79
CA ALA A 76 -1.80 10.18 -2.53
C ALA A 76 -1.04 8.86 -2.69
N VAL A 77 -0.02 8.69 -1.87
CA VAL A 77 0.80 7.48 -1.88
C VAL A 77 1.03 7.02 -0.43
N PRO A 78 0.92 5.69 -0.19
CA PRO A 78 1.09 5.07 1.14
C PRO A 78 2.36 5.50 1.87
N THR A 79 2.19 6.38 2.84
CA THR A 79 3.31 6.88 3.63
C THR A 79 3.28 6.24 5.02
N ILE A 80 2.14 5.64 5.35
CA ILE A 80 1.94 5.00 6.65
C ILE A 80 2.70 3.68 6.75
N PHE A 81 3.50 3.36 5.72
CA PHE A 81 4.28 2.11 5.67
C PHE A 81 4.96 1.79 7.00
N LEU A 82 5.79 2.72 7.48
CA LEU A 82 6.50 2.52 8.74
C LEU A 82 7.16 3.83 9.17
N GLU A 83 7.70 3.87 10.38
CA GLU A 83 8.36 5.05 10.89
C GLU A 83 9.74 5.18 10.22
N LEU A 84 10.58 4.16 10.40
CA LEU A 84 11.91 4.14 9.82
C LEU A 84 12.42 2.71 9.66
N VAL A 85 12.61 2.03 10.78
CA VAL A 85 13.12 0.68 10.77
C VAL A 85 12.60 -0.11 11.98
N PRO A 86 12.05 -1.31 11.73
CA PRO A 86 11.53 -2.18 12.79
C PRO A 86 12.67 -2.79 13.61
N ARG A 87 12.37 -3.24 14.80
CA ARG A 87 13.37 -3.85 15.67
C ARG A 87 13.08 -5.32 15.86
ZN ZN D . 0.15 -3.63 5.93
N MET A 1 -2.43 -10.96 -0.50
CA MET A 1 -1.24 -11.82 -0.32
C MET A 1 -1.10 -12.19 1.15
N VAL A 2 -0.73 -13.43 1.44
CA VAL A 2 -0.59 -13.86 2.83
C VAL A 2 0.86 -13.81 3.32
N GLN A 3 1.73 -13.17 2.58
CA GLN A 3 3.12 -13.10 3.01
C GLN A 3 3.41 -11.78 3.73
N SER A 4 3.21 -10.65 3.04
CA SER A 4 3.45 -9.35 3.64
C SER A 4 3.09 -8.24 2.64
N CYS A 5 2.78 -7.05 3.15
CA CYS A 5 2.46 -5.92 2.29
C CYS A 5 3.75 -5.34 1.70
N SER A 6 3.61 -4.42 0.74
CA SER A 6 4.77 -3.80 0.08
C SER A 6 5.54 -2.83 0.99
N ALA A 7 5.15 -2.76 2.25
CA ALA A 7 5.83 -1.87 3.19
C ALA A 7 7.15 -2.46 3.69
N TYR A 8 7.75 -1.80 4.66
CA TYR A 8 9.02 -2.24 5.21
C TYR A 8 8.83 -2.91 6.57
N GLY A 9 8.59 -4.22 6.55
CA GLY A 9 8.43 -4.96 7.79
C GLY A 9 6.99 -5.22 8.17
N CYS A 10 6.06 -4.77 7.35
CA CYS A 10 4.64 -4.97 7.63
C CYS A 10 4.19 -6.38 7.29
N LYS A 11 4.59 -7.35 8.10
CA LYS A 11 4.18 -8.74 7.91
C LYS A 11 2.81 -8.94 8.55
N ASN A 12 1.93 -7.97 8.32
CA ASN A 12 0.58 -7.96 8.88
C ASN A 12 -0.38 -8.78 8.05
N ARG A 13 0.04 -10.01 7.79
CA ARG A 13 -0.74 -11.01 7.05
C ARG A 13 -2.23 -10.84 7.35
N TYR A 14 -3.06 -10.79 6.29
CA TYR A 14 -4.52 -10.65 6.41
C TYR A 14 -5.05 -11.31 7.67
N ASP A 15 -5.45 -10.49 8.61
CA ASP A 15 -5.99 -10.96 9.87
C ASP A 15 -7.33 -10.32 10.09
N LYS A 16 -8.35 -11.14 10.05
CA LYS A 16 -9.72 -10.67 10.22
C LYS A 16 -9.92 -9.98 11.59
N ASP A 17 -9.13 -10.38 12.56
CA ASP A 17 -9.22 -9.80 13.91
C ASP A 17 -8.75 -8.35 13.88
N LYS A 18 -7.80 -8.08 13.01
CA LYS A 18 -7.25 -6.74 12.86
C LYS A 18 -8.06 -5.97 11.82
N PRO A 19 -8.24 -4.66 12.00
CA PRO A 19 -9.02 -3.86 11.07
C PRO A 19 -8.23 -3.36 9.87
N VAL A 20 -7.97 -4.25 8.91
CA VAL A 20 -7.26 -3.88 7.68
C VAL A 20 -7.84 -4.66 6.51
N SER A 21 -7.85 -4.03 5.36
CA SER A 21 -8.33 -4.66 4.15
C SER A 21 -7.20 -4.71 3.13
N PHE A 22 -7.29 -5.57 2.14
CA PHE A 22 -6.23 -5.65 1.16
C PHE A 22 -6.70 -5.09 -0.18
N HIS A 23 -5.74 -4.80 -1.04
CA HIS A 23 -5.97 -4.23 -2.38
C HIS A 23 -4.79 -4.52 -3.25
N LYS A 24 -4.85 -4.16 -4.51
CA LYS A 24 -3.71 -4.35 -5.39
C LYS A 24 -3.12 -2.97 -5.69
N PHE A 25 -1.92 -2.91 -6.27
CA PHE A 25 -1.30 -1.64 -6.61
C PHE A 25 -2.19 -0.88 -7.60
N PRO A 26 -2.05 0.45 -7.67
CA PRO A 26 -2.80 1.27 -8.62
C PRO A 26 -2.32 1.00 -10.05
N LEU A 27 -2.70 -0.14 -10.59
CA LEU A 27 -2.28 -0.54 -11.91
C LEU A 27 -2.90 0.36 -12.96
N THR A 28 -3.98 0.99 -12.59
CA THR A 28 -4.67 1.88 -13.47
C THR A 28 -4.24 3.33 -13.22
N ARG A 29 -3.17 3.48 -12.42
CA ARG A 29 -2.60 4.77 -12.08
C ARG A 29 -1.08 4.61 -11.96
N PRO A 30 -0.42 4.17 -13.04
CA PRO A 30 1.04 3.90 -13.06
C PRO A 30 1.93 4.97 -12.43
N SER A 31 1.88 6.20 -12.91
CA SER A 31 2.71 7.27 -12.35
C SER A 31 2.58 7.29 -10.84
N LEU A 32 1.34 7.26 -10.38
CA LEU A 32 1.04 7.25 -8.97
C LEU A 32 1.54 5.94 -8.36
N CYS A 33 1.46 4.87 -9.15
CA CYS A 33 1.89 3.55 -8.72
C CYS A 33 3.37 3.60 -8.41
N LYS A 34 4.03 4.38 -9.22
CA LYS A 34 5.45 4.54 -9.17
C LYS A 34 5.91 5.26 -7.91
N GLU A 35 5.13 6.18 -7.36
CA GLU A 35 5.60 6.86 -6.15
C GLU A 35 5.54 5.92 -4.98
N TRP A 36 4.75 4.85 -5.10
CA TRP A 36 4.66 3.90 -4.03
C TRP A 36 6.03 3.28 -3.87
N GLU A 37 6.77 3.20 -4.98
CA GLU A 37 8.12 2.66 -4.96
C GLU A 37 8.99 3.56 -4.09
N ALA A 38 8.70 4.87 -4.15
CA ALA A 38 9.43 5.88 -3.41
C ALA A 38 9.24 5.67 -1.91
N ALA A 39 8.15 5.04 -1.54
CA ALA A 39 7.86 4.77 -0.15
C ALA A 39 8.59 3.50 0.29
N VAL A 40 8.86 2.63 -0.67
CA VAL A 40 9.56 1.37 -0.41
C VAL A 40 11.07 1.61 -0.54
N ARG A 41 11.50 2.68 0.11
CA ARG A 41 12.89 3.15 0.12
C ARG A 41 13.90 2.14 0.73
N ARG A 42 13.51 0.90 0.89
CA ARG A 42 14.40 -0.08 1.48
C ARG A 42 14.94 -1.06 0.44
N LYS A 43 16.08 -1.66 0.74
CA LYS A 43 16.73 -2.62 -0.15
C LYS A 43 15.83 -3.81 -0.39
N ASN A 44 15.10 -4.21 0.63
CA ASN A 44 14.20 -5.35 0.54
C ASN A 44 12.85 -4.92 -0.03
N PHE A 45 12.88 -4.47 -1.27
CA PHE A 45 11.67 -4.05 -1.96
C PHE A 45 10.77 -5.28 -2.14
N LYS A 46 9.58 -5.19 -1.59
CA LYS A 46 8.61 -6.27 -1.64
C LYS A 46 8.04 -6.47 -3.05
N PRO A 47 7.13 -7.44 -3.26
CA PRO A 47 6.57 -7.70 -4.59
C PRO A 47 6.03 -6.44 -5.27
N THR A 48 5.88 -6.54 -6.56
CA THR A 48 5.48 -5.43 -7.40
C THR A 48 4.00 -5.16 -7.36
N LYS A 49 3.59 -4.26 -8.24
CA LYS A 49 2.22 -3.83 -8.36
C LYS A 49 1.22 -4.96 -8.59
N TYR A 50 1.69 -6.16 -8.82
CA TYR A 50 0.78 -7.25 -9.02
C TYR A 50 0.34 -7.81 -7.67
N SER A 51 1.20 -7.71 -6.67
CA SER A 51 0.86 -8.20 -5.34
C SER A 51 -0.18 -7.28 -4.69
N SER A 52 -0.69 -7.67 -3.55
CA SER A 52 -1.71 -6.88 -2.89
C SER A 52 -1.19 -6.17 -1.63
N ILE A 53 -1.70 -4.96 -1.40
CA ILE A 53 -1.29 -4.12 -0.29
C ILE A 53 -2.46 -3.98 0.70
N CYS A 54 -2.21 -3.53 1.93
CA CYS A 54 -3.28 -3.42 2.92
C CYS A 54 -3.58 -1.95 3.30
N SER A 55 -4.80 -1.75 3.82
CA SER A 55 -5.37 -0.43 4.18
C SER A 55 -4.49 0.50 5.01
N GLU A 56 -4.06 0.03 6.18
CA GLU A 56 -3.23 0.78 7.13
C GLU A 56 -2.11 1.63 6.51
N HIS A 57 -1.77 1.35 5.27
CA HIS A 57 -0.68 2.08 4.61
C HIS A 57 -1.13 3.39 3.95
N PHE A 58 -2.42 3.58 3.73
CA PHE A 58 -2.90 4.81 3.12
C PHE A 58 -4.07 5.39 3.89
N THR A 59 -4.43 6.59 3.52
CA THR A 59 -5.54 7.28 4.13
C THR A 59 -6.83 6.81 3.51
N PRO A 60 -7.90 6.77 4.31
CA PRO A 60 -9.23 6.35 3.86
C PRO A 60 -9.63 7.02 2.57
N ASP A 61 -9.20 8.26 2.43
CA ASP A 61 -9.47 9.05 1.23
C ASP A 61 -8.92 8.35 -0.01
N SER A 62 -7.71 7.85 0.15
CA SER A 62 -7.00 7.18 -0.93
C SER A 62 -7.22 5.68 -0.91
N PHE A 63 -8.02 5.20 0.03
CA PHE A 63 -8.27 3.76 0.19
C PHE A 63 -8.44 2.96 -1.12
N LYS A 64 -9.33 3.39 -2.03
CA LYS A 64 -9.56 2.62 -3.27
C LYS A 64 -10.54 3.31 -4.22
N ARG A 65 -11.33 2.50 -4.95
CA ARG A 65 -12.31 2.99 -5.93
C ARG A 65 -13.37 3.89 -5.27
N GLU A 66 -13.43 3.84 -3.94
CA GLU A 66 -14.37 4.65 -3.18
C GLU A 66 -13.83 6.06 -2.98
N SER A 67 -12.68 6.33 -3.60
CA SER A 67 -12.02 7.62 -3.49
C SER A 67 -12.77 8.73 -4.27
N ASN A 68 -12.14 9.30 -5.29
CA ASN A 68 -12.77 10.37 -6.07
C ASN A 68 -13.56 9.83 -7.26
N ASN A 69 -12.85 9.46 -8.32
CA ASN A 69 -13.52 8.97 -9.53
C ASN A 69 -13.76 7.47 -9.47
N LYS A 70 -12.70 6.69 -9.60
CA LYS A 70 -12.82 5.24 -9.58
C LYS A 70 -11.59 4.62 -8.93
N LEU A 71 -10.67 5.46 -8.49
CA LEU A 71 -9.46 4.98 -7.85
C LEU A 71 -8.92 6.01 -6.87
N LEU A 72 -7.80 5.68 -6.24
CA LEU A 72 -7.15 6.55 -5.26
C LEU A 72 -6.74 7.89 -5.86
N LYS A 73 -6.38 8.80 -4.98
CA LYS A 73 -5.93 10.12 -5.38
C LYS A 73 -4.52 10.02 -5.90
N GLU A 74 -4.35 10.44 -7.14
CA GLU A 74 -3.04 10.43 -7.80
C GLU A 74 -1.99 11.19 -7.00
N ASN A 75 -2.46 12.04 -6.10
CA ASN A 75 -1.60 12.84 -5.25
C ASN A 75 -1.42 12.23 -3.87
N ALA A 76 -1.79 10.96 -3.75
CA ALA A 76 -1.66 10.26 -2.47
C ALA A 76 -0.94 8.93 -2.62
N VAL A 77 0.08 8.75 -1.81
CA VAL A 77 0.87 7.53 -1.81
C VAL A 77 1.09 7.05 -0.38
N PRO A 78 0.96 5.73 -0.15
CA PRO A 78 1.13 5.09 1.17
C PRO A 78 2.39 5.50 1.91
N THR A 79 2.24 6.41 2.86
CA THR A 79 3.35 6.89 3.65
C THR A 79 3.33 6.24 5.02
N ILE A 80 2.19 5.65 5.36
CA ILE A 80 1.98 5.01 6.66
C ILE A 80 2.71 3.65 6.74
N PHE A 81 3.49 3.34 5.69
CA PHE A 81 4.26 2.09 5.61
C PHE A 81 4.96 1.75 6.93
N LEU A 82 5.76 2.69 7.43
CA LEU A 82 6.51 2.49 8.68
C LEU A 82 7.12 3.81 9.11
N GLU A 83 7.47 3.89 10.38
CA GLU A 83 8.08 5.08 10.94
C GLU A 83 9.49 5.27 10.35
N LEU A 84 10.39 4.36 10.68
CA LEU A 84 11.76 4.43 10.18
C LEU A 84 12.32 3.03 9.94
N VAL A 85 12.58 2.31 11.03
CA VAL A 85 13.14 0.97 10.95
C VAL A 85 12.79 0.16 12.21
N PRO A 86 12.36 -1.09 12.03
CA PRO A 86 12.02 -1.97 13.15
C PRO A 86 13.22 -2.31 14.03
N ARG A 87 12.95 -2.71 15.26
CA ARG A 87 14.00 -3.03 16.20
C ARG A 87 13.77 -4.42 16.81
ZN ZN D . 0.32 -3.63 6.11
N MET A 1 1.84 -8.03 -0.72
CA MET A 1 1.23 -9.38 -0.97
C MET A 1 0.57 -9.89 0.30
N VAL A 2 0.12 -11.13 0.27
CA VAL A 2 -0.51 -11.73 1.43
C VAL A 2 0.51 -12.02 2.51
N GLN A 3 1.63 -12.63 2.11
CA GLN A 3 2.71 -12.96 3.04
C GLN A 3 3.11 -11.73 3.85
N SER A 4 3.04 -10.57 3.21
CA SER A 4 3.38 -9.30 3.84
C SER A 4 3.09 -8.16 2.86
N CYS A 5 2.84 -6.98 3.37
CA CYS A 5 2.54 -5.83 2.53
C CYS A 5 3.81 -5.31 1.88
N SER A 6 3.66 -4.35 0.97
CA SER A 6 4.78 -3.77 0.26
C SER A 6 5.59 -2.81 1.14
N ALA A 7 5.21 -2.73 2.40
CA ALA A 7 5.89 -1.86 3.35
C ALA A 7 7.17 -2.52 3.85
N TYR A 8 7.82 -1.88 4.81
CA TYR A 8 9.06 -2.39 5.36
C TYR A 8 8.83 -3.01 6.73
N GLY A 9 8.46 -4.29 6.73
CA GLY A 9 8.25 -5.01 7.98
C GLY A 9 6.79 -5.28 8.31
N CYS A 10 5.89 -4.88 7.43
CA CYS A 10 4.47 -5.09 7.67
C CYS A 10 4.03 -6.50 7.27
N LYS A 11 4.42 -7.49 8.07
CA LYS A 11 4.03 -8.88 7.82
C LYS A 11 2.67 -9.15 8.47
N ASN A 12 1.80 -8.15 8.36
CA ASN A 12 0.44 -8.18 8.92
C ASN A 12 -0.49 -9.00 8.05
N ARG A 13 -0.04 -10.19 7.70
CA ARG A 13 -0.81 -11.14 6.88
C ARG A 13 -2.29 -11.07 7.28
N TYR A 14 -3.16 -10.98 6.27
CA TYR A 14 -4.63 -10.88 6.46
C TYR A 14 -5.09 -11.50 7.77
N ASP A 15 -5.42 -10.64 8.71
CA ASP A 15 -5.90 -11.05 10.00
C ASP A 15 -7.21 -10.34 10.27
N LYS A 16 -8.28 -11.10 10.14
CA LYS A 16 -9.63 -10.61 10.33
C LYS A 16 -9.84 -9.97 11.70
N ASP A 17 -9.04 -10.40 12.67
CA ASP A 17 -9.12 -9.85 14.03
C ASP A 17 -8.67 -8.40 14.03
N LYS A 18 -7.75 -8.08 13.12
CA LYS A 18 -7.21 -6.74 13.00
C LYS A 18 -8.02 -5.99 11.93
N PRO A 19 -8.24 -4.67 12.10
CA PRO A 19 -9.02 -3.89 11.15
C PRO A 19 -8.24 -3.40 9.93
N VAL A 20 -8.01 -4.29 8.98
CA VAL A 20 -7.32 -3.94 7.74
C VAL A 20 -7.88 -4.76 6.59
N SER A 21 -7.93 -4.13 5.42
CA SER A 21 -8.41 -4.79 4.22
C SER A 21 -7.28 -4.85 3.21
N PHE A 22 -7.37 -5.74 2.24
CA PHE A 22 -6.33 -5.86 1.23
C PHE A 22 -6.83 -5.33 -0.11
N HIS A 23 -5.87 -4.94 -0.94
CA HIS A 23 -6.13 -4.38 -2.27
C HIS A 23 -4.93 -4.62 -3.14
N LYS A 24 -4.98 -4.27 -4.39
CA LYS A 24 -3.82 -4.44 -5.25
C LYS A 24 -3.25 -3.06 -5.59
N PHE A 25 -2.03 -3.00 -6.12
CA PHE A 25 -1.41 -1.70 -6.49
C PHE A 25 -2.28 -0.95 -7.48
N PRO A 26 -2.13 0.39 -7.55
CA PRO A 26 -2.86 1.21 -8.51
C PRO A 26 -2.38 0.95 -9.93
N LEU A 27 -2.79 -0.18 -10.48
CA LEU A 27 -2.38 -0.57 -11.81
C LEU A 27 -2.97 0.36 -12.85
N THR A 28 -4.08 0.98 -12.48
CA THR A 28 -4.76 1.91 -13.34
C THR A 28 -4.31 3.34 -13.05
N ARG A 29 -3.24 3.45 -12.26
CA ARG A 29 -2.64 4.73 -11.87
C ARG A 29 -1.13 4.54 -11.80
N PRO A 30 -0.49 4.16 -12.92
CA PRO A 30 0.96 3.87 -12.98
C PRO A 30 1.88 4.92 -12.35
N SER A 31 1.84 6.16 -12.84
CA SER A 31 2.71 7.20 -12.28
C SER A 31 2.57 7.22 -10.76
N LEU A 32 1.34 7.21 -10.32
CA LEU A 32 1.03 7.19 -8.90
C LEU A 32 1.53 5.87 -8.30
N CYS A 33 1.42 4.80 -9.08
CA CYS A 33 1.85 3.48 -8.64
C CYS A 33 3.33 3.53 -8.33
N LYS A 34 3.99 4.30 -9.15
CA LYS A 34 5.42 4.46 -9.10
C LYS A 34 5.89 5.19 -7.85
N GLU A 35 5.10 6.11 -7.30
CA GLU A 35 5.58 6.81 -6.13
C GLU A 35 5.51 5.89 -4.92
N TRP A 36 4.73 4.83 -5.04
CA TRP A 36 4.64 3.88 -3.96
C TRP A 36 6.02 3.26 -3.79
N GLU A 37 6.77 3.20 -4.89
CA GLU A 37 8.12 2.66 -4.87
C GLU A 37 8.99 3.57 -4.00
N ALA A 38 8.69 4.88 -4.06
CA ALA A 38 9.41 5.90 -3.32
C ALA A 38 9.26 5.67 -1.82
N ALA A 39 8.16 5.02 -1.44
CA ALA A 39 7.92 4.73 -0.04
C ALA A 39 8.64 3.46 0.36
N VAL A 40 8.86 2.58 -0.62
CA VAL A 40 9.56 1.32 -0.40
C VAL A 40 11.06 1.55 -0.60
N ARG A 41 11.54 2.59 0.05
CA ARG A 41 12.95 3.02 -0.01
C ARG A 41 13.94 2.01 0.59
N ARG A 42 13.53 0.78 0.82
CA ARG A 42 14.42 -0.20 1.42
C ARG A 42 14.92 -1.21 0.40
N LYS A 43 16.08 -1.81 0.69
CA LYS A 43 16.70 -2.81 -0.17
C LYS A 43 15.75 -3.97 -0.42
N ASN A 44 15.08 -4.41 0.64
CA ASN A 44 14.15 -5.52 0.53
C ASN A 44 12.80 -5.05 0.02
N PHE A 45 12.80 -4.57 -1.22
CA PHE A 45 11.59 -4.12 -1.87
C PHE A 45 10.69 -5.34 -2.06
N LYS A 46 9.57 -5.33 -1.37
CA LYS A 46 8.61 -6.43 -1.42
C LYS A 46 7.97 -6.55 -2.81
N PRO A 47 7.11 -7.55 -3.03
CA PRO A 47 6.49 -7.76 -4.35
C PRO A 47 5.93 -6.50 -4.99
N THR A 48 5.80 -6.58 -6.30
CA THR A 48 5.38 -5.46 -7.13
C THR A 48 3.89 -5.22 -7.11
N LYS A 49 3.49 -4.34 -8.03
CA LYS A 49 2.11 -3.93 -8.19
C LYS A 49 1.14 -5.08 -8.40
N TYR A 50 1.64 -6.28 -8.64
CA TYR A 50 0.75 -7.40 -8.82
C TYR A 50 0.29 -7.92 -7.48
N SER A 51 1.13 -7.80 -6.46
CA SER A 51 0.77 -8.26 -5.14
C SER A 51 -0.26 -7.33 -4.52
N SER A 52 -0.79 -7.70 -3.38
CA SER A 52 -1.82 -6.93 -2.74
C SER A 52 -1.29 -6.18 -1.50
N ILE A 53 -1.87 -5.00 -1.25
CA ILE A 53 -1.47 -4.12 -0.16
C ILE A 53 -2.64 -3.99 0.83
N CYS A 54 -2.39 -3.51 2.05
CA CYS A 54 -3.45 -3.40 3.04
C CYS A 54 -3.75 -1.93 3.41
N SER A 55 -4.97 -1.73 3.92
CA SER A 55 -5.55 -0.42 4.28
C SER A 55 -4.64 0.53 5.07
N GLU A 56 -4.20 0.07 6.24
CA GLU A 56 -3.35 0.83 7.19
C GLU A 56 -2.22 1.64 6.53
N HIS A 57 -1.89 1.35 5.30
CA HIS A 57 -0.81 2.06 4.62
C HIS A 57 -1.25 3.36 3.94
N PHE A 58 -2.54 3.54 3.70
CA PHE A 58 -3.01 4.77 3.07
C PHE A 58 -4.16 5.36 3.84
N THR A 59 -4.45 6.61 3.56
CA THR A 59 -5.53 7.30 4.17
C THR A 59 -6.85 6.84 3.56
N PRO A 60 -7.89 6.76 4.38
CA PRO A 60 -9.23 6.34 3.94
C PRO A 60 -9.65 7.07 2.68
N ASP A 61 -9.24 8.32 2.58
CA ASP A 61 -9.52 9.16 1.43
C ASP A 61 -9.00 8.53 0.15
N SER A 62 -7.80 7.98 0.23
CA SER A 62 -7.15 7.35 -0.91
C SER A 62 -7.42 5.86 -0.99
N PHE A 63 -8.11 5.33 0.01
CA PHE A 63 -8.39 3.88 0.11
C PHE A 63 -8.54 3.11 -1.22
N LYS A 64 -9.44 3.55 -2.11
CA LYS A 64 -9.66 2.79 -3.37
C LYS A 64 -10.64 3.49 -4.32
N ARG A 65 -11.49 2.69 -4.99
CA ARG A 65 -12.47 3.22 -5.95
C ARG A 65 -13.52 4.10 -5.27
N GLU A 66 -13.50 4.09 -3.94
CA GLU A 66 -14.42 4.90 -3.15
C GLU A 66 -13.84 6.31 -2.99
N SER A 67 -12.72 6.56 -3.67
CA SER A 67 -12.03 7.84 -3.62
C SER A 67 -12.79 8.91 -4.41
N ASN A 68 -12.18 9.43 -5.47
CA ASN A 68 -12.80 10.46 -6.30
C ASN A 68 -13.73 9.86 -7.34
N ASN A 69 -13.16 9.30 -8.41
CA ASN A 69 -13.96 8.72 -9.47
C ASN A 69 -14.06 7.21 -9.35
N LYS A 70 -12.96 6.52 -9.61
CA LYS A 70 -12.96 5.07 -9.56
C LYS A 70 -11.68 4.51 -8.95
N LEU A 71 -10.77 5.39 -8.54
CA LEU A 71 -9.52 4.93 -7.95
C LEU A 71 -8.96 5.97 -6.98
N LEU A 72 -7.83 5.64 -6.34
CA LEU A 72 -7.19 6.52 -5.37
C LEU A 72 -6.78 7.85 -6.00
N LYS A 73 -6.45 8.80 -5.15
CA LYS A 73 -6.02 10.10 -5.60
C LYS A 73 -4.59 10.01 -6.10
N GLU A 74 -4.41 10.36 -7.36
CA GLU A 74 -3.11 10.31 -8.04
C GLU A 74 -1.98 10.98 -7.25
N ASN A 75 -2.33 11.89 -6.36
CA ASN A 75 -1.31 12.59 -5.57
C ASN A 75 -1.16 12.01 -4.17
N ALA A 76 -1.80 10.89 -3.92
CA ALA A 76 -1.71 10.24 -2.61
C ALA A 76 -0.97 8.92 -2.71
N VAL A 77 0.05 8.79 -1.88
CA VAL A 77 0.87 7.58 -1.84
C VAL A 77 1.08 7.15 -0.39
N PRO A 78 0.93 5.84 -0.11
CA PRO A 78 1.08 5.23 1.22
C PRO A 78 2.36 5.63 1.94
N THR A 79 2.23 6.54 2.89
CA THR A 79 3.37 6.99 3.67
C THR A 79 3.34 6.34 5.05
N ILE A 80 2.18 5.76 5.39
CA ILE A 80 1.97 5.11 6.68
C ILE A 80 2.71 3.77 6.76
N PHE A 81 3.51 3.47 5.74
CA PHE A 81 4.29 2.22 5.67
C PHE A 81 5.00 1.91 6.99
N LEU A 82 5.71 2.90 7.53
CA LEU A 82 6.46 2.72 8.76
C LEU A 82 6.98 4.07 9.25
N GLU A 83 7.41 4.12 10.50
CA GLU A 83 7.97 5.34 11.07
C GLU A 83 9.37 5.57 10.51
N LEU A 84 10.23 4.57 10.68
CA LEU A 84 11.59 4.64 10.18
C LEU A 84 12.17 3.24 10.01
N VAL A 85 12.31 2.53 11.11
CA VAL A 85 12.86 1.19 11.08
C VAL A 85 12.50 0.43 12.37
N PRO A 86 12.15 -0.87 12.23
CA PRO A 86 11.84 -1.72 13.37
C PRO A 86 13.10 -2.01 14.18
N ARG A 87 12.92 -2.55 15.38
CA ARG A 87 14.07 -2.86 16.23
C ARG A 87 13.95 -4.26 16.81
ZN ZN D . 0.14 -3.58 6.24
N MET A 1 -0.45 -11.98 -2.68
CA MET A 1 0.09 -12.83 -1.60
C MET A 1 -0.33 -12.30 -0.24
N VAL A 2 -0.40 -13.17 0.74
CA VAL A 2 -0.77 -12.77 2.09
C VAL A 2 0.45 -12.84 3.01
N GLN A 3 1.62 -13.00 2.40
CA GLN A 3 2.86 -13.09 3.15
C GLN A 3 3.17 -11.78 3.85
N SER A 4 3.14 -10.69 3.09
CA SER A 4 3.42 -9.37 3.64
C SER A 4 3.14 -8.31 2.58
N CYS A 5 2.81 -7.10 3.01
CA CYS A 5 2.51 -6.01 2.10
C CYS A 5 3.80 -5.44 1.50
N SER A 6 3.66 -4.54 0.53
CA SER A 6 4.80 -3.92 -0.16
C SER A 6 5.62 -3.01 0.76
N ALA A 7 5.24 -2.89 2.02
CA ALA A 7 5.98 -2.06 2.96
C ALA A 7 7.17 -2.83 3.48
N TYR A 8 8.03 -2.20 4.26
CA TYR A 8 9.21 -2.88 4.76
C TYR A 8 9.01 -3.25 6.24
N GLY A 9 8.75 -4.52 6.47
CA GLY A 9 8.60 -5.02 7.82
C GLY A 9 7.14 -5.24 8.24
N CYS A 10 6.20 -4.79 7.42
CA CYS A 10 4.78 -4.94 7.73
C CYS A 10 4.28 -6.36 7.47
N LYS A 11 4.64 -7.29 8.34
CA LYS A 11 4.18 -8.67 8.22
C LYS A 11 2.78 -8.80 8.85
N ASN A 12 1.94 -7.80 8.59
CA ASN A 12 0.59 -7.76 9.13
C ASN A 12 -0.38 -8.51 8.25
N ARG A 13 0.01 -9.71 7.90
CA ARG A 13 -0.76 -10.62 7.08
C ARG A 13 -2.24 -10.60 7.50
N TYR A 14 -3.13 -10.58 6.49
CA TYR A 14 -4.59 -10.56 6.69
C TYR A 14 -5.02 -11.25 7.98
N ASP A 15 -5.46 -10.46 8.94
CA ASP A 15 -5.91 -10.96 10.22
C ASP A 15 -7.29 -10.41 10.47
N LYS A 16 -8.27 -11.30 10.48
CA LYS A 16 -9.67 -10.93 10.67
C LYS A 16 -9.90 -10.13 11.96
N ASP A 17 -9.07 -10.37 12.96
CA ASP A 17 -9.19 -9.67 14.24
C ASP A 17 -8.78 -8.21 14.11
N LYS A 18 -7.85 -7.96 13.20
CA LYS A 18 -7.35 -6.61 12.98
C LYS A 18 -8.16 -5.95 11.85
N PRO A 19 -8.35 -4.63 11.92
CA PRO A 19 -9.13 -3.92 10.92
C PRO A 19 -8.31 -3.44 9.72
N VAL A 20 -7.99 -4.37 8.82
CA VAL A 20 -7.24 -4.03 7.60
C VAL A 20 -7.71 -4.92 6.44
N SER A 21 -7.88 -4.30 5.29
CA SER A 21 -8.29 -5.01 4.10
C SER A 21 -7.11 -5.06 3.14
N PHE A 22 -7.17 -5.92 2.13
CA PHE A 22 -6.09 -6.01 1.18
C PHE A 22 -6.54 -5.43 -0.17
N HIS A 23 -5.58 -5.04 -0.98
CA HIS A 23 -5.82 -4.45 -2.30
C HIS A 23 -4.63 -4.68 -3.19
N LYS A 24 -4.73 -4.33 -4.45
CA LYS A 24 -3.60 -4.47 -5.34
C LYS A 24 -3.07 -3.08 -5.67
N PHE A 25 -1.88 -2.97 -6.27
CA PHE A 25 -1.31 -1.65 -6.63
C PHE A 25 -2.24 -0.89 -7.59
N PRO A 26 -2.12 0.44 -7.64
CA PRO A 26 -2.89 1.29 -8.55
C PRO A 26 -2.43 1.08 -9.99
N LEU A 27 -2.81 -0.06 -10.56
CA LEU A 27 -2.39 -0.42 -11.89
C LEU A 27 -3.02 0.48 -12.93
N THR A 28 -4.13 1.09 -12.56
CA THR A 28 -4.83 1.97 -13.44
C THR A 28 -4.42 3.42 -13.21
N ARG A 29 -3.36 3.59 -12.42
CA ARG A 29 -2.82 4.90 -12.10
C ARG A 29 -1.31 4.77 -11.96
N PRO A 30 -0.62 4.37 -13.06
CA PRO A 30 0.83 4.14 -13.08
C PRO A 30 1.68 5.22 -12.43
N SER A 31 1.53 6.47 -12.84
CA SER A 31 2.31 7.57 -12.25
C SER A 31 2.21 7.50 -10.74
N LEU A 32 0.98 7.36 -10.27
CA LEU A 32 0.70 7.25 -8.86
C LEU A 32 1.31 5.96 -8.33
N CYS A 33 1.26 4.92 -9.15
CA CYS A 33 1.80 3.62 -8.78
C CYS A 33 3.27 3.76 -8.49
N LYS A 34 3.88 4.61 -9.29
CA LYS A 34 5.28 4.86 -9.24
C LYS A 34 5.72 5.56 -7.95
N GLU A 35 4.88 6.42 -7.37
CA GLU A 35 5.34 7.08 -6.16
C GLU A 35 5.31 6.10 -5.01
N TRP A 36 4.55 5.02 -5.14
CA TRP A 36 4.51 4.02 -4.10
C TRP A 36 5.91 3.46 -3.96
N GLU A 37 6.62 3.43 -5.10
CA GLU A 37 8.00 2.92 -5.11
C GLU A 37 8.86 3.86 -4.26
N ALA A 38 8.53 5.15 -4.30
CA ALA A 38 9.25 6.17 -3.56
C ALA A 38 9.15 5.94 -2.06
N ALA A 39 8.09 5.26 -1.64
CA ALA A 39 7.90 4.96 -0.24
C ALA A 39 8.62 3.66 0.11
N VAL A 40 8.78 2.79 -0.89
CA VAL A 40 9.45 1.51 -0.70
C VAL A 40 10.94 1.69 -0.96
N ARG A 41 11.52 2.69 -0.32
CA ARG A 41 12.94 3.02 -0.46
C ARG A 41 13.85 2.02 0.24
N ARG A 42 13.30 0.88 0.64
CA ARG A 42 14.08 -0.13 1.32
C ARG A 42 14.84 -0.99 0.31
N LYS A 43 16.02 -1.45 0.71
CA LYS A 43 16.84 -2.31 -0.16
C LYS A 43 16.05 -3.52 -0.61
N ASN A 44 15.43 -4.19 0.36
CA ASN A 44 14.66 -5.37 0.07
C ASN A 44 13.25 -4.99 -0.38
N PHE A 45 13.18 -4.33 -1.53
CA PHE A 45 11.90 -3.94 -2.11
C PHE A 45 11.04 -5.19 -2.29
N LYS A 46 9.91 -5.22 -1.59
CA LYS A 46 8.97 -6.33 -1.61
C LYS A 46 8.36 -6.54 -3.00
N PRO A 47 7.44 -7.52 -3.18
CA PRO A 47 6.83 -7.79 -4.49
C PRO A 47 6.30 -6.55 -5.18
N THR A 48 6.11 -6.68 -6.47
CA THR A 48 5.70 -5.59 -7.32
C THR A 48 4.22 -5.28 -7.22
N LYS A 49 3.79 -4.42 -8.13
CA LYS A 49 2.41 -3.96 -8.22
C LYS A 49 1.42 -5.09 -8.47
N TYR A 50 1.90 -6.31 -8.72
CA TYR A 50 0.99 -7.40 -8.93
C TYR A 50 0.55 -7.92 -7.57
N SER A 51 1.40 -7.75 -6.58
CA SER A 51 1.10 -8.20 -5.24
C SER A 51 0.05 -7.30 -4.62
N SER A 52 -0.46 -7.70 -3.47
CA SER A 52 -1.50 -6.95 -2.81
C SER A 52 -1.00 -6.25 -1.54
N ILE A 53 -1.55 -5.06 -1.29
CA ILE A 53 -1.19 -4.20 -0.16
C ILE A 53 -2.36 -4.13 0.82
N CYS A 54 -2.14 -3.63 2.03
CA CYS A 54 -3.22 -3.57 3.01
C CYS A 54 -3.55 -2.13 3.45
N SER A 55 -4.79 -1.99 3.96
CA SER A 55 -5.41 -0.72 4.39
C SER A 55 -4.48 0.26 5.11
N GLU A 56 -4.02 -0.14 6.29
CA GLU A 56 -3.15 0.66 7.15
C GLU A 56 -2.11 1.54 6.45
N HIS A 57 -1.73 1.18 5.24
CA HIS A 57 -0.70 1.93 4.53
C HIS A 57 -1.23 3.22 3.90
N PHE A 58 -2.52 3.33 3.69
CA PHE A 58 -3.10 4.54 3.11
C PHE A 58 -4.24 5.01 3.96
N THR A 59 -4.44 6.32 3.97
CA THR A 59 -5.52 6.92 4.71
C THR A 59 -6.83 6.53 4.09
N PRO A 60 -7.89 6.43 4.90
CA PRO A 60 -9.24 6.11 4.42
C PRO A 60 -9.59 6.96 3.21
N ASP A 61 -9.12 8.19 3.24
CA ASP A 61 -9.33 9.14 2.15
C ASP A 61 -8.70 8.61 0.88
N SER A 62 -7.52 8.03 1.03
CA SER A 62 -6.75 7.48 -0.07
C SER A 62 -7.09 6.02 -0.37
N PHE A 63 -8.03 5.47 0.38
CA PHE A 63 -8.43 4.05 0.27
C PHE A 63 -8.43 3.45 -1.14
N LYS A 64 -9.44 3.76 -1.97
CA LYS A 64 -9.53 3.14 -3.30
C LYS A 64 -10.64 3.75 -4.16
N ARG A 65 -11.47 2.89 -4.76
CA ARG A 65 -12.58 3.29 -5.63
C ARG A 65 -13.61 4.13 -4.90
N GLU A 66 -13.51 4.20 -3.57
CA GLU A 66 -14.41 5.02 -2.79
C GLU A 66 -13.99 6.48 -2.92
N SER A 67 -13.00 6.72 -3.77
CA SER A 67 -12.48 8.06 -4.02
C SER A 67 -13.48 8.93 -4.81
N ASN A 68 -13.11 9.35 -6.01
CA ASN A 68 -13.95 10.19 -6.83
C ASN A 68 -14.78 9.40 -7.82
N ASN A 69 -14.11 8.86 -8.84
CA ASN A 69 -14.81 8.10 -9.86
C ASN A 69 -14.64 6.59 -9.69
N LYS A 70 -13.42 6.07 -9.78
CA LYS A 70 -13.19 4.64 -9.67
C LYS A 70 -11.87 4.27 -9.00
N LEU A 71 -10.96 5.23 -8.81
CA LEU A 71 -9.69 4.89 -8.20
C LEU A 71 -9.20 5.95 -7.22
N LEU A 72 -8.06 5.66 -6.59
CA LEU A 72 -7.47 6.55 -5.58
C LEU A 72 -7.04 7.90 -6.10
N LYS A 73 -6.47 8.67 -5.19
CA LYS A 73 -5.97 9.99 -5.47
C LYS A 73 -4.59 9.88 -6.11
N GLU A 74 -4.47 10.40 -7.32
CA GLU A 74 -3.20 10.40 -8.05
C GLU A 74 -2.08 11.04 -7.23
N ASN A 75 -2.46 11.93 -6.33
CA ASN A 75 -1.48 12.60 -5.48
C ASN A 75 -1.40 11.99 -4.08
N ALA A 76 -1.89 10.78 -3.95
CA ALA A 76 -1.86 10.09 -2.66
C ALA A 76 -1.09 8.78 -2.74
N VAL A 77 -0.13 8.64 -1.84
CA VAL A 77 0.69 7.45 -1.80
C VAL A 77 0.90 6.99 -0.35
N PRO A 78 0.85 5.67 -0.10
CA PRO A 78 1.03 5.07 1.22
C PRO A 78 2.28 5.55 1.95
N THR A 79 2.07 6.33 2.99
CA THR A 79 3.17 6.87 3.78
C THR A 79 3.26 6.18 5.13
N ILE A 80 2.17 5.50 5.47
CA ILE A 80 2.02 4.79 6.74
C ILE A 80 2.80 3.47 6.74
N PHE A 81 3.59 3.23 5.69
CA PHE A 81 4.38 2.01 5.55
C PHE A 81 5.05 1.60 6.86
N LEU A 82 5.66 2.55 7.56
CA LEU A 82 6.33 2.27 8.83
C LEU A 82 6.58 3.56 9.60
N GLU A 83 6.86 3.42 10.89
CA GLU A 83 7.13 4.54 11.79
C GLU A 83 8.33 5.36 11.37
N LEU A 84 9.32 4.69 10.82
CA LEU A 84 10.57 5.33 10.41
C LEU A 84 10.35 6.37 9.30
N VAL A 85 9.39 6.11 8.41
CA VAL A 85 9.11 7.05 7.34
C VAL A 85 8.02 8.04 7.77
N PRO A 86 8.42 9.29 7.99
CA PRO A 86 7.51 10.35 8.43
C PRO A 86 6.58 10.82 7.30
N ARG A 87 5.49 11.44 7.70
CA ARG A 87 4.51 11.95 6.74
C ARG A 87 4.07 13.35 7.14
ZN ZN D . 0.49 -3.68 6.00
N MET A 1 -0.68 -10.08 -0.72
CA MET A 1 -1.10 -11.48 -0.47
C MET A 1 -0.99 -11.78 1.01
N VAL A 2 -1.14 -13.04 1.39
CA VAL A 2 -1.06 -13.44 2.79
C VAL A 2 0.38 -13.66 3.24
N GLN A 3 1.30 -12.87 2.72
CA GLN A 3 2.70 -12.97 3.12
C GLN A 3 3.10 -11.68 3.85
N SER A 4 2.98 -10.56 3.16
CA SER A 4 3.31 -9.26 3.72
C SER A 4 2.98 -8.19 2.69
N CYS A 5 2.76 -6.97 3.15
CA CYS A 5 2.44 -5.86 2.26
C CYS A 5 3.73 -5.35 1.60
N SER A 6 3.59 -4.42 0.67
CA SER A 6 4.73 -3.84 -0.06
C SER A 6 5.51 -2.86 0.84
N ALA A 7 5.12 -2.77 2.10
CA ALA A 7 5.77 -1.87 3.05
C ALA A 7 7.08 -2.47 3.57
N TYR A 8 7.68 -1.80 4.54
CA TYR A 8 8.94 -2.24 5.10
C TYR A 8 8.74 -2.89 6.47
N GLY A 9 8.49 -4.20 6.47
CA GLY A 9 8.33 -4.92 7.71
C GLY A 9 6.88 -5.16 8.11
N CYS A 10 5.95 -4.78 7.24
CA CYS A 10 4.54 -4.96 7.53
C CYS A 10 4.06 -6.38 7.21
N LYS A 11 4.44 -7.33 8.05
CA LYS A 11 4.00 -8.71 7.88
C LYS A 11 2.64 -8.89 8.54
N ASN A 12 1.76 -7.93 8.28
CA ASN A 12 0.40 -7.92 8.84
C ASN A 12 -0.53 -8.82 8.05
N ARG A 13 -0.04 -10.03 7.84
CA ARG A 13 -0.75 -11.10 7.14
C ARG A 13 -2.26 -11.01 7.42
N TYR A 14 -3.06 -11.01 6.33
CA TYR A 14 -4.53 -10.91 6.42
C TYR A 14 -5.09 -11.53 7.69
N ASP A 15 -5.54 -10.67 8.58
CA ASP A 15 -6.12 -11.09 9.84
C ASP A 15 -7.46 -10.40 10.00
N LYS A 16 -8.51 -11.20 9.94
CA LYS A 16 -9.88 -10.71 10.03
C LYS A 16 -10.15 -9.99 11.34
N ASP A 17 -9.40 -10.35 12.39
CA ASP A 17 -9.58 -9.72 13.69
C ASP A 17 -9.09 -8.28 13.65
N LYS A 18 -8.11 -8.03 12.79
CA LYS A 18 -7.56 -6.70 12.64
C LYS A 18 -8.33 -5.95 11.55
N PRO A 19 -8.57 -4.65 11.74
CA PRO A 19 -9.32 -3.85 10.76
C PRO A 19 -8.48 -3.38 9.57
N VAL A 20 -8.20 -4.29 8.65
CA VAL A 20 -7.46 -3.96 7.43
C VAL A 20 -7.95 -4.83 6.28
N SER A 21 -7.85 -4.30 5.08
CA SER A 21 -8.26 -5.01 3.88
C SER A 21 -7.10 -5.00 2.91
N PHE A 22 -7.12 -5.86 1.91
CA PHE A 22 -6.05 -5.90 0.94
C PHE A 22 -6.53 -5.33 -0.40
N HIS A 23 -5.56 -4.96 -1.23
CA HIS A 23 -5.83 -4.37 -2.57
C HIS A 23 -4.63 -4.61 -3.44
N LYS A 24 -4.70 -4.25 -4.69
CA LYS A 24 -3.57 -4.41 -5.58
C LYS A 24 -2.99 -3.03 -5.87
N PHE A 25 -1.79 -2.94 -6.45
CA PHE A 25 -1.18 -1.64 -6.76
C PHE A 25 -2.08 -0.87 -7.72
N PRO A 26 -1.94 0.47 -7.76
CA PRO A 26 -2.69 1.31 -8.70
C PRO A 26 -2.20 1.08 -10.12
N LEU A 27 -2.59 -0.04 -10.68
CA LEU A 27 -2.16 -0.41 -12.02
C LEU A 27 -2.76 0.52 -13.05
N THR A 28 -3.87 1.11 -12.69
CA THR A 28 -4.56 2.04 -13.55
C THR A 28 -4.12 3.48 -13.25
N ARG A 29 -3.07 3.58 -12.43
CA ARG A 29 -2.50 4.86 -12.03
C ARG A 29 -0.99 4.70 -11.93
N PRO A 30 -0.33 4.34 -13.05
CA PRO A 30 1.12 4.07 -13.09
C PRO A 30 2.02 5.14 -12.45
N SER A 31 1.96 6.38 -12.92
CA SER A 31 2.81 7.43 -12.35
C SER A 31 2.64 7.44 -10.84
N LEU A 32 1.40 7.37 -10.40
CA LEU A 32 1.08 7.34 -9.00
C LEU A 32 1.60 6.03 -8.40
N CYS A 33 1.53 4.97 -9.18
CA CYS A 33 1.99 3.65 -8.77
C CYS A 33 3.47 3.74 -8.45
N LYS A 34 4.12 4.55 -9.24
CA LYS A 34 5.53 4.74 -9.17
C LYS A 34 5.97 5.42 -7.88
N GLU A 35 5.17 6.32 -7.31
CA GLU A 35 5.62 6.96 -6.08
C GLU A 35 5.55 5.97 -4.95
N TRP A 36 4.77 4.91 -5.10
CA TRP A 36 4.69 3.92 -4.06
C TRP A 36 6.07 3.32 -3.88
N GLU A 37 6.82 3.28 -5.00
CA GLU A 37 8.18 2.75 -4.98
C GLU A 37 9.03 3.64 -4.08
N ALA A 38 8.73 4.94 -4.13
CA ALA A 38 9.45 5.94 -3.36
C ALA A 38 9.27 5.73 -1.88
N ALA A 39 8.16 5.10 -1.50
CA ALA A 39 7.88 4.84 -0.10
C ALA A 39 8.59 3.55 0.32
N VAL A 40 8.84 2.69 -0.67
CA VAL A 40 9.52 1.42 -0.44
C VAL A 40 11.02 1.63 -0.62
N ARG A 41 11.50 2.71 -0.03
CA ARG A 41 12.91 3.15 -0.09
C ARG A 41 13.91 2.14 0.51
N ARG A 42 13.49 0.91 0.73
CA ARG A 42 14.37 -0.09 1.31
C ARG A 42 14.95 -1.02 0.24
N LYS A 43 16.13 -1.57 0.53
CA LYS A 43 16.80 -2.49 -0.38
C LYS A 43 15.92 -3.69 -0.68
N ASN A 44 15.32 -4.24 0.36
CA ASN A 44 14.46 -5.41 0.21
C ASN A 44 13.07 -5.00 -0.25
N PHE A 45 13.00 -4.47 -1.47
CA PHE A 45 11.75 -4.06 -2.07
C PHE A 45 10.85 -5.28 -2.21
N LYS A 46 9.67 -5.20 -1.61
CA LYS A 46 8.70 -6.29 -1.63
C LYS A 46 8.14 -6.51 -3.03
N PRO A 47 7.23 -7.50 -3.22
CA PRO A 47 6.67 -7.78 -4.55
C PRO A 47 6.15 -6.54 -5.27
N THR A 48 6.04 -6.66 -6.58
CA THR A 48 5.64 -5.56 -7.43
C THR A 48 4.15 -5.29 -7.41
N LYS A 49 3.74 -4.39 -8.29
CA LYS A 49 2.35 -3.98 -8.41
C LYS A 49 1.38 -5.12 -8.64
N TYR A 50 1.88 -6.32 -8.89
CA TYR A 50 0.99 -7.43 -9.09
C TYR A 50 0.52 -7.95 -7.74
N SER A 51 1.36 -7.82 -6.72
CA SER A 51 1.01 -8.28 -5.40
C SER A 51 -0.04 -7.35 -4.78
N SER A 52 -0.56 -7.74 -3.63
CA SER A 52 -1.59 -6.96 -2.99
C SER A 52 -1.09 -6.28 -1.70
N ILE A 53 -1.60 -5.05 -1.47
CA ILE A 53 -1.22 -4.21 -0.34
C ILE A 53 -2.41 -4.07 0.62
N CYS A 54 -2.19 -3.61 1.86
CA CYS A 54 -3.29 -3.50 2.82
C CYS A 54 -3.63 -2.04 3.17
N SER A 55 -4.85 -1.85 3.67
CA SER A 55 -5.46 -0.54 3.99
C SER A 55 -4.63 0.42 4.85
N GLU A 56 -4.24 -0.03 6.03
CA GLU A 56 -3.46 0.76 7.00
C GLU A 56 -2.32 1.61 6.40
N HIS A 57 -1.90 1.30 5.20
CA HIS A 57 -0.80 2.03 4.57
C HIS A 57 -1.23 3.34 3.92
N PHE A 58 -2.51 3.51 3.64
CA PHE A 58 -2.98 4.74 3.02
C PHE A 58 -4.14 5.31 3.80
N THR A 59 -4.50 6.52 3.43
CA THR A 59 -5.61 7.18 4.04
C THR A 59 -6.90 6.65 3.47
N PRO A 60 -7.94 6.56 4.29
CA PRO A 60 -9.25 6.07 3.87
C PRO A 60 -9.71 6.72 2.58
N ASP A 61 -9.36 7.98 2.43
CA ASP A 61 -9.72 8.72 1.23
C ASP A 61 -9.11 8.10 0.00
N SER A 62 -7.87 7.67 0.13
CA SER A 62 -7.13 7.07 -0.97
C SER A 62 -7.28 5.57 -0.99
N PHE A 63 -8.06 5.04 -0.06
CA PHE A 63 -8.27 3.59 0.06
C PHE A 63 -8.33 2.86 -1.29
N LYS A 64 -9.28 3.24 -2.16
CA LYS A 64 -9.42 2.58 -3.47
C LYS A 64 -10.49 3.27 -4.33
N ARG A 65 -11.41 2.48 -4.90
CA ARG A 65 -12.48 3.00 -5.75
C ARG A 65 -13.44 3.90 -4.97
N GLU A 66 -13.31 3.90 -3.65
CA GLU A 66 -14.14 4.74 -2.80
C GLU A 66 -13.50 6.11 -2.64
N SER A 67 -12.42 6.34 -3.40
CA SER A 67 -11.70 7.60 -3.35
C SER A 67 -12.51 8.73 -4.00
N ASN A 68 -12.19 9.06 -5.24
CA ASN A 68 -12.87 10.10 -5.96
C ASN A 68 -13.88 9.54 -6.95
N ASN A 69 -13.37 8.96 -8.03
CA ASN A 69 -14.23 8.40 -9.06
C ASN A 69 -14.25 6.88 -9.00
N LYS A 70 -13.14 6.25 -9.37
CA LYS A 70 -13.08 4.80 -9.36
C LYS A 70 -11.73 4.29 -8.85
N LEU A 71 -10.83 5.20 -8.50
CA LEU A 71 -9.52 4.81 -8.02
C LEU A 71 -8.99 5.82 -7.00
N LEU A 72 -7.86 5.48 -6.37
CA LEU A 72 -7.23 6.34 -5.36
C LEU A 72 -6.85 7.70 -5.93
N LYS A 73 -6.54 8.63 -5.03
CA LYS A 73 -6.13 9.95 -5.45
C LYS A 73 -4.72 9.89 -5.99
N GLU A 74 -4.58 10.29 -7.24
CA GLU A 74 -3.31 10.32 -7.95
C GLU A 74 -2.21 11.05 -7.18
N ASN A 75 -2.61 11.86 -6.23
CA ASN A 75 -1.67 12.61 -5.41
C ASN A 75 -1.47 12.00 -4.03
N ALA A 76 -1.92 10.77 -3.86
CA ALA A 76 -1.79 10.10 -2.58
C ALA A 76 -1.03 8.78 -2.70
N VAL A 77 -0.01 8.65 -1.86
CA VAL A 77 0.82 7.45 -1.84
C VAL A 77 1.00 6.99 -0.39
N PRO A 78 0.91 5.67 -0.13
CA PRO A 78 1.04 5.06 1.19
C PRO A 78 2.28 5.53 1.97
N THR A 79 2.05 6.44 2.90
CA THR A 79 3.12 6.98 3.73
C THR A 79 3.12 6.33 5.10
N ILE A 80 2.01 5.68 5.40
CA ILE A 80 1.82 5.01 6.70
C ILE A 80 2.61 3.69 6.76
N PHE A 81 3.41 3.43 5.73
CA PHE A 81 4.21 2.20 5.64
C PHE A 81 4.94 1.87 6.93
N LEU A 82 5.80 2.78 7.39
CA LEU A 82 6.58 2.56 8.60
C LEU A 82 7.25 3.86 9.04
N GLU A 83 7.64 3.91 10.30
CA GLU A 83 8.32 5.07 10.86
C GLU A 83 9.68 5.25 10.20
N LEU A 84 10.62 4.37 10.52
CA LEU A 84 11.95 4.44 9.95
C LEU A 84 12.54 3.03 9.81
N VAL A 85 12.85 2.42 10.94
CA VAL A 85 13.42 1.07 10.94
C VAL A 85 13.01 0.30 12.19
N PRO A 86 12.50 -0.92 12.01
CA PRO A 86 12.08 -1.77 13.12
C PRO A 86 13.29 -2.24 13.93
N ARG A 87 13.06 -2.62 15.19
CA ARG A 87 14.14 -3.07 16.04
C ARG A 87 14.00 -4.55 16.36
ZN ZN D . 0.23 -3.59 6.04
N MET A 1 -0.27 -12.05 -2.75
CA MET A 1 0.19 -12.86 -1.60
C MET A 1 -0.28 -12.24 -0.30
N VAL A 2 -0.45 -13.06 0.73
CA VAL A 2 -0.88 -12.56 2.02
C VAL A 2 0.27 -12.68 3.01
N GLN A 3 1.46 -12.94 2.48
CA GLN A 3 2.65 -13.09 3.31
C GLN A 3 3.04 -11.76 3.96
N SER A 4 2.95 -10.68 3.20
CA SER A 4 3.29 -9.35 3.70
C SER A 4 2.98 -8.30 2.64
N CYS A 5 2.74 -7.07 3.08
CA CYS A 5 2.43 -5.97 2.17
C CYS A 5 3.71 -5.46 1.51
N SER A 6 3.57 -4.51 0.59
CA SER A 6 4.72 -3.95 -0.13
C SER A 6 5.57 -3.03 0.75
N ALA A 7 5.17 -2.85 2.00
CA ALA A 7 5.95 -2.02 2.92
C ALA A 7 7.20 -2.78 3.34
N TYR A 8 8.07 -2.16 4.11
CA TYR A 8 9.29 -2.83 4.51
C TYR A 8 9.23 -3.32 5.96
N GLY A 9 8.62 -4.45 6.16
CA GLY A 9 8.52 -5.03 7.47
C GLY A 9 7.09 -5.29 7.92
N CYS A 10 6.12 -4.82 7.15
CA CYS A 10 4.72 -5.00 7.50
C CYS A 10 4.18 -6.36 7.08
N LYS A 11 4.57 -7.41 7.79
CA LYS A 11 4.06 -8.73 7.49
C LYS A 11 2.78 -9.01 8.29
N ASN A 12 1.89 -8.03 8.25
CA ASN A 12 0.61 -8.08 8.96
C ASN A 12 -0.42 -8.87 8.16
N ARG A 13 0.01 -10.04 7.74
CA ARG A 13 -0.80 -10.99 6.97
C ARG A 13 -2.28 -10.92 7.39
N TYR A 14 -3.17 -10.85 6.38
CA TYR A 14 -4.63 -10.76 6.59
C TYR A 14 -5.08 -11.40 7.89
N ASP A 15 -5.45 -10.57 8.83
CA ASP A 15 -5.90 -11.01 10.13
C ASP A 15 -7.26 -10.39 10.39
N LYS A 16 -8.27 -11.24 10.33
CA LYS A 16 -9.66 -10.82 10.52
C LYS A 16 -9.88 -10.13 11.86
N ASP A 17 -9.05 -10.45 12.84
CA ASP A 17 -9.17 -9.87 14.16
C ASP A 17 -8.76 -8.41 14.14
N LYS A 18 -7.86 -8.10 13.22
CA LYS A 18 -7.37 -6.74 13.06
C LYS A 18 -8.17 -6.04 11.94
N PRO A 19 -8.34 -4.71 12.03
CA PRO A 19 -9.10 -3.97 11.03
C PRO A 19 -8.26 -3.48 9.85
N VAL A 20 -7.94 -4.39 8.92
CA VAL A 20 -7.20 -4.04 7.72
C VAL A 20 -7.69 -4.87 6.54
N SER A 21 -7.92 -4.21 5.43
CA SER A 21 -8.34 -4.88 4.23
C SER A 21 -7.18 -4.91 3.24
N PHE A 22 -7.24 -5.76 2.24
CA PHE A 22 -6.16 -5.83 1.28
C PHE A 22 -6.63 -5.24 -0.06
N HIS A 23 -5.66 -4.91 -0.90
CA HIS A 23 -5.90 -4.32 -2.22
C HIS A 23 -4.71 -4.59 -3.10
N LYS A 24 -4.78 -4.21 -4.35
CA LYS A 24 -3.66 -4.40 -5.25
C LYS A 24 -3.10 -3.01 -5.62
N PHE A 25 -1.90 -2.95 -6.21
CA PHE A 25 -1.31 -1.66 -6.61
C PHE A 25 -2.21 -0.92 -7.62
N PRO A 26 -2.05 0.42 -7.70
CA PRO A 26 -2.79 1.25 -8.67
C PRO A 26 -2.30 0.98 -10.09
N LEU A 27 -2.66 -0.18 -10.62
CA LEU A 27 -2.22 -0.61 -11.94
C LEU A 27 -2.80 0.27 -13.02
N THR A 28 -3.91 0.89 -12.70
CA THR A 28 -4.58 1.75 -13.63
C THR A 28 -4.09 3.19 -13.53
N ARG A 29 -3.08 3.40 -12.70
CA ARG A 29 -2.49 4.70 -12.52
C ARG A 29 -0.99 4.52 -12.25
N PRO A 30 -0.26 3.99 -13.25
CA PRO A 30 1.18 3.73 -13.15
C PRO A 30 2.00 4.84 -12.50
N SER A 31 1.86 6.07 -13.00
CA SER A 31 2.59 7.20 -12.43
C SER A 31 2.44 7.21 -10.92
N LEU A 32 1.20 7.13 -10.48
CA LEU A 32 0.88 7.11 -9.07
C LEU A 32 1.46 5.84 -8.45
N CYS A 33 1.43 4.76 -9.22
CA CYS A 33 1.93 3.47 -8.77
C CYS A 33 3.41 3.61 -8.44
N LYS A 34 4.04 4.41 -9.26
CA LYS A 34 5.44 4.65 -9.21
C LYS A 34 5.87 5.39 -7.95
N GLU A 35 5.02 6.27 -7.41
CA GLU A 35 5.46 6.99 -6.22
C GLU A 35 5.42 6.05 -5.04
N TRP A 36 4.65 4.97 -5.16
CA TRP A 36 4.59 4.02 -4.08
C TRP A 36 5.99 3.46 -3.89
N GLU A 37 6.72 3.37 -5.00
CA GLU A 37 8.10 2.86 -4.97
C GLU A 37 8.94 3.83 -4.14
N ALA A 38 8.62 5.12 -4.27
CA ALA A 38 9.34 6.17 -3.57
C ALA A 38 9.22 6.00 -2.08
N ALA A 39 8.14 5.35 -1.63
CA ALA A 39 7.94 5.11 -0.22
C ALA A 39 8.64 3.82 0.18
N VAL A 40 8.77 2.91 -0.77
CA VAL A 40 9.44 1.62 -0.54
C VAL A 40 10.93 1.79 -0.84
N ARG A 41 11.50 2.87 -0.36
CA ARG A 41 12.92 3.20 -0.57
C ARG A 41 13.86 2.28 0.20
N ARG A 42 13.34 1.19 0.73
CA ARG A 42 14.13 0.24 1.49
C ARG A 42 14.85 -0.72 0.57
N LYS A 43 15.94 -1.31 1.05
CA LYS A 43 16.69 -2.28 0.28
C LYS A 43 15.83 -3.49 0.02
N ASN A 44 15.12 -3.93 1.06
CA ASN A 44 14.25 -5.09 0.96
C ASN A 44 12.90 -4.72 0.34
N PHE A 45 12.94 -4.24 -0.90
CA PHE A 45 11.72 -3.88 -1.61
C PHE A 45 10.90 -5.16 -1.81
N LYS A 46 9.75 -5.22 -1.15
CA LYS A 46 8.85 -6.36 -1.23
C LYS A 46 8.24 -6.53 -2.62
N PRO A 47 7.35 -7.54 -2.84
CA PRO A 47 6.75 -7.78 -4.15
C PRO A 47 6.21 -6.54 -4.84
N THR A 48 6.05 -6.69 -6.14
CA THR A 48 5.63 -5.62 -7.02
C THR A 48 4.14 -5.35 -6.98
N LYS A 49 3.72 -4.54 -7.94
CA LYS A 49 2.34 -4.12 -8.09
C LYS A 49 1.39 -5.29 -8.32
N TYR A 50 1.91 -6.48 -8.55
CA TYR A 50 1.02 -7.60 -8.75
C TYR A 50 0.57 -8.12 -7.40
N SER A 51 1.39 -7.87 -6.39
CA SER A 51 1.06 -8.27 -5.05
C SER A 51 0.00 -7.34 -4.48
N SER A 52 -0.53 -7.70 -3.33
CA SER A 52 -1.58 -6.92 -2.72
C SER A 52 -1.08 -6.20 -1.45
N ILE A 53 -1.63 -5.01 -1.21
CA ILE A 53 -1.25 -4.15 -0.10
C ILE A 53 -2.43 -4.04 0.88
N CYS A 54 -2.20 -3.57 2.11
CA CYS A 54 -3.28 -3.49 3.09
C CYS A 54 -3.59 -2.04 3.52
N SER A 55 -4.83 -1.87 4.01
CA SER A 55 -5.41 -0.58 4.42
C SER A 55 -4.47 0.38 5.15
N GLU A 56 -4.03 -0.05 6.33
CA GLU A 56 -3.13 0.72 7.22
C GLU A 56 -2.08 1.59 6.53
N HIS A 57 -1.71 1.26 5.31
CA HIS A 57 -0.67 2.01 4.60
C HIS A 57 -1.18 3.29 3.95
N PHE A 58 -2.49 3.42 3.76
CA PHE A 58 -3.05 4.63 3.16
C PHE A 58 -4.17 5.14 4.03
N THR A 59 -4.46 6.41 3.87
CA THR A 59 -5.55 7.02 4.58
C THR A 59 -6.85 6.55 3.98
N PRO A 60 -7.89 6.42 4.80
CA PRO A 60 -9.23 6.01 4.35
C PRO A 60 -9.63 6.78 3.11
N ASP A 61 -9.23 8.04 3.10
CA ASP A 61 -9.51 8.93 1.97
C ASP A 61 -8.87 8.38 0.72
N SER A 62 -7.63 7.93 0.87
CA SER A 62 -6.80 7.39 -0.20
C SER A 62 -7.10 5.93 -0.50
N PHE A 63 -8.03 5.36 0.25
CA PHE A 63 -8.40 3.93 0.15
C PHE A 63 -8.39 3.32 -1.28
N LYS A 64 -9.37 3.68 -2.13
CA LYS A 64 -9.46 3.06 -3.46
C LYS A 64 -10.57 3.67 -4.33
N ARG A 65 -11.30 2.79 -5.04
CA ARG A 65 -12.38 3.17 -5.95
C ARG A 65 -13.49 3.95 -5.27
N GLU A 66 -13.55 3.89 -3.95
CA GLU A 66 -14.56 4.63 -3.20
C GLU A 66 -14.17 6.11 -3.13
N SER A 67 -13.10 6.45 -3.84
CA SER A 67 -12.59 7.81 -3.89
C SER A 67 -13.56 8.77 -4.60
N ASN A 68 -13.16 9.28 -5.76
CA ASN A 68 -13.99 10.23 -6.50
C ASN A 68 -14.71 9.56 -7.67
N ASN A 69 -13.96 9.19 -8.70
CA ASN A 69 -14.56 8.57 -9.88
C ASN A 69 -14.50 7.04 -9.82
N LYS A 70 -13.31 6.47 -9.92
CA LYS A 70 -13.18 5.02 -9.94
C LYS A 70 -11.89 4.52 -9.28
N LEU A 71 -10.99 5.43 -8.91
CA LEU A 71 -9.73 5.01 -8.29
C LEU A 71 -9.25 6.01 -7.25
N LEU A 72 -8.07 5.75 -6.70
CA LEU A 72 -7.48 6.58 -5.65
C LEU A 72 -7.09 7.97 -6.14
N LYS A 73 -6.53 8.73 -5.21
CA LYS A 73 -6.06 10.07 -5.47
C LYS A 73 -4.70 9.98 -6.12
N GLU A 74 -4.58 10.51 -7.30
CA GLU A 74 -3.32 10.51 -8.04
C GLU A 74 -2.20 11.13 -7.22
N ASN A 75 -2.55 12.05 -6.35
CA ASN A 75 -1.58 12.71 -5.49
C ASN A 75 -1.50 12.05 -4.12
N ALA A 76 -1.94 10.82 -4.05
CA ALA A 76 -1.91 10.08 -2.79
C ALA A 76 -1.12 8.80 -2.91
N VAL A 77 -0.18 8.64 -2.00
CA VAL A 77 0.68 7.48 -1.96
C VAL A 77 0.89 7.04 -0.50
N PRO A 78 0.89 5.71 -0.25
CA PRO A 78 1.06 5.12 1.08
C PRO A 78 2.27 5.67 1.83
N THR A 79 2.01 6.40 2.90
CA THR A 79 3.06 6.99 3.71
C THR A 79 3.11 6.33 5.08
N ILE A 80 2.04 5.63 5.40
CA ILE A 80 1.89 4.93 6.68
C ILE A 80 2.64 3.60 6.69
N PHE A 81 3.40 3.35 5.62
CA PHE A 81 4.19 2.12 5.47
C PHE A 81 4.89 1.69 6.75
N LEU A 82 5.37 2.66 7.53
CA LEU A 82 6.07 2.36 8.78
C LEU A 82 6.16 3.61 9.65
N GLU A 83 6.67 3.44 10.85
CA GLU A 83 6.83 4.52 11.80
C GLU A 83 7.95 5.48 11.40
N LEU A 84 8.99 4.89 10.81
CA LEU A 84 10.17 5.65 10.39
C LEU A 84 9.85 6.65 9.27
N VAL A 85 8.99 6.29 8.33
CA VAL A 85 8.65 7.21 7.25
C VAL A 85 7.71 8.31 7.71
N PRO A 86 8.18 9.57 7.65
CA PRO A 86 7.41 10.74 8.04
C PRO A 86 6.34 11.06 7.00
N ARG A 87 5.37 11.88 7.38
CA ARG A 87 4.30 12.26 6.48
C ARG A 87 3.64 13.53 6.96
ZN ZN D . 0.43 -3.63 6.06
N MET A 1 -0.20 -12.17 -3.12
CA MET A 1 0.24 -12.87 -1.88
C MET A 1 -0.24 -12.12 -0.66
N VAL A 2 -0.32 -12.81 0.46
CA VAL A 2 -0.74 -12.20 1.71
C VAL A 2 0.34 -12.40 2.76
N GLN A 3 1.51 -12.81 2.29
CA GLN A 3 2.65 -13.06 3.17
C GLN A 3 3.08 -11.77 3.87
N SER A 4 3.00 -10.65 3.15
CA SER A 4 3.38 -9.36 3.70
C SER A 4 3.07 -8.26 2.68
N CYS A 5 2.89 -7.04 3.17
CA CYS A 5 2.60 -5.91 2.32
C CYS A 5 3.89 -5.42 1.65
N SER A 6 3.77 -4.44 0.75
CA SER A 6 4.91 -3.89 0.05
C SER A 6 5.75 -2.98 0.95
N ALA A 7 5.26 -2.75 2.17
CA ALA A 7 5.97 -1.92 3.14
C ALA A 7 7.17 -2.70 3.66
N TYR A 8 8.01 -2.06 4.47
CA TYR A 8 9.17 -2.73 4.98
C TYR A 8 8.97 -3.14 6.44
N GLY A 9 8.69 -4.42 6.63
CA GLY A 9 8.52 -4.96 7.95
C GLY A 9 7.07 -5.30 8.29
N CYS A 10 6.13 -4.74 7.54
CA CYS A 10 4.71 -4.97 7.79
C CYS A 10 4.23 -6.31 7.24
N LYS A 11 4.62 -7.40 7.89
CA LYS A 11 4.15 -8.71 7.47
C LYS A 11 2.88 -9.05 8.25
N ASN A 12 1.94 -8.11 8.23
CA ASN A 12 0.67 -8.23 8.92
C ASN A 12 -0.34 -9.02 8.12
N ARG A 13 0.12 -10.18 7.67
CA ARG A 13 -0.69 -11.12 6.87
C ARG A 13 -2.16 -11.08 7.31
N TYR A 14 -3.06 -10.93 6.32
CA TYR A 14 -4.53 -10.86 6.52
C TYR A 14 -4.98 -11.53 7.82
N ASP A 15 -5.38 -10.72 8.77
CA ASP A 15 -5.87 -11.20 10.04
C ASP A 15 -7.23 -10.58 10.29
N LYS A 16 -8.26 -11.40 10.18
CA LYS A 16 -9.64 -10.96 10.36
C LYS A 16 -9.84 -10.29 11.71
N ASP A 17 -9.00 -10.64 12.68
CA ASP A 17 -9.10 -10.08 14.00
C ASP A 17 -8.68 -8.62 14.01
N LYS A 18 -7.75 -8.31 13.11
CA LYS A 18 -7.22 -6.96 12.98
C LYS A 18 -8.02 -6.21 11.91
N PRO A 19 -8.18 -4.89 12.07
CA PRO A 19 -8.95 -4.10 11.11
C PRO A 19 -8.13 -3.58 9.93
N VAL A 20 -7.85 -4.47 8.98
CA VAL A 20 -7.12 -4.10 7.76
C VAL A 20 -7.62 -4.92 6.59
N SER A 21 -7.89 -4.26 5.49
CA SER A 21 -8.33 -4.93 4.29
C SER A 21 -7.19 -4.93 3.27
N PHE A 22 -7.26 -5.77 2.26
CA PHE A 22 -6.20 -5.83 1.28
C PHE A 22 -6.66 -5.22 -0.06
N HIS A 23 -5.68 -4.90 -0.90
CA HIS A 23 -5.91 -4.30 -2.22
C HIS A 23 -4.71 -4.57 -3.08
N LYS A 24 -4.75 -4.15 -4.32
CA LYS A 24 -3.63 -4.34 -5.21
C LYS A 24 -3.08 -2.95 -5.59
N PHE A 25 -1.88 -2.89 -6.17
CA PHE A 25 -1.30 -1.60 -6.57
C PHE A 25 -2.19 -0.87 -7.59
N PRO A 26 -2.07 0.48 -7.67
CA PRO A 26 -2.82 1.29 -8.64
C PRO A 26 -2.30 1.01 -10.05
N LEU A 27 -2.67 -0.14 -10.59
CA LEU A 27 -2.21 -0.55 -11.90
C LEU A 27 -2.79 0.32 -12.99
N THR A 28 -3.89 0.95 -12.68
CA THR A 28 -4.57 1.80 -13.64
C THR A 28 -4.09 3.24 -13.53
N ARG A 29 -3.10 3.46 -12.67
CA ARG A 29 -2.51 4.77 -12.49
C ARG A 29 -1.03 4.60 -12.19
N PRO A 30 -0.27 4.08 -13.19
CA PRO A 30 1.16 3.81 -13.06
C PRO A 30 1.98 4.93 -12.43
N SER A 31 1.87 6.14 -12.94
CA SER A 31 2.62 7.27 -12.39
C SER A 31 2.44 7.31 -10.87
N LEU A 32 1.19 7.23 -10.45
CA LEU A 32 0.85 7.21 -9.05
C LEU A 32 1.41 5.95 -8.40
N CYS A 33 1.37 4.86 -9.17
CA CYS A 33 1.87 3.58 -8.69
C CYS A 33 3.34 3.70 -8.36
N LYS A 34 3.98 4.52 -9.17
CA LYS A 34 5.39 4.75 -9.09
C LYS A 34 5.79 5.50 -7.82
N GLU A 35 4.95 6.39 -7.29
CA GLU A 35 5.38 7.09 -6.08
C GLU A 35 5.34 6.13 -4.91
N TRP A 36 4.58 5.04 -5.05
CA TRP A 36 4.53 4.07 -3.99
C TRP A 36 5.93 3.49 -3.82
N GLU A 37 6.66 3.42 -4.94
CA GLU A 37 8.02 2.91 -4.92
C GLU A 37 8.87 3.85 -4.07
N ALA A 38 8.54 5.14 -4.12
CA ALA A 38 9.25 6.19 -3.39
C ALA A 38 9.15 5.96 -1.90
N ALA A 39 8.08 5.30 -1.46
CA ALA A 39 7.89 5.01 -0.05
C ALA A 39 8.59 3.71 0.29
N VAL A 40 8.75 2.87 -0.73
CA VAL A 40 9.43 1.58 -0.56
C VAL A 40 10.92 1.77 -0.82
N ARG A 41 11.45 2.83 -0.24
CA ARG A 41 12.87 3.19 -0.39
C ARG A 41 13.81 2.21 0.33
N ARG A 42 13.26 1.12 0.85
CA ARG A 42 14.06 0.14 1.55
C ARG A 42 14.84 -0.70 0.55
N LYS A 43 16.03 -1.14 0.94
CA LYS A 43 16.88 -1.95 0.07
C LYS A 43 16.18 -3.24 -0.33
N ASN A 44 15.44 -3.82 0.60
CA ASN A 44 14.76 -5.06 0.34
C ASN A 44 13.33 -4.79 -0.13
N PHE A 45 13.23 -4.18 -1.31
CA PHE A 45 11.94 -3.87 -1.94
C PHE A 45 11.12 -5.15 -2.09
N LYS A 46 9.95 -5.15 -1.47
CA LYS A 46 9.04 -6.30 -1.48
C LYS A 46 8.41 -6.51 -2.87
N PRO A 47 7.48 -7.49 -3.03
CA PRO A 47 6.84 -7.76 -4.32
C PRO A 47 6.32 -6.52 -5.03
N THR A 48 6.09 -6.69 -6.31
CA THR A 48 5.66 -5.63 -7.18
C THR A 48 4.19 -5.32 -7.08
N LYS A 49 3.76 -4.50 -8.03
CA LYS A 49 2.38 -4.06 -8.14
C LYS A 49 1.41 -5.20 -8.37
N TYR A 50 1.90 -6.41 -8.61
CA TYR A 50 0.99 -7.51 -8.80
C TYR A 50 0.56 -8.04 -7.45
N SER A 51 1.38 -7.81 -6.45
CA SER A 51 1.07 -8.23 -5.11
C SER A 51 0.02 -7.31 -4.53
N SER A 52 -0.51 -7.68 -3.38
CA SER A 52 -1.56 -6.90 -2.76
C SER A 52 -1.06 -6.18 -1.50
N ILE A 53 -1.62 -4.99 -1.26
CA ILE A 53 -1.25 -4.13 -0.15
C ILE A 53 -2.41 -4.03 0.85
N CYS A 54 -2.16 -3.56 2.07
CA CYS A 54 -3.22 -3.50 3.07
C CYS A 54 -3.54 -2.05 3.49
N SER A 55 -4.78 -1.89 4.01
CA SER A 55 -5.38 -0.61 4.41
C SER A 55 -4.48 0.35 5.20
N GLU A 56 -4.02 -0.10 6.36
CA GLU A 56 -3.17 0.68 7.29
C GLU A 56 -2.08 1.54 6.62
N HIS A 57 -1.76 1.28 5.37
CA HIS A 57 -0.72 2.03 4.69
C HIS A 57 -1.19 3.33 4.05
N PHE A 58 -2.50 3.50 3.85
CA PHE A 58 -3.02 4.73 3.25
C PHE A 58 -4.16 5.25 4.07
N THR A 59 -4.46 6.52 3.90
CA THR A 59 -5.56 7.14 4.57
C THR A 59 -6.86 6.66 3.96
N PRO A 60 -7.90 6.57 4.77
CA PRO A 60 -9.23 6.17 4.31
C PRO A 60 -9.63 6.94 3.07
N ASP A 61 -9.23 8.21 3.04
CA ASP A 61 -9.50 9.07 1.91
C ASP A 61 -8.83 8.51 0.66
N SER A 62 -7.59 8.07 0.85
CA SER A 62 -6.75 7.53 -0.20
C SER A 62 -7.05 6.07 -0.51
N PHE A 63 -7.99 5.50 0.21
CA PHE A 63 -8.36 4.08 0.09
C PHE A 63 -8.32 3.49 -1.33
N LYS A 64 -9.32 3.79 -2.18
CA LYS A 64 -9.39 3.20 -3.53
C LYS A 64 -10.50 3.79 -4.40
N ARG A 65 -11.21 2.91 -5.13
CA ARG A 65 -12.29 3.29 -6.04
C ARG A 65 -13.42 4.05 -5.34
N GLU A 66 -13.47 3.96 -4.03
CA GLU A 66 -14.49 4.66 -3.25
C GLU A 66 -14.13 6.14 -3.16
N SER A 67 -13.06 6.51 -3.88
CA SER A 67 -12.56 7.87 -3.91
C SER A 67 -13.56 8.83 -4.60
N ASN A 68 -13.19 9.35 -5.76
CA ASN A 68 -14.03 10.29 -6.49
C ASN A 68 -14.80 9.60 -7.61
N ASN A 69 -14.10 9.21 -8.68
CA ASN A 69 -14.75 8.58 -9.80
C ASN A 69 -14.62 7.04 -9.74
N LYS A 70 -13.41 6.51 -9.88
CA LYS A 70 -13.22 5.08 -9.89
C LYS A 70 -11.89 4.63 -9.29
N LEU A 71 -11.03 5.56 -8.87
CA LEU A 71 -9.74 5.15 -8.30
C LEU A 71 -9.22 6.17 -7.29
N LEU A 72 -8.05 5.87 -6.71
CA LEU A 72 -7.45 6.72 -5.68
C LEU A 72 -7.04 8.10 -6.17
N LYS A 73 -6.49 8.85 -5.25
CA LYS A 73 -6.01 10.19 -5.51
C LYS A 73 -4.67 10.09 -6.21
N GLU A 74 -4.60 10.64 -7.41
CA GLU A 74 -3.38 10.64 -8.21
C GLU A 74 -2.18 11.19 -7.44
N ASN A 75 -2.45 12.03 -6.47
CA ASN A 75 -1.39 12.62 -5.65
C ASN A 75 -1.31 12.00 -4.25
N ALA A 76 -1.88 10.81 -4.11
CA ALA A 76 -1.87 10.12 -2.82
C ALA A 76 -1.09 8.82 -2.89
N VAL A 77 -0.16 8.68 -1.95
CA VAL A 77 0.68 7.50 -1.86
C VAL A 77 0.84 7.08 -0.40
N PRO A 78 0.79 5.77 -0.12
CA PRO A 78 0.92 5.19 1.22
C PRO A 78 2.17 5.68 1.95
N THR A 79 1.95 6.49 2.97
CA THR A 79 3.03 7.03 3.77
C THR A 79 3.08 6.38 5.14
N ILE A 80 1.98 5.71 5.47
CA ILE A 80 1.82 5.03 6.76
C ILE A 80 2.56 3.69 6.78
N PHE A 81 3.35 3.42 5.73
CA PHE A 81 4.11 2.18 5.61
C PHE A 81 4.78 1.76 6.92
N LEU A 82 5.32 2.72 7.67
CA LEU A 82 5.98 2.42 8.93
C LEU A 82 6.15 3.69 9.77
N GLU A 83 6.59 3.51 11.00
CA GLU A 83 6.82 4.59 11.95
C GLU A 83 8.07 5.38 11.61
N LEU A 84 9.08 4.68 11.13
CA LEU A 84 10.36 5.29 10.78
C LEU A 84 10.22 6.29 9.63
N VAL A 85 9.46 5.94 8.60
CA VAL A 85 9.27 6.85 7.48
C VAL A 85 8.35 8.00 7.86
N PRO A 86 8.86 9.23 7.77
CA PRO A 86 8.10 10.44 8.10
C PRO A 86 6.90 10.62 7.19
N ARG A 87 5.84 11.19 7.74
CA ARG A 87 4.61 11.42 7.01
C ARG A 87 3.83 12.54 7.67
ZN ZN D . 0.48 -3.57 6.15
N MET A 1 -0.29 -14.09 -3.78
CA MET A 1 0.21 -12.69 -3.81
C MET A 1 -0.27 -11.92 -2.59
N VAL A 2 -0.29 -12.58 -1.43
CA VAL A 2 -0.76 -11.95 -0.20
C VAL A 2 0.14 -12.24 0.97
N GLN A 3 1.39 -12.58 0.70
CA GLN A 3 2.33 -12.90 1.77
C GLN A 3 2.54 -11.69 2.69
N SER A 4 2.57 -10.49 2.11
CA SER A 4 2.72 -9.26 2.88
C SER A 4 2.64 -8.03 1.99
N CYS A 5 2.45 -6.86 2.61
CA CYS A 5 2.33 -5.61 1.89
C CYS A 5 3.69 -5.12 1.42
N SER A 6 3.69 -4.16 0.50
CA SER A 6 4.91 -3.60 -0.07
C SER A 6 5.67 -2.70 0.92
N ALA A 7 5.20 -2.62 2.15
CA ALA A 7 5.84 -1.78 3.16
C ALA A 7 7.11 -2.45 3.70
N TYR A 8 7.77 -1.78 4.62
CA TYR A 8 9.01 -2.29 5.20
C TYR A 8 8.77 -2.83 6.61
N GLY A 9 8.49 -4.12 6.71
CA GLY A 9 8.31 -4.75 8.01
C GLY A 9 6.86 -4.95 8.40
N CYS A 10 5.92 -4.57 7.55
CA CYS A 10 4.52 -4.73 7.87
C CYS A 10 4.05 -6.15 7.57
N LYS A 11 4.46 -7.10 8.39
CA LYS A 11 4.06 -8.49 8.23
C LYS A 11 2.69 -8.71 8.85
N ASN A 12 1.80 -7.76 8.62
CA ASN A 12 0.43 -7.79 9.15
C ASN A 12 -0.50 -8.57 8.25
N ARG A 13 -0.05 -9.76 7.87
CA ARG A 13 -0.83 -10.67 7.03
C ARG A 13 -2.29 -10.69 7.49
N TYR A 14 -3.20 -10.57 6.51
CA TYR A 14 -4.65 -10.55 6.73
C TYR A 14 -5.09 -11.17 8.05
N ASP A 15 -5.51 -10.31 8.96
CA ASP A 15 -5.98 -10.75 10.24
C ASP A 15 -7.30 -10.08 10.50
N LYS A 16 -8.37 -10.85 10.41
CA LYS A 16 -9.72 -10.37 10.61
C LYS A 16 -9.90 -9.74 11.98
N ASP A 17 -9.02 -10.09 12.91
CA ASP A 17 -9.08 -9.56 14.26
C ASP A 17 -8.68 -8.09 14.27
N LYS A 18 -7.80 -7.74 13.33
CA LYS A 18 -7.30 -6.40 13.20
C LYS A 18 -8.11 -5.65 12.14
N PRO A 19 -8.26 -4.31 12.27
CA PRO A 19 -9.04 -3.53 11.33
C PRO A 19 -8.26 -3.08 10.09
N VAL A 20 -8.06 -4.00 9.16
CA VAL A 20 -7.37 -3.70 7.90
C VAL A 20 -7.94 -4.55 6.77
N SER A 21 -7.90 -4.01 5.56
CA SER A 21 -8.38 -4.71 4.39
C SER A 21 -7.26 -4.77 3.35
N PHE A 22 -7.33 -5.70 2.40
CA PHE A 22 -6.29 -5.81 1.38
C PHE A 22 -6.80 -5.35 0.02
N HIS A 23 -5.88 -4.74 -0.72
CA HIS A 23 -6.14 -4.18 -2.06
C HIS A 23 -4.92 -4.39 -2.93
N LYS A 24 -4.97 -3.99 -4.18
CA LYS A 24 -3.81 -4.13 -5.04
C LYS A 24 -3.26 -2.76 -5.42
N PHE A 25 -2.04 -2.75 -5.98
CA PHE A 25 -1.41 -1.49 -6.40
C PHE A 25 -2.29 -0.76 -7.43
N PRO A 26 -2.11 0.56 -7.55
CA PRO A 26 -2.85 1.38 -8.52
C PRO A 26 -2.35 1.08 -9.93
N LEU A 27 -2.74 -0.08 -10.44
CA LEU A 27 -2.31 -0.52 -11.75
C LEU A 27 -2.89 0.36 -12.83
N THR A 28 -4.00 0.98 -12.52
CA THR A 28 -4.67 1.86 -13.44
C THR A 28 -4.22 3.30 -13.20
N ARG A 29 -3.15 3.44 -12.40
CA ARG A 29 -2.57 4.74 -12.08
C ARG A 29 -1.05 4.56 -11.97
N PRO A 30 -0.39 4.13 -13.07
CA PRO A 30 1.04 3.84 -13.09
C PRO A 30 1.97 4.89 -12.47
N SER A 31 1.92 6.13 -12.95
CA SER A 31 2.77 7.18 -12.39
C SER A 31 2.64 7.20 -10.87
N LEU A 32 1.39 7.18 -10.43
CA LEU A 32 1.08 7.17 -9.03
C LEU A 32 1.58 5.85 -8.41
N CYS A 33 1.50 4.78 -9.20
CA CYS A 33 1.92 3.47 -8.76
C CYS A 33 3.40 3.50 -8.45
N LYS A 34 4.06 4.27 -9.27
CA LYS A 34 5.49 4.43 -9.22
C LYS A 34 5.95 5.16 -7.97
N GLU A 35 5.16 6.09 -7.42
CA GLU A 35 5.65 6.78 -6.24
C GLU A 35 5.59 5.86 -5.05
N TRP A 36 4.79 4.80 -5.16
CA TRP A 36 4.72 3.84 -4.08
C TRP A 36 6.09 3.23 -3.92
N GLU A 37 6.81 3.12 -5.04
CA GLU A 37 8.16 2.56 -5.00
C GLU A 37 9.05 3.51 -4.20
N ALA A 38 8.77 4.80 -4.31
CA ALA A 38 9.51 5.84 -3.63
C ALA A 38 9.36 5.72 -2.13
N ALA A 39 8.28 5.08 -1.71
CA ALA A 39 8.00 4.88 -0.30
C ALA A 39 8.70 3.60 0.18
N VAL A 40 8.92 2.69 -0.77
CA VAL A 40 9.59 1.42 -0.47
C VAL A 40 11.09 1.61 -0.63
N ARG A 41 11.57 2.66 0.02
CA ARG A 41 12.97 3.08 0.01
C ARG A 41 13.94 2.06 0.65
N ARG A 42 13.49 0.84 0.87
CA ARG A 42 14.36 -0.16 1.49
C ARG A 42 14.87 -1.18 0.46
N LYS A 43 15.99 -1.81 0.78
CA LYS A 43 16.61 -2.80 -0.09
C LYS A 43 15.70 -4.04 -0.22
N ASN A 44 14.99 -4.35 0.84
CA ASN A 44 14.12 -5.52 0.85
C ASN A 44 12.74 -5.19 0.32
N PHE A 45 12.72 -4.58 -0.87
CA PHE A 45 11.48 -4.21 -1.55
C PHE A 45 10.58 -5.44 -1.65
N LYS A 46 9.44 -5.37 -1.01
CA LYS A 46 8.47 -6.46 -1.00
C LYS A 46 7.84 -6.64 -2.38
N PRO A 47 6.94 -7.63 -2.57
CA PRO A 47 6.32 -7.87 -3.88
C PRO A 47 5.78 -6.61 -4.55
N THR A 48 5.67 -6.72 -5.85
CA THR A 48 5.26 -5.61 -6.71
C THR A 48 3.77 -5.36 -6.73
N LYS A 49 3.37 -4.56 -7.71
CA LYS A 49 1.99 -4.19 -7.92
C LYS A 49 1.08 -5.37 -8.17
N TYR A 50 1.64 -6.55 -8.42
CA TYR A 50 0.79 -7.69 -8.63
C TYR A 50 0.37 -8.24 -7.28
N SER A 51 1.07 -7.84 -6.25
CA SER A 51 0.73 -8.25 -4.92
C SER A 51 -0.27 -7.27 -4.34
N SER A 52 -0.83 -7.57 -3.19
CA SER A 52 -1.83 -6.72 -2.59
C SER A 52 -1.31 -6.00 -1.33
N ILE A 53 -1.86 -4.81 -1.09
CA ILE A 53 -1.47 -3.96 0.02
C ILE A 53 -2.63 -3.83 1.00
N CYS A 54 -2.39 -3.34 2.21
CA CYS A 54 -3.44 -3.23 3.20
C CYS A 54 -3.73 -1.77 3.59
N SER A 55 -4.96 -1.54 4.08
CA SER A 55 -5.51 -0.23 4.43
C SER A 55 -4.55 0.72 5.14
N GLU A 56 -4.13 0.32 6.33
CA GLU A 56 -3.20 1.05 7.21
C GLU A 56 -2.12 1.88 6.50
N HIS A 57 -1.78 1.53 5.28
CA HIS A 57 -0.73 2.23 4.57
C HIS A 57 -1.20 3.50 3.86
N PHE A 58 -2.50 3.68 3.66
CA PHE A 58 -2.99 4.88 2.98
C PHE A 58 -4.09 5.54 3.76
N THR A 59 -4.45 6.72 3.32
CA THR A 59 -5.52 7.46 3.93
C THR A 59 -6.84 6.97 3.39
N PRO A 60 -7.86 6.96 4.24
CA PRO A 60 -9.21 6.54 3.86
C PRO A 60 -9.65 7.19 2.57
N ASP A 61 -9.25 8.43 2.41
CA ASP A 61 -9.59 9.21 1.22
C ASP A 61 -9.04 8.56 -0.04
N SER A 62 -7.81 8.07 0.07
CA SER A 62 -7.12 7.45 -1.05
C SER A 62 -7.35 5.96 -1.11
N PHE A 63 -8.13 5.44 -0.19
CA PHE A 63 -8.40 4.00 -0.07
C PHE A 63 -8.39 3.20 -1.40
N LYS A 64 -9.47 3.30 -2.19
CA LYS A 64 -9.57 2.52 -3.47
C LYS A 64 -10.56 3.14 -4.46
N ARG A 65 -11.59 2.37 -4.87
CA ARG A 65 -12.58 2.86 -5.84
C ARG A 65 -13.58 3.81 -5.20
N GLU A 66 -13.69 3.74 -3.87
CA GLU A 66 -14.60 4.62 -3.13
C GLU A 66 -13.90 5.95 -2.87
N SER A 67 -12.72 6.11 -3.48
CA SER A 67 -11.90 7.30 -3.34
C SER A 67 -12.59 8.52 -3.98
N ASN A 68 -12.15 8.89 -5.18
CA ASN A 68 -12.71 10.06 -5.86
C ASN A 68 -13.71 9.64 -6.94
N ASN A 69 -13.21 9.04 -8.01
CA ASN A 69 -14.06 8.61 -9.10
C ASN A 69 -14.17 7.08 -9.16
N LYS A 70 -13.05 6.42 -9.39
CA LYS A 70 -13.02 4.97 -9.46
C LYS A 70 -11.70 4.42 -8.92
N LEU A 71 -10.78 5.32 -8.58
CA LEU A 71 -9.49 4.90 -8.07
C LEU A 71 -8.96 5.87 -7.01
N LEU A 72 -7.82 5.51 -6.42
CA LEU A 72 -7.18 6.29 -5.35
C LEU A 72 -6.84 7.71 -5.77
N LYS A 73 -6.35 8.46 -4.81
CA LYS A 73 -5.94 9.83 -5.02
C LYS A 73 -4.60 9.83 -5.76
N GLU A 74 -4.61 10.32 -6.99
CA GLU A 74 -3.41 10.38 -7.82
C GLU A 74 -2.22 11.02 -7.10
N ASN A 75 -2.48 11.98 -6.24
CA ASN A 75 -1.41 12.65 -5.53
C ASN A 75 -1.22 12.08 -4.13
N ALA A 76 -1.69 10.87 -3.94
CA ALA A 76 -1.59 10.21 -2.65
C ALA A 76 -0.87 8.88 -2.77
N VAL A 77 0.13 8.72 -1.93
CA VAL A 77 0.94 7.51 -1.90
C VAL A 77 1.15 7.07 -0.45
N PRO A 78 1.04 5.75 -0.18
CA PRO A 78 1.20 5.16 1.16
C PRO A 78 2.47 5.59 1.88
N THR A 79 2.31 6.56 2.77
CA THR A 79 3.42 7.06 3.55
C THR A 79 3.37 6.48 4.96
N ILE A 80 2.20 5.90 5.29
CA ILE A 80 1.96 5.30 6.59
C ILE A 80 2.67 3.95 6.76
N PHE A 81 3.50 3.59 5.77
CA PHE A 81 4.24 2.32 5.80
C PHE A 81 4.87 2.04 7.16
N LEU A 82 5.51 3.04 7.75
CA LEU A 82 6.16 2.86 9.04
C LEU A 82 6.69 4.18 9.58
N GLU A 83 7.13 4.15 10.84
CA GLU A 83 7.70 5.33 11.49
C GLU A 83 9.06 5.63 10.87
N LEU A 84 9.93 4.62 10.89
CA LEU A 84 11.27 4.74 10.35
C LEU A 84 11.89 3.34 10.27
N VAL A 85 12.02 2.70 11.41
CA VAL A 85 12.58 1.37 11.50
C VAL A 85 11.73 0.49 12.41
N PRO A 86 11.60 -0.81 12.10
CA PRO A 86 10.79 -1.73 12.91
C PRO A 86 11.36 -1.90 14.32
N ARG A 87 10.50 -2.33 15.23
CA ARG A 87 10.90 -2.52 16.62
C ARG A 87 10.84 -4.00 16.98
ZN ZN D . 0.36 -3.47 5.97
#